data_6X8C
# 
_entry.id   6X8C 
# 
_audit_conform.dict_name       mmcif_pdbx.dic 
_audit_conform.dict_version    5.380 
_audit_conform.dict_location   http://mmcif.pdb.org/dictionaries/ascii/mmcif_pdbx.dic 
# 
loop_
_database_2.database_id 
_database_2.database_code 
_database_2.pdbx_database_accession 
_database_2.pdbx_DOI 
PDB   6X8C         pdb_00006x8c 10.2210/pdb6x8c/pdb 
WWPDB D_1000249245 ?            ?                   
# 
_pdbx_database_status.status_code                     REL 
_pdbx_database_status.status_code_sf                  REL 
_pdbx_database_status.status_code_mr                  ? 
_pdbx_database_status.entry_id                        6X8C 
_pdbx_database_status.recvd_initial_deposition_date   2020-06-01 
_pdbx_database_status.SG_entry                        N 
_pdbx_database_status.deposit_site                    RCSB 
_pdbx_database_status.process_site                    RCSB 
_pdbx_database_status.status_code_cs                  ? 
_pdbx_database_status.status_code_nmr_data            ? 
_pdbx_database_status.methods_development_category    ? 
_pdbx_database_status.pdb_format_compatible           Y 
# 
loop_
_audit_author.name 
_audit_author.pdbx_ordinal 
_audit_author.identifier_ORCID 
'Simmons, C.R.'      1 0000-0002-2290-6132 
'MacCulloch, T.'     2 0000-0001-5875-3361 
'Stephanopoulos, N.' 3 0000-0001-7859-410X 
'Yan, H.'            4 0000-0001-7397-9852 
# 
_citation.abstract                  ? 
_citation.abstract_id_CAS           ? 
_citation.book_id_ISBN              ? 
_citation.book_publisher            ? 
_citation.book_publisher_city       ? 
_citation.book_title                ? 
_citation.coordinate_linkage        ? 
_citation.country                   UK 
_citation.database_id_Medline       ? 
_citation.details                   ? 
_citation.id                        primary 
_citation.journal_abbrev            'Nat Commun' 
_citation.journal_id_ASTM           ? 
_citation.journal_id_CSD            ? 
_citation.journal_id_ISSN           2041-1723 
_citation.journal_full              ? 
_citation.journal_issue             ? 
_citation.journal_volume            13 
_citation.language                  ? 
_citation.page_first                3112 
_citation.page_last                 3112 
_citation.title                     'The influence of Holliday junction sequence and dynamics on DNA crystal self-assembly.' 
_citation.year                      2022 
_citation.database_id_CSD           ? 
_citation.pdbx_database_id_DOI      10.1038/s41467-022-30779-6 
_citation.pdbx_database_id_PubMed   35662248 
_citation.unpublished_flag          ? 
# 
loop_
_citation_author.citation_id 
_citation_author.name 
_citation_author.ordinal 
_citation_author.identifier_ORCID 
primary 'Simmons, C.R.'      1  ?                   
primary 'MacCulloch, T.'     2  ?                   
primary 'Krepl, M.'          3  0000-0002-9833-4281 
primary 'Matthies, M.'       4  ?                   
primary 'Buchberger, A.'     5  ?                   
primary 'Crawford, I.'       6  ?                   
primary 'Sponer, J.'         7  0000-0001-6558-6186 
primary 'Sulc, P.'           8  0000-0003-1565-6769 
primary 'Stephanopoulos, N.' 9  0000-0001-7859-410X 
primary 'Yan, H.'            10 0000-0001-7397-9852 
# 
_cell.angle_alpha                  90.000 
_cell.angle_alpha_esd              ? 
_cell.angle_beta                   90.000 
_cell.angle_beta_esd               ? 
_cell.angle_gamma                  120.000 
_cell.angle_gamma_esd              ? 
_cell.entry_id                     6X8C 
_cell.details                      ? 
_cell.formula_units_Z              ? 
_cell.length_a                     67.926 
_cell.length_a_esd                 ? 
_cell.length_b                     67.926 
_cell.length_b_esd                 ? 
_cell.length_c                     59.262 
_cell.length_c_esd                 ? 
_cell.volume                       ? 
_cell.volume_esd                   ? 
_cell.Z_PDB                        6 
_cell.reciprocal_angle_alpha       ? 
_cell.reciprocal_angle_beta        ? 
_cell.reciprocal_angle_gamma       ? 
_cell.reciprocal_angle_alpha_esd   ? 
_cell.reciprocal_angle_beta_esd    ? 
_cell.reciprocal_angle_gamma_esd   ? 
_cell.reciprocal_length_a          ? 
_cell.reciprocal_length_b          ? 
_cell.reciprocal_length_c          ? 
_cell.reciprocal_length_a_esd      ? 
_cell.reciprocal_length_b_esd      ? 
_cell.reciprocal_length_c_esd      ? 
_cell.pdbx_unique_axis             ? 
# 
_symmetry.entry_id                         6X8C 
_symmetry.cell_setting                     ? 
_symmetry.Int_Tables_number                154 
_symmetry.space_group_name_Hall            ? 
_symmetry.space_group_name_H-M             'P 32 2 1' 
_symmetry.pdbx_full_space_group_name_H-M   ? 
# 
loop_
_entity.id 
_entity.type 
_entity.src_method 
_entity.pdbx_description 
_entity.formula_weight 
_entity.pdbx_number_of_molecules 
_entity.pdbx_ec 
_entity.pdbx_mutation 
_entity.pdbx_fragment 
_entity.details 
1 polymer     syn 
;DNA (5'-D(*GP*AP*GP*CP*AP*GP*AP*CP*CP*TP*G)-3')
;
3383.224 1 ? ? ? ? 
2 polymer     syn 
;DNA (5'-D(P*AP*CP*GP*AP*CP*AP*CP*TP*CP*A)-3')
;
2997.996 1 ? ? ? ? 
3 polymer     syn 
;DNA (5'-D(P*CP*AP*CP*GP*T)-3')
;
1480.012 1 ? ? ? ? 
4 polymer     syn 
;DNA (5'-D(*TP*CP*TP*GP*AP*GP*TP*GP*TP*GP*GP*TP*CP*TP*GP*C)-3')
;
4936.186 1 ? ? ? ? 
5 non-polymer syn 'CACODYLATE ION'                                                 136.989  1 ? ? ? ? 
# 
loop_
_entity_poly.entity_id 
_entity_poly.type 
_entity_poly.nstd_linkage 
_entity_poly.nstd_monomer 
_entity_poly.pdbx_seq_one_letter_code 
_entity_poly.pdbx_seq_one_letter_code_can 
_entity_poly.pdbx_strand_id 
_entity_poly.pdbx_target_identifier 
1 polydeoxyribonucleotide no no '(DG)(DA)(DG)(DC)(DA)(DG)(DA)(DC)(DC)(DT)(DG)'                     GAGCAGACCTG      A ? 
2 polydeoxyribonucleotide no no '(DA)(DC)(DG)(DA)(DC)(DA)(DC)(DT)(DC)(DA)'                         ACGACACTCA       B ? 
3 polydeoxyribonucleotide no no '(DC)(DA)(DC)(DG)(DT)'                                             CACGT            C ? 
4 polydeoxyribonucleotide no no '(DT)(DC)(DT)(DG)(DA)(DG)(DT)(DG)(DT)(DG)(DG)(DT)(DC)(DT)(DG)(DC)' TCTGAGTGTGGTCTGC D ? 
# 
loop_
_entity_poly_seq.entity_id 
_entity_poly_seq.num 
_entity_poly_seq.mon_id 
_entity_poly_seq.hetero 
1 1  DG n 
1 2  DA n 
1 3  DG n 
1 4  DC n 
1 5  DA n 
1 6  DG n 
1 7  DA n 
1 8  DC n 
1 9  DC n 
1 10 DT n 
1 11 DG n 
2 1  DA n 
2 2  DC n 
2 3  DG n 
2 4  DA n 
2 5  DC n 
2 6  DA n 
2 7  DC n 
2 8  DT n 
2 9  DC n 
2 10 DA n 
3 1  DC n 
3 2  DA n 
3 3  DC n 
3 4  DG n 
3 5  DT n 
4 1  DT n 
4 2  DC n 
4 3  DT n 
4 4  DG n 
4 5  DA n 
4 6  DG n 
4 7  DT n 
4 8  DG n 
4 9  DT n 
4 10 DG n 
4 11 DG n 
4 12 DT n 
4 13 DC n 
4 14 DT n 
4 15 DG n 
4 16 DC n 
# 
loop_
_pdbx_entity_src_syn.entity_id 
_pdbx_entity_src_syn.pdbx_src_id 
_pdbx_entity_src_syn.pdbx_alt_source_flag 
_pdbx_entity_src_syn.pdbx_beg_seq_num 
_pdbx_entity_src_syn.pdbx_end_seq_num 
_pdbx_entity_src_syn.organism_scientific 
_pdbx_entity_src_syn.organism_common_name 
_pdbx_entity_src_syn.ncbi_taxonomy_id 
_pdbx_entity_src_syn.details 
1 1 sample 1 11 'synthetic construct' ? 32630 ? 
2 1 sample 1 10 'synthetic construct' ? 32630 ? 
3 1 sample 1 5  'synthetic construct' ? 32630 ? 
4 1 sample 1 16 'synthetic construct' ? 32630 ? 
# 
loop_
_struct_ref.id 
_struct_ref.db_name 
_struct_ref.db_code 
_struct_ref.pdbx_db_accession 
_struct_ref.pdbx_db_isoform 
_struct_ref.entity_id 
_struct_ref.pdbx_seq_one_letter_code 
_struct_ref.pdbx_align_begin 
1 PDB 6X8C 6X8C ? 1 ? 1 
2 PDB 6X8C 6X8C ? 2 ? 1 
3 PDB 6X8C 6X8C ? 3 ? 1 
4 PDB 6X8C 6X8C ? 4 ? 1 
# 
loop_
_struct_ref_seq.align_id 
_struct_ref_seq.ref_id 
_struct_ref_seq.pdbx_PDB_id_code 
_struct_ref_seq.pdbx_strand_id 
_struct_ref_seq.seq_align_beg 
_struct_ref_seq.pdbx_seq_align_beg_ins_code 
_struct_ref_seq.seq_align_end 
_struct_ref_seq.pdbx_seq_align_end_ins_code 
_struct_ref_seq.pdbx_db_accession 
_struct_ref_seq.db_align_beg 
_struct_ref_seq.pdbx_db_align_beg_ins_code 
_struct_ref_seq.db_align_end 
_struct_ref_seq.pdbx_db_align_end_ins_code 
_struct_ref_seq.pdbx_auth_seq_align_beg 
_struct_ref_seq.pdbx_auth_seq_align_end 
1 1 6X8C A 1 ? 11 ? 6X8C 1  ? 11 ? 1  11 
2 2 6X8C B 1 ? 10 ? 6X8C 12 ? 21 ? 12 21 
3 3 6X8C C 1 ? 5  ? 6X8C 1  ? 5  ? 1  5  
4 4 6X8C D 1 ? 16 ? 6X8C 1  ? 16 ? 1  16 
# 
loop_
_chem_comp.id 
_chem_comp.type 
_chem_comp.mon_nstd_flag 
_chem_comp.name 
_chem_comp.pdbx_synonyms 
_chem_comp.formula 
_chem_comp.formula_weight 
CAC non-polymer   . 'CACODYLATE ION'                     dimethylarsinate 'C2 H6 As O2 -1'  136.989 
DA  'DNA linking' y "2'-DEOXYADENOSINE-5'-MONOPHOSPHATE" ?                'C10 H14 N5 O6 P' 331.222 
DC  'DNA linking' y "2'-DEOXYCYTIDINE-5'-MONOPHOSPHATE"  ?                'C9 H14 N3 O7 P'  307.197 
DG  'DNA linking' y "2'-DEOXYGUANOSINE-5'-MONOPHOSPHATE" ?                'C10 H14 N5 O7 P' 347.221 
DT  'DNA linking' y "THYMIDINE-5'-MONOPHOSPHATE"         ?                'C10 H15 N2 O8 P' 322.208 
# 
_exptl.absorpt_coefficient_mu     ? 
_exptl.absorpt_correction_T_max   ? 
_exptl.absorpt_correction_T_min   ? 
_exptl.absorpt_correction_type    ? 
_exptl.absorpt_process_details    ? 
_exptl.entry_id                   6X8C 
_exptl.crystals_number            1 
_exptl.details                    ? 
_exptl.method                     'X-RAY DIFFRACTION' 
_exptl.method_details             ? 
# 
_exptl_crystal.colour                      ? 
_exptl_crystal.density_diffrn              ? 
_exptl_crystal.density_Matthews            3.08 
_exptl_crystal.density_method              ? 
_exptl_crystal.density_percent_sol         60.12 
_exptl_crystal.description                 ? 
_exptl_crystal.F_000                       ? 
_exptl_crystal.id                          1 
_exptl_crystal.preparation                 ? 
_exptl_crystal.size_max                    ? 
_exptl_crystal.size_mid                    ? 
_exptl_crystal.size_min                    ? 
_exptl_crystal.size_rad                    ? 
_exptl_crystal.colour_lustre               ? 
_exptl_crystal.colour_modifier             ? 
_exptl_crystal.colour_primary              ? 
_exptl_crystal.density_meas                ? 
_exptl_crystal.density_meas_esd            ? 
_exptl_crystal.density_meas_gt             ? 
_exptl_crystal.density_meas_lt             ? 
_exptl_crystal.density_meas_temp           ? 
_exptl_crystal.density_meas_temp_esd       ? 
_exptl_crystal.density_meas_temp_gt        ? 
_exptl_crystal.density_meas_temp_lt        ? 
_exptl_crystal.pdbx_crystal_image_url      ? 
_exptl_crystal.pdbx_crystal_image_format   ? 
_exptl_crystal.pdbx_mosaicity              ? 
_exptl_crystal.pdbx_mosaicity_esd          ? 
# 
_exptl_crystal_grow.apparatus       ? 
_exptl_crystal_grow.atmosphere      ? 
_exptl_crystal_grow.crystal_id      1 
_exptl_crystal_grow.details         ? 
_exptl_crystal_grow.method          'VAPOR DIFFUSION, SITTING DROP' 
_exptl_crystal_grow.method_ref      ? 
_exptl_crystal_grow.pH              ? 
_exptl_crystal_grow.pressure        ? 
_exptl_crystal_grow.pressure_esd    ? 
_exptl_crystal_grow.seeding         ? 
_exptl_crystal_grow.seeding_ref     ? 
_exptl_crystal_grow.temp            298 
_exptl_crystal_grow.temp_details    'temperature gradient generated from 60 to 25 C at 0.3 degrees per hour' 
_exptl_crystal_grow.temp_esd        ? 
_exptl_crystal_grow.time            ? 
_exptl_crystal_grow.pdbx_details    
;0.5 mL of 50 mM cacodylate pH 6.0, 20 mM MgCl2, 1.0 mM spermine, and 15% ethanol was added to the reservoir with 2 uL added to the drop containing 4 uL of DNA stock
;
_exptl_crystal_grow.pdbx_pH_range   ? 
# 
_diffrn.ambient_environment              ? 
_diffrn.ambient_temp                     100 
_diffrn.ambient_temp_details             ? 
_diffrn.ambient_temp_esd                 ? 
_diffrn.crystal_id                       1 
_diffrn.crystal_support                  ? 
_diffrn.crystal_treatment                ? 
_diffrn.details                          ? 
_diffrn.id                               1 
_diffrn.ambient_pressure                 ? 
_diffrn.ambient_pressure_esd             ? 
_diffrn.ambient_pressure_gt              ? 
_diffrn.ambient_pressure_lt              ? 
_diffrn.ambient_temp_gt                  ? 
_diffrn.ambient_temp_lt                  ? 
_diffrn.pdbx_serial_crystal_experiment   N 
# 
_diffrn_detector.details                      ? 
_diffrn_detector.detector                     CCD 
_diffrn_detector.diffrn_id                    1 
_diffrn_detector.type                         'ADSC QUANTUM 315r' 
_diffrn_detector.area_resol_mean              ? 
_diffrn_detector.dtime                        ? 
_diffrn_detector.pdbx_frames_total            ? 
_diffrn_detector.pdbx_collection_time_total   ? 
_diffrn_detector.pdbx_collection_date         2013-10-16 
_diffrn_detector.pdbx_frequency               ? 
# 
_diffrn_radiation.collimation                      ? 
_diffrn_radiation.diffrn_id                        1 
_diffrn_radiation.filter_edge                      ? 
_diffrn_radiation.inhomogeneity                    ? 
_diffrn_radiation.monochromator                    ? 
_diffrn_radiation.polarisn_norm                    ? 
_diffrn_radiation.polarisn_ratio                   ? 
_diffrn_radiation.probe                            ? 
_diffrn_radiation.type                             ? 
_diffrn_radiation.xray_symbol                      ? 
_diffrn_radiation.wavelength_id                    1 
_diffrn_radiation.pdbx_monochromatic_or_laue_m_l   M 
_diffrn_radiation.pdbx_wavelength_list             ? 
_diffrn_radiation.pdbx_wavelength                  ? 
_diffrn_radiation.pdbx_diffrn_protocol             'SINGLE WAVELENGTH' 
_diffrn_radiation.pdbx_analyzer                    ? 
_diffrn_radiation.pdbx_scattering_type             x-ray 
# 
_diffrn_radiation_wavelength.id           1 
_diffrn_radiation_wavelength.wavelength   1 
_diffrn_radiation_wavelength.wt           1.0 
# 
_diffrn_source.current                     ? 
_diffrn_source.details                     ? 
_diffrn_source.diffrn_id                   1 
_diffrn_source.power                       ? 
_diffrn_source.size                        ? 
_diffrn_source.source                      SYNCHROTRON 
_diffrn_source.target                      ? 
_diffrn_source.type                        'ALS BEAMLINE 8.2.2' 
_diffrn_source.voltage                     ? 
_diffrn_source.take-off_angle              ? 
_diffrn_source.pdbx_wavelength_list        1 
_diffrn_source.pdbx_wavelength             ? 
_diffrn_source.pdbx_synchrotron_beamline   8.2.2 
_diffrn_source.pdbx_synchrotron_site       ALS 
# 
_reflns.B_iso_Wilson_estimate            67.930 
_reflns.entry_id                         6X8C 
_reflns.data_reduction_details           ? 
_reflns.data_reduction_method            ? 
_reflns.d_resolution_high                3.098 
_reflns.d_resolution_low                 30.000 
_reflns.details                          ? 
_reflns.limit_h_max                      ? 
_reflns.limit_h_min                      ? 
_reflns.limit_k_max                      ? 
_reflns.limit_k_min                      ? 
_reflns.limit_l_max                      ? 
_reflns.limit_l_min                      ? 
_reflns.number_all                       ? 
_reflns.number_obs                       3041 
_reflns.observed_criterion               ? 
_reflns.observed_criterion_F_max         ? 
_reflns.observed_criterion_F_min         ? 
_reflns.observed_criterion_I_max         ? 
_reflns.observed_criterion_I_min         ? 
_reflns.observed_criterion_sigma_F       ? 
_reflns.observed_criterion_sigma_I       ? 
_reflns.percent_possible_obs             99.400 
_reflns.R_free_details                   ? 
_reflns.Rmerge_F_all                     ? 
_reflns.Rmerge_F_obs                     ? 
_reflns.Friedel_coverage                 ? 
_reflns.number_gt                        ? 
_reflns.threshold_expression             ? 
_reflns.pdbx_redundancy                  9.800 
_reflns.pdbx_Rmerge_I_obs                0.065 
_reflns.pdbx_Rmerge_I_all                ? 
_reflns.pdbx_Rsym_value                  ? 
_reflns.pdbx_netI_over_av_sigmaI         ? 
_reflns.pdbx_netI_over_sigmaI            12.800 
_reflns.pdbx_res_netI_over_av_sigmaI_2   ? 
_reflns.pdbx_res_netI_over_sigmaI_2      ? 
_reflns.pdbx_chi_squared                 1.907 
_reflns.pdbx_scaling_rejects             ? 
_reflns.pdbx_d_res_high_opt              ? 
_reflns.pdbx_d_res_low_opt               ? 
_reflns.pdbx_d_res_opt_method            ? 
_reflns.phase_calculation_details        ? 
_reflns.pdbx_Rrim_I_all                  ? 
_reflns.pdbx_Rpim_I_all                  ? 
_reflns.pdbx_d_opt                       ? 
_reflns.pdbx_number_measured_all         ? 
_reflns.pdbx_diffrn_id                   1 
_reflns.pdbx_ordinal                     1 
_reflns.pdbx_CC_half                     1.00 
_reflns.pdbx_CC_star                     ? 
_reflns.pdbx_R_split                     ? 
# 
loop_
_reflns_shell.d_res_high 
_reflns_shell.d_res_low 
_reflns_shell.meanI_over_sigI_all 
_reflns_shell.meanI_over_sigI_obs 
_reflns_shell.number_measured_all 
_reflns_shell.number_measured_obs 
_reflns_shell.number_possible 
_reflns_shell.number_unique_all 
_reflns_shell.number_unique_obs 
_reflns_shell.percent_possible_all 
_reflns_shell.percent_possible_obs 
_reflns_shell.Rmerge_F_all 
_reflns_shell.Rmerge_F_obs 
_reflns_shell.Rmerge_I_all 
_reflns_shell.Rmerge_I_obs 
_reflns_shell.meanI_over_sigI_gt 
_reflns_shell.meanI_over_uI_all 
_reflns_shell.meanI_over_uI_gt 
_reflns_shell.number_measured_gt 
_reflns_shell.number_unique_gt 
_reflns_shell.percent_possible_gt 
_reflns_shell.Rmerge_F_gt 
_reflns_shell.Rmerge_I_gt 
_reflns_shell.pdbx_redundancy 
_reflns_shell.pdbx_Rsym_value 
_reflns_shell.pdbx_chi_squared 
_reflns_shell.pdbx_netI_over_sigmaI_all 
_reflns_shell.pdbx_netI_over_sigmaI_obs 
_reflns_shell.pdbx_Rrim_I_all 
_reflns_shell.pdbx_Rpim_I_all 
_reflns_shell.pdbx_rejects 
_reflns_shell.pdbx_ordinal 
_reflns_shell.pdbx_diffrn_id 
_reflns_shell.pdbx_CC_half 
_reflns_shell.pdbx_CC_star 
_reflns_shell.pdbx_R_split 
3.100 3.150  ? ? ? ? ? ? 130 93.500  ? ? ? ? 0.342 ? ? ? ? ? ? ? ? 7.000  ? 0.736 ? ? ? ? ? 1  1 ? ? ? 
3.150 3.210  ? ? ? ? ? ? 148 98.000  ? ? ? ? 0.132 ? ? ? ? ? ? ? ? 7.600  ? 1.112 ? ? ? ? ? 2  1 ? ? ? 
3.210 3.270  ? ? ? ? ? ? 143 98.600  ? ? ? ? 0.116 ? ? ? ? ? ? ? ? 8.500  ? 1.089 ? ? ? ? ? 3  1 ? ? ? 
3.270 3.340  ? ? ? ? ? ? 148 99.300  ? ? ? ? 0.240 ? ? ? ? ? ? ? ? 8.900  ? 0.917 ? ? ? ? ? 4  1 ? ? ? 
3.340 3.410  ? ? ? ? ? ? 144 100.000 ? ? ? ? 0.202 ? ? ? ? ? ? ? ? 10.000 ? 0.873 ? ? ? ? ? 5  1 ? ? ? 
3.410 3.490  ? ? ? ? ? ? 154 100.000 ? ? ? ? 0.218 ? ? ? ? ? ? ? ? 9.900  ? 1.557 ? ? ? ? ? 6  1 ? ? ? 
3.490 3.580  ? ? ? ? ? ? 154 100.000 ? ? ? ? 0.148 ? ? ? ? ? ? ? ? 10.800 ? 0.919 ? ? ? ? ? 7  1 ? ? ? 
3.580 3.670  ? ? ? ? ? ? 145 100.000 ? ? ? ? 0.345 ? ? ? ? ? ? ? ? 10.300 ? 7.433 ? ? ? ? ? 8  1 ? ? ? 
3.670 3.780  ? ? ? ? ? ? 157 100.000 ? ? ? ? 0.187 ? ? ? ? ? ? ? ? 10.800 ? 1.194 ? ? ? ? ? 9  1 ? ? ? 
3.780 3.900  ? ? ? ? ? ? 149 100.000 ? ? ? ? 0.203 ? ? ? ? ? ? ? ? 10.500 ? 2.634 ? ? ? ? ? 10 1 ? ? ? 
3.900 4.040  ? ? ? ? ? ? 145 100.000 ? ? ? ? 0.140 ? ? ? ? ? ? ? ? 10.500 ? 1.071 ? ? ? ? ? 11 1 ? ? ? 
4.040 4.210  ? ? ? ? ? ? 160 100.000 ? ? ? ? 0.112 ? ? ? ? ? ? ? ? 10.500 ? 1.182 ? ? ? ? ? 12 1 ? ? ? 
4.210 4.400  ? ? ? ? ? ? 150 100.000 ? ? ? ? 0.085 ? ? ? ? ? ? ? ? 10.500 ? 1.107 ? ? ? ? ? 13 1 ? ? ? 
4.400 4.630  ? ? ? ? ? ? 151 100.000 ? ? ? ? 0.089 ? ? ? ? ? ? ? ? 10.400 ? 1.085 ? ? ? ? ? 14 1 ? ? ? 
4.630 4.920  ? ? ? ? ? ? 157 100.000 ? ? ? ? 0.074 ? ? ? ? ? ? ? ? 10.300 ? 1.269 ? ? ? ? ? 15 1 ? ? ? 
4.920 5.290  ? ? ? ? ? ? 157 100.000 ? ? ? ? 0.061 ? ? ? ? ? ? ? ? 10.500 ? 1.745 ? ? ? ? ? 16 1 ? ? ? 
5.290 5.820  ? ? ? ? ? ? 147 100.000 ? ? ? ? 0.053 ? ? ? ? ? ? ? ? 10.000 ? 2.258 ? ? ? ? ? 17 1 ? ? ? 
5.820 6.660  ? ? ? ? ? ? 166 100.000 ? ? ? ? 0.058 ? ? ? ? ? ? ? ? 9.900  ? 2.452 ? ? ? ? ? 18 1 ? ? ? 
6.660 8.360  ? ? ? ? ? ? 162 100.000 ? ? ? ? 0.031 ? ? ? ? ? ? ? ? 9.400  ? 2.984 ? ? ? ? ? 19 1 ? ? ? 
8.360 30.000 ? ? ? ? ? ? 174 97.800  ? ? ? ? 0.021 ? ? ? ? ? ? ? ? 9.200  ? 3.789 ? ? ? ? ? 20 1 ? ? ? 
# 
_refine.aniso_B[1][1]                            ? 
_refine.aniso_B[1][2]                            ? 
_refine.aniso_B[1][3]                            ? 
_refine.aniso_B[2][2]                            ? 
_refine.aniso_B[2][3]                            ? 
_refine.aniso_B[3][3]                            ? 
_refine.B_iso_max                                153.070 
_refine.B_iso_mean                               79.8551 
_refine.B_iso_min                                43.600 
_refine.correlation_coeff_Fo_to_Fc               ? 
_refine.correlation_coeff_Fo_to_Fc_free          ? 
_refine.details                                  ? 
_refine.diff_density_max                         ? 
_refine.diff_density_max_esd                     ? 
_refine.diff_density_min                         ? 
_refine.diff_density_min_esd                     ? 
_refine.diff_density_rms                         ? 
_refine.diff_density_rms_esd                     ? 
_refine.entry_id                                 6X8C 
_refine.pdbx_refine_id                           'X-RAY DIFFRACTION' 
_refine.ls_abs_structure_details                 ? 
_refine.ls_abs_structure_Flack                   ? 
_refine.ls_abs_structure_Flack_esd               ? 
_refine.ls_abs_structure_Rogers                  ? 
_refine.ls_abs_structure_Rogers_esd              ? 
_refine.ls_d_res_high                            3.0980 
_refine.ls_d_res_low                             29.4670 
_refine.ls_extinction_coef                       ? 
_refine.ls_extinction_coef_esd                   ? 
_refine.ls_extinction_expression                 ? 
_refine.ls_extinction_method                     ? 
_refine.ls_goodness_of_fit_all                   ? 
_refine.ls_goodness_of_fit_all_esd               ? 
_refine.ls_goodness_of_fit_obs                   ? 
_refine.ls_goodness_of_fit_obs_esd               ? 
_refine.ls_hydrogen_treatment                    ? 
_refine.ls_matrix_type                           ? 
_refine.ls_number_constraints                    ? 
_refine.ls_number_parameters                     ? 
_refine.ls_number_reflns_all                     ? 
_refine.ls_number_reflns_obs                     2812 
_refine.ls_number_reflns_R_free                  286 
_refine.ls_number_reflns_R_work                  2526 
_refine.ls_number_restraints                     ? 
_refine.ls_percent_reflns_obs                    92.2600 
_refine.ls_percent_reflns_R_free                 10.1700 
_refine.ls_R_factor_all                          ? 
_refine.ls_R_factor_obs                          0.2416 
_refine.ls_R_factor_R_free                       0.2671 
_refine.ls_R_factor_R_free_error                 ? 
_refine.ls_R_factor_R_free_error_details         ? 
_refine.ls_R_factor_R_work                       0.2384 
_refine.ls_R_Fsqd_factor_obs                     ? 
_refine.ls_R_I_factor_obs                        ? 
_refine.ls_redundancy_reflns_all                 ? 
_refine.ls_redundancy_reflns_obs                 ? 
_refine.ls_restrained_S_all                      ? 
_refine.ls_restrained_S_obs                      ? 
_refine.ls_shift_over_esd_max                    ? 
_refine.ls_shift_over_esd_mean                   ? 
_refine.ls_structure_factor_coef                 ? 
_refine.ls_weighting_details                     ? 
_refine.ls_weighting_scheme                      ? 
_refine.ls_wR_factor_all                         ? 
_refine.ls_wR_factor_obs                         ? 
_refine.ls_wR_factor_R_free                      ? 
_refine.ls_wR_factor_R_work                      ? 
_refine.occupancy_max                            ? 
_refine.occupancy_min                            ? 
_refine.solvent_model_details                    'FLAT BULK SOLVENT MODEL' 
_refine.solvent_model_param_bsol                 ? 
_refine.solvent_model_param_ksol                 ? 
_refine.pdbx_R_complete                          ? 
_refine.ls_R_factor_gt                           ? 
_refine.ls_goodness_of_fit_gt                    ? 
_refine.ls_goodness_of_fit_ref                   ? 
_refine.ls_shift_over_su_max                     ? 
_refine.ls_shift_over_su_max_lt                  ? 
_refine.ls_shift_over_su_mean                    ? 
_refine.ls_shift_over_su_mean_lt                 ? 
_refine.pdbx_ls_sigma_I                          ? 
_refine.pdbx_ls_sigma_F                          0.080 
_refine.pdbx_ls_sigma_Fsqd                       ? 
_refine.pdbx_data_cutoff_high_absF               ? 
_refine.pdbx_data_cutoff_high_rms_absF           ? 
_refine.pdbx_data_cutoff_low_absF                ? 
_refine.pdbx_isotropic_thermal_model             ? 
_refine.pdbx_ls_cross_valid_method               THROUGHOUT 
_refine.pdbx_method_to_determine_struct          'MOLECULAR REPLACEMENT' 
_refine.pdbx_starting_model                      5kek 
_refine.pdbx_stereochemistry_target_values       ML 
_refine.pdbx_R_Free_selection_details            ? 
_refine.pdbx_stereochem_target_val_spec_case     ? 
_refine.pdbx_overall_ESU_R                       ? 
_refine.pdbx_overall_ESU_R_Free                  ? 
_refine.pdbx_solvent_vdw_probe_radii             1.1100 
_refine.pdbx_solvent_ion_probe_radii             ? 
_refine.pdbx_solvent_shrinkage_radii             0.9000 
_refine.pdbx_real_space_R                        ? 
_refine.pdbx_density_correlation                 ? 
_refine.pdbx_pd_number_of_powder_patterns        ? 
_refine.pdbx_pd_number_of_points                 ? 
_refine.pdbx_pd_meas_number_of_points            ? 
_refine.pdbx_pd_proc_ls_prof_R_factor            ? 
_refine.pdbx_pd_proc_ls_prof_wR_factor           ? 
_refine.pdbx_pd_Marquardt_correlation_coeff      ? 
_refine.pdbx_pd_Fsqrd_R_factor                   ? 
_refine.pdbx_pd_ls_matrix_band_width             ? 
_refine.pdbx_overall_phase_error                 25.3500 
_refine.pdbx_overall_SU_R_free_Cruickshank_DPI   ? 
_refine.pdbx_overall_SU_R_free_Blow_DPI          ? 
_refine.pdbx_overall_SU_R_Blow_DPI               ? 
_refine.pdbx_TLS_residual_ADP_flag               ? 
_refine.pdbx_diffrn_id                           1 
_refine.overall_SU_B                             ? 
_refine.overall_SU_ML                            0.3800 
_refine.overall_SU_R_Cruickshank_DPI             ? 
_refine.overall_SU_R_free                        ? 
_refine.overall_FOM_free_R_set                   ? 
_refine.overall_FOM_work_R_set                   ? 
_refine.pdbx_average_fsc_overall                 ? 
_refine.pdbx_average_fsc_work                    ? 
_refine.pdbx_average_fsc_free                    ? 
# 
_refine_hist.pdbx_refine_id                   'X-RAY DIFFRACTION' 
_refine_hist.cycle_id                         final 
_refine_hist.details                          ? 
_refine_hist.d_res_high                       3.0980 
_refine_hist.d_res_low                        29.4670 
_refine_hist.number_atoms_solvent             0 
_refine_hist.number_atoms_total               856 
_refine_hist.number_reflns_all                ? 
_refine_hist.number_reflns_obs                ? 
_refine_hist.number_reflns_R_free             ? 
_refine_hist.number_reflns_R_work             ? 
_refine_hist.R_factor_all                     ? 
_refine_hist.R_factor_obs                     ? 
_refine_hist.R_factor_R_free                  ? 
_refine_hist.R_factor_R_work                  ? 
_refine_hist.pdbx_number_residues_total       42 
_refine_hist.pdbx_B_iso_mean_ligand           153.07 
_refine_hist.pdbx_B_iso_mean_solvent          ? 
_refine_hist.pdbx_number_atoms_protein        0 
_refine_hist.pdbx_number_atoms_nucleic_acid   855 
_refine_hist.pdbx_number_atoms_ligand         1 
_refine_hist.pdbx_number_atoms_lipid          ? 
_refine_hist.pdbx_number_atoms_carb           ? 
_refine_hist.pdbx_pseudo_atom_details         ? 
# 
loop_
_refine_ls_restr.pdbx_refine_id 
_refine_ls_restr.criterion 
_refine_ls_restr.dev_ideal 
_refine_ls_restr.dev_ideal_target 
_refine_ls_restr.number 
_refine_ls_restr.rejects 
_refine_ls_restr.type 
_refine_ls_restr.weight 
_refine_ls_restr.pdbx_restraint_function 
'X-RAY DIFFRACTION' ? 0.004  ? 956  ? f_bond_d           ? ? 
'X-RAY DIFFRACTION' ? 0.604  ? 1467 ? f_angle_d          ? ? 
'X-RAY DIFFRACTION' ? 0.029  ? 166  ? f_chiral_restr     ? ? 
'X-RAY DIFFRACTION' ? 0.003  ? 42   ? f_plane_restr      ? ? 
'X-RAY DIFFRACTION' ? 36.074 ? 406  ? f_dihedral_angle_d ? ? 
# 
loop_
_refine_ls_shell.pdbx_refine_id 
_refine_ls_shell.d_res_high 
_refine_ls_shell.d_res_low 
_refine_ls_shell.number_reflns_all 
_refine_ls_shell.number_reflns_obs 
_refine_ls_shell.number_reflns_R_free 
_refine_ls_shell.number_reflns_R_work 
_refine_ls_shell.percent_reflns_obs 
_refine_ls_shell.percent_reflns_R_free 
_refine_ls_shell.R_factor_all 
_refine_ls_shell.R_factor_obs 
_refine_ls_shell.R_factor_R_free 
_refine_ls_shell.R_factor_R_free_error 
_refine_ls_shell.R_factor_R_work 
_refine_ls_shell.redundancy_reflns_all 
_refine_ls_shell.redundancy_reflns_obs 
_refine_ls_shell.wR_factor_all 
_refine_ls_shell.wR_factor_obs 
_refine_ls_shell.wR_factor_R_free 
_refine_ls_shell.wR_factor_R_work 
_refine_ls_shell.pdbx_R_complete 
_refine_ls_shell.pdbx_total_number_of_bins_used 
_refine_ls_shell.pdbx_phase_error 
_refine_ls_shell.pdbx_fsc_work 
_refine_ls_shell.pdbx_fsc_free 
'X-RAY DIFFRACTION' 3.0984 3.9022  . . 125 1145 86.0000 . . . 0.3513 0.0000 0.2881 . . . . . . . . . . . 
'X-RAY DIFFRACTION' 3.9022 29.4670 . . 161 1381 99.0000 . . . 0.2441 0.0000 0.2226 . . . . . . . . . . . 
# 
_struct.entry_id                     6X8C 
_struct.title                        
'Self-assembly of a 3D DNA crystal lattice (4x5 junction version) containing the J1 immobile Holliday junction' 
_struct.pdbx_model_details           ? 
_struct.pdbx_formula_weight          ? 
_struct.pdbx_formula_weight_method   ? 
_struct.pdbx_model_type_details      ? 
_struct.pdbx_CASP_flag               N 
# 
_struct_keywords.entry_id        6X8C 
_struct_keywords.text            
'Structural DNA nanotechnology, immobile Holliday junctions, 3D DNA self-assembly, designer DNA crystals, DNA' 
_struct_keywords.pdbx_keywords   DNA 
# 
loop_
_struct_asym.id 
_struct_asym.pdbx_blank_PDB_chainid_flag 
_struct_asym.pdbx_modified 
_struct_asym.entity_id 
_struct_asym.details 
A N N 1 ? 
B N N 2 ? 
C N N 3 ? 
D N N 4 ? 
E N N 5 ? 
# 
loop_
_struct_conn.id 
_struct_conn.conn_type_id 
_struct_conn.pdbx_leaving_atom_flag 
_struct_conn.pdbx_PDB_id 
_struct_conn.ptnr1_label_asym_id 
_struct_conn.ptnr1_label_comp_id 
_struct_conn.ptnr1_label_seq_id 
_struct_conn.ptnr1_label_atom_id 
_struct_conn.pdbx_ptnr1_label_alt_id 
_struct_conn.pdbx_ptnr1_PDB_ins_code 
_struct_conn.pdbx_ptnr1_standard_comp_id 
_struct_conn.ptnr1_symmetry 
_struct_conn.ptnr2_label_asym_id 
_struct_conn.ptnr2_label_comp_id 
_struct_conn.ptnr2_label_seq_id 
_struct_conn.ptnr2_label_atom_id 
_struct_conn.pdbx_ptnr2_label_alt_id 
_struct_conn.pdbx_ptnr2_PDB_ins_code 
_struct_conn.ptnr1_auth_asym_id 
_struct_conn.ptnr1_auth_comp_id 
_struct_conn.ptnr1_auth_seq_id 
_struct_conn.ptnr2_auth_asym_id 
_struct_conn.ptnr2_auth_comp_id 
_struct_conn.ptnr2_auth_seq_id 
_struct_conn.ptnr2_symmetry 
_struct_conn.pdbx_ptnr3_label_atom_id 
_struct_conn.pdbx_ptnr3_label_seq_id 
_struct_conn.pdbx_ptnr3_label_comp_id 
_struct_conn.pdbx_ptnr3_label_asym_id 
_struct_conn.pdbx_ptnr3_label_alt_id 
_struct_conn.pdbx_ptnr3_PDB_ins_code 
_struct_conn.details 
_struct_conn.pdbx_dist_value 
_struct_conn.pdbx_value_order 
_struct_conn.pdbx_role 
hydrog1  hydrog ? ? A DG 3  N1 ? ? ? 1_555 D DC 16 N3 ? ? A DG 3  D DC 16 1_555 ? ? ? ? ? ? WATSON-CRICK ? ? ? 
hydrog2  hydrog ? ? A DG 3  N2 ? ? ? 1_555 D DC 16 O2 ? ? A DG 3  D DC 16 1_555 ? ? ? ? ? ? WATSON-CRICK ? ? ? 
hydrog3  hydrog ? ? A DG 3  O6 ? ? ? 1_555 D DC 16 N4 ? ? A DG 3  D DC 16 1_555 ? ? ? ? ? ? WATSON-CRICK ? ? ? 
hydrog4  hydrog ? ? A DC 4  N3 ? ? ? 1_555 D DG 15 N2 ? ? A DC 4  D DG 15 1_555 ? ? ? ? ? ? 'DC-DG PAIR' ? ? ? 
hydrog5  hydrog ? ? A DA 5  N1 ? ? ? 1_555 D DT 14 N3 ? ? A DA 5  D DT 14 1_555 ? ? ? ? ? ? WATSON-CRICK ? ? ? 
hydrog6  hydrog ? ? A DA 5  N6 ? ? ? 1_555 D DT 14 O4 ? ? A DA 5  D DT 14 1_555 ? ? ? ? ? ? WATSON-CRICK ? ? ? 
hydrog7  hydrog ? ? A DG 6  N1 ? ? ? 1_555 D DC 13 N3 ? ? A DG 6  D DC 13 1_555 ? ? ? ? ? ? WATSON-CRICK ? ? ? 
hydrog8  hydrog ? ? A DG 6  N2 ? ? ? 1_555 D DC 13 O2 ? ? A DG 6  D DC 13 1_555 ? ? ? ? ? ? WATSON-CRICK ? ? ? 
hydrog9  hydrog ? ? A DG 6  O6 ? ? ? 1_555 D DC 13 N4 ? ? A DG 6  D DC 13 1_555 ? ? ? ? ? ? WATSON-CRICK ? ? ? 
hydrog10 hydrog ? ? A DA 7  N1 ? ? ? 1_555 D DT 12 N3 ? ? A DA 7  D DT 12 1_555 ? ? ? ? ? ? WATSON-CRICK ? ? ? 
hydrog11 hydrog ? ? A DA 7  N6 ? ? ? 1_555 D DT 12 O4 ? ? A DA 7  D DT 12 1_555 ? ? ? ? ? ? WATSON-CRICK ? ? ? 
hydrog12 hydrog ? ? A DC 8  N3 ? ? ? 1_555 D DG 11 N1 ? ? A DC 8  D DG 11 1_555 ? ? ? ? ? ? WATSON-CRICK ? ? ? 
hydrog13 hydrog ? ? A DC 8  N4 ? ? ? 1_555 D DG 11 O6 ? ? A DC 8  D DG 11 1_555 ? ? ? ? ? ? WATSON-CRICK ? ? ? 
hydrog14 hydrog ? ? A DC 8  O2 ? ? ? 1_555 D DG 11 N2 ? ? A DC 8  D DG 11 1_555 ? ? ? ? ? ? WATSON-CRICK ? ? ? 
hydrog15 hydrog ? ? A DC 9  N3 ? ? ? 1_555 D DG 10 N1 ? ? A DC 9  D DG 10 1_555 ? ? ? ? ? ? WATSON-CRICK ? ? ? 
hydrog16 hydrog ? ? A DC 9  N4 ? ? ? 1_555 D DG 10 O6 ? ? A DC 9  D DG 10 1_555 ? ? ? ? ? ? WATSON-CRICK ? ? ? 
hydrog17 hydrog ? ? A DC 9  O2 ? ? ? 1_555 D DG 10 N2 ? ? A DC 9  D DG 10 1_555 ? ? ? ? ? ? WATSON-CRICK ? ? ? 
hydrog18 hydrog ? ? A DT 10 N3 ? ? ? 1_555 C DA 2  N1 ? ? A DT 10 C DA 2  1_555 ? ? ? ? ? ? WATSON-CRICK ? ? ? 
hydrog19 hydrog ? ? A DT 10 O4 ? ? ? 1_555 C DA 2  N6 ? ? A DT 10 C DA 2  1_555 ? ? ? ? ? ? WATSON-CRICK ? ? ? 
hydrog20 hydrog ? ? A DG 11 N1 ? ? ? 1_555 C DC 1  N3 ? ? A DG 11 C DC 1  1_555 ? ? ? ? ? ? WATSON-CRICK ? ? ? 
hydrog21 hydrog ? ? A DG 11 N2 ? ? ? 1_555 C DC 1  O2 ? ? A DG 11 C DC 1  1_555 ? ? ? ? ? ? WATSON-CRICK ? ? ? 
hydrog22 hydrog ? ? A DG 11 O6 ? ? ? 1_555 C DC 1  N4 ? ? A DG 11 C DC 1  1_555 ? ? ? ? ? ? WATSON-CRICK ? ? ? 
hydrog23 hydrog ? ? B DA 1  N1 ? ? ? 1_555 C DT 5  N3 ? ? B DA 12 C DT 5  1_555 ? ? ? ? ? ? WATSON-CRICK ? ? ? 
hydrog24 hydrog ? ? B DA 1  N6 ? ? ? 1_555 C DT 5  O4 ? ? B DA 12 C DT 5  1_555 ? ? ? ? ? ? WATSON-CRICK ? ? ? 
hydrog25 hydrog ? ? B DC 2  N3 ? ? ? 1_555 C DG 4  N1 ? ? B DC 13 C DG 4  1_555 ? ? ? ? ? ? WATSON-CRICK ? ? ? 
hydrog26 hydrog ? ? B DC 2  N4 ? ? ? 1_555 C DG 4  O6 ? ? B DC 13 C DG 4  1_555 ? ? ? ? ? ? WATSON-CRICK ? ? ? 
hydrog27 hydrog ? ? B DC 2  O2 ? ? ? 1_555 C DG 4  N2 ? ? B DC 13 C DG 4  1_555 ? ? ? ? ? ? WATSON-CRICK ? ? ? 
hydrog28 hydrog ? ? B DG 3  N1 ? ? ? 1_555 C DC 3  N3 ? ? B DG 14 C DC 3  1_555 ? ? ? ? ? ? WATSON-CRICK ? ? ? 
hydrog29 hydrog ? ? B DG 3  N2 ? ? ? 1_555 C DC 3  O2 ? ? B DG 14 C DC 3  1_555 ? ? ? ? ? ? WATSON-CRICK ? ? ? 
hydrog30 hydrog ? ? B DG 3  O6 ? ? ? 1_555 C DC 3  N4 ? ? B DG 14 C DC 3  1_555 ? ? ? ? ? ? WATSON-CRICK ? ? ? 
hydrog31 hydrog ? ? B DA 4  N1 ? ? ? 1_555 D DT 9  N3 ? ? B DA 15 D DT 9  1_555 ? ? ? ? ? ? WATSON-CRICK ? ? ? 
hydrog32 hydrog ? ? B DA 4  N6 ? ? ? 1_555 D DT 9  O4 ? ? B DA 15 D DT 9  1_555 ? ? ? ? ? ? WATSON-CRICK ? ? ? 
hydrog33 hydrog ? ? B DC 5  N3 ? ? ? 1_555 D DG 8  N1 ? ? B DC 16 D DG 8  1_555 ? ? ? ? ? ? WATSON-CRICK ? ? ? 
hydrog34 hydrog ? ? B DC 5  N4 ? ? ? 1_555 D DG 8  O6 ? ? B DC 16 D DG 8  1_555 ? ? ? ? ? ? WATSON-CRICK ? ? ? 
hydrog35 hydrog ? ? B DC 5  O2 ? ? ? 1_555 D DG 8  N2 ? ? B DC 16 D DG 8  1_555 ? ? ? ? ? ? WATSON-CRICK ? ? ? 
hydrog36 hydrog ? ? B DA 6  N1 ? ? ? 1_555 D DT 7  N3 ? ? B DA 17 D DT 7  1_555 ? ? ? ? ? ? WATSON-CRICK ? ? ? 
hydrog37 hydrog ? ? B DA 6  N6 ? ? ? 1_555 D DT 7  O4 ? ? B DA 17 D DT 7  1_555 ? ? ? ? ? ? WATSON-CRICK ? ? ? 
hydrog38 hydrog ? ? B DC 7  N3 ? ? ? 1_555 D DG 6  N1 ? ? B DC 18 D DG 6  1_555 ? ? ? ? ? ? WATSON-CRICK ? ? ? 
hydrog39 hydrog ? ? B DC 7  N4 ? ? ? 1_555 D DG 6  O6 ? ? B DC 18 D DG 6  1_555 ? ? ? ? ? ? WATSON-CRICK ? ? ? 
hydrog40 hydrog ? ? B DC 7  O2 ? ? ? 1_555 D DG 6  N2 ? ? B DC 18 D DG 6  1_555 ? ? ? ? ? ? WATSON-CRICK ? ? ? 
hydrog41 hydrog ? ? B DT 8  N3 ? ? ? 1_555 D DA 5  N1 ? ? B DT 19 D DA 5  1_555 ? ? ? ? ? ? WATSON-CRICK ? ? ? 
hydrog42 hydrog ? ? B DT 8  O4 ? ? ? 1_555 D DA 5  N6 ? ? B DT 19 D DA 5  1_555 ? ? ? ? ? ? WATSON-CRICK ? ? ? 
hydrog43 hydrog ? ? B DC 9  N3 ? ? ? 1_555 D DG 4  N1 ? ? B DC 20 D DG 4  1_555 ? ? ? ? ? ? WATSON-CRICK ? ? ? 
hydrog44 hydrog ? ? B DC 9  N4 ? ? ? 1_555 D DG 4  O6 ? ? B DC 20 D DG 4  1_555 ? ? ? ? ? ? WATSON-CRICK ? ? ? 
hydrog45 hydrog ? ? B DC 9  O2 ? ? ? 1_555 D DG 4  N2 ? ? B DC 20 D DG 4  1_555 ? ? ? ? ? ? WATSON-CRICK ? ? ? 
hydrog46 hydrog ? ? B DA 10 N1 ? ? ? 1_555 D DT 3  N3 ? ? B DA 21 D DT 3  1_555 ? ? ? ? ? ? WATSON-CRICK ? ? ? 
hydrog47 hydrog ? ? B DA 10 N6 ? ? ? 1_555 D DT 3  O4 ? ? B DA 21 D DT 3  1_555 ? ? ? ? ? ? WATSON-CRICK ? ? ? 
# 
_struct_conn_type.id          hydrog 
_struct_conn_type.criteria    ? 
_struct_conn_type.reference   ? 
# 
_struct_site.id                   AC1 
_struct_site.pdbx_evidence_code   Software 
_struct_site.pdbx_auth_asym_id    D 
_struct_site.pdbx_auth_comp_id    CAC 
_struct_site.pdbx_auth_seq_id     101 
_struct_site.pdbx_auth_ins_code   ? 
_struct_site.pdbx_num_residues    1 
_struct_site.details              'binding site for residue CAC D 101' 
# 
_struct_site_gen.id                   1 
_struct_site_gen.site_id              AC1 
_struct_site_gen.pdbx_num_res         1 
_struct_site_gen.label_comp_id        DG 
_struct_site_gen.label_asym_id        D 
_struct_site_gen.label_seq_id         10 
_struct_site_gen.pdbx_auth_ins_code   ? 
_struct_site_gen.auth_comp_id         DG 
_struct_site_gen.auth_asym_id         D 
_struct_site_gen.auth_seq_id          10 
_struct_site_gen.label_atom_id        . 
_struct_site_gen.label_alt_id         ? 
_struct_site_gen.symmetry             1_555 
_struct_site_gen.details              ? 
# 
_atom_sites.entry_id                    6X8C 
_atom_sites.Cartn_transf_matrix[1][1]   ? 
_atom_sites.Cartn_transf_matrix[1][2]   ? 
_atom_sites.Cartn_transf_matrix[1][3]   ? 
_atom_sites.Cartn_transf_matrix[2][1]   ? 
_atom_sites.Cartn_transf_matrix[2][2]   ? 
_atom_sites.Cartn_transf_matrix[2][3]   ? 
_atom_sites.Cartn_transf_matrix[3][1]   ? 
_atom_sites.Cartn_transf_matrix[3][2]   ? 
_atom_sites.Cartn_transf_matrix[3][3]   ? 
_atom_sites.Cartn_transf_vector[1]      ? 
_atom_sites.Cartn_transf_vector[2]      ? 
_atom_sites.Cartn_transf_vector[3]      ? 
_atom_sites.fract_transf_matrix[1][1]   -0.00962312 
_atom_sites.fract_transf_matrix[1][2]   0.01216037 
_atom_sites.fract_transf_matrix[1][3]   0.00696478 
_atom_sites.fract_transf_matrix[2][1]   -0.01687612 
_atom_sites.fract_transf_matrix[2][2]   -0.00189940 
_atom_sites.fract_transf_matrix[2][3]   0.00074488 
_atom_sites.fract_transf_matrix[3][1]   0.00150272 
_atom_sites.fract_transf_matrix[3][2]   -0.00744184 
_atom_sites.fract_transf_matrix[3][3]   0.01506960 
_atom_sites.fract_transf_vector[1]      1.190893 
_atom_sites.fract_transf_vector[2]      0.808818 
_atom_sites.fract_transf_vector[3]      1.483362 
_atom_sites.solution_primary            ? 
_atom_sites.solution_secondary          ? 
_atom_sites.solution_hydrogens          ? 
_atom_sites.special_details             ? 
# 
loop_
_atom_type.symbol 
AS 
C  
N  
O  
P  
# 
loop_
_atom_site.group_PDB 
_atom_site.id 
_atom_site.type_symbol 
_atom_site.label_atom_id 
_atom_site.label_alt_id 
_atom_site.label_comp_id 
_atom_site.label_asym_id 
_atom_site.label_entity_id 
_atom_site.label_seq_id 
_atom_site.pdbx_PDB_ins_code 
_atom_site.Cartn_x 
_atom_site.Cartn_y 
_atom_site.Cartn_z 
_atom_site.occupancy 
_atom_site.B_iso_or_equiv 
_atom_site.pdbx_formal_charge 
_atom_site.auth_seq_id 
_atom_site.auth_comp_id 
_atom_site.auth_asym_id 
_atom_site.auth_atom_id 
_atom_site.pdbx_PDB_model_num 
ATOM   1   O  "O5'" . DG  A 1 1  ? 16.192  -19.393 2.933   1.00 99.14  ? 1   DG  A "O5'" 1 
ATOM   2   C  "C5'" . DG  A 1 1  ? 15.540  -20.654 3.030   1.00 91.20  ? 1   DG  A "C5'" 1 
ATOM   3   C  "C4'" . DG  A 1 1  ? 14.937  -21.055 1.696   1.00 90.53  ? 1   DG  A "C4'" 1 
ATOM   4   O  "O4'" . DG  A 1 1  ? 14.168  -22.262 1.865   1.00 84.76  ? 1   DG  A "O4'" 1 
ATOM   5   C  "C3'" . DG  A 1 1  ? 13.961  -20.049 1.113   1.00 93.97  ? 1   DG  A "C3'" 1 
ATOM   6   O  "O3'" . DG  A 1 1  ? 14.664  -19.096 0.320   1.00 98.61  ? 1   DG  A "O3'" 1 
ATOM   7   C  "C2'" . DG  A 1 1  ? 13.048  -20.917 0.248   1.00 88.72  ? 1   DG  A "C2'" 1 
ATOM   8   C  "C1'" . DG  A 1 1  ? 13.115  -22.292 0.920   1.00 84.83  ? 1   DG  A "C1'" 1 
ATOM   9   N  N9    . DG  A 1 1  ? 11.884  -22.688 1.606   1.00 79.96  ? 1   DG  A N9    1 
ATOM   10  C  C8    . DG  A 1 1  ? 11.776  -23.182 2.882   1.00 86.01  ? 1   DG  A C8    1 
ATOM   11  N  N7    . DG  A 1 1  ? 10.551  -23.462 3.229   1.00 82.19  ? 1   DG  A N7    1 
ATOM   12  C  C5    . DG  A 1 1  ? 9.796   -23.134 2.114   1.00 78.59  ? 1   DG  A C5    1 
ATOM   13  C  C6    . DG  A 1 1  ? 8.399   -23.222 1.899   1.00 81.49  ? 1   DG  A C6    1 
ATOM   14  O  O6    . DG  A 1 1  ? 7.528   -23.622 2.684   1.00 82.78  ? 1   DG  A O6    1 
ATOM   15  N  N1    . DG  A 1 1  ? 8.041   -22.788 0.624   1.00 83.63  ? 1   DG  A N1    1 
ATOM   16  C  C2    . DG  A 1 1  ? 8.924   -22.326 -0.324  1.00 87.85  ? 1   DG  A C2    1 
ATOM   17  N  N2    . DG  A 1 1  ? 8.395   -21.949 -1.495  1.00 85.96  ? 1   DG  A N2    1 
ATOM   18  N  N3    . DG  A 1 1  ? 10.234  -22.239 -0.136  1.00 82.63  ? 1   DG  A N3    1 
ATOM   19  C  C4    . DG  A 1 1  ? 10.599  -22.656 1.098   1.00 77.85  ? 1   DG  A C4    1 
ATOM   20  P  P     . DA  A 1 2  ? 14.338  -17.528 0.454   1.00 116.16 ? 2   DA  A P     1 
ATOM   21  O  OP1   . DA  A 1 2  ? 15.623  -16.832 0.687   1.00 117.10 ? 2   DA  A OP1   1 
ATOM   22  O  OP2   . DA  A 1 2  ? 13.235  -17.372 1.427   1.00 103.32 ? 2   DA  A OP2   1 
ATOM   23  O  "O5'" . DA  A 1 2  ? 13.785  -17.113 -0.990  1.00 100.01 ? 2   DA  A "O5'" 1 
ATOM   24  C  "C5'" . DA  A 1 2  ? 13.364  -18.113 -1.912  1.00 99.74  ? 2   DA  A "C5'" 1 
ATOM   25  C  "C4'" . DA  A 1 2  ? 11.891  -17.955 -2.246  1.00 98.76  ? 2   DA  A "C4'" 1 
ATOM   26  O  "O4'" . DA  A 1 2  ? 11.096  -18.802 -1.374  1.00 97.92  ? 2   DA  A "O4'" 1 
ATOM   27  C  "C3'" . DA  A 1 2  ? 11.339  -16.537 -2.085  1.00 91.61  ? 2   DA  A "C3'" 1 
ATOM   28  O  "O3'" . DA  A 1 2  ? 10.506  -16.213 -3.189  1.00 95.27  ? 2   DA  A "O3'" 1 
ATOM   29  C  "C2'" . DA  A 1 2  ? 10.540  -16.619 -0.785  1.00 89.67  ? 2   DA  A "C2'" 1 
ATOM   30  C  "C1'" . DA  A 1 2  ? 10.037  -18.050 -0.832  1.00 91.52  ? 2   DA  A "C1'" 1 
ATOM   31  N  N9    . DA  A 1 2  ? 9.707   -18.593 0.481   1.00 86.59  ? 2   DA  A N9    1 
ATOM   32  C  C8    . DA  A 1 2  ? 10.566  -18.813 1.519   1.00 88.93  ? 2   DA  A C8    1 
ATOM   33  N  N7    . DA  A 1 2  ? 9.989   -19.313 2.586   1.00 89.17  ? 2   DA  A N7    1 
ATOM   34  C  C5    . DA  A 1 2  ? 8.659   -19.428 2.221   1.00 80.83  ? 2   DA  A C5    1 
ATOM   35  C  C6    . DA  A 1 2  ? 7.522   -19.894 2.909   1.00 82.33  ? 2   DA  A C6    1 
ATOM   36  N  N6    . DA  A 1 2  ? 7.560   -20.349 4.166   1.00 79.67  ? 2   DA  A N6    1 
ATOM   37  N  N1    . DA  A 1 2  ? 6.343   -19.875 2.255   1.00 83.54  ? 2   DA  A N1    1 
ATOM   38  C  C2    . DA  A 1 2  ? 6.311   -19.421 0.996   1.00 85.57  ? 2   DA  A C2    1 
ATOM   39  N  N3    . DA  A 1 2  ? 7.310   -18.957 0.247   1.00 85.42  ? 2   DA  A N3    1 
ATOM   40  C  C4    . DA  A 1 2  ? 8.467   -18.988 0.924   1.00 81.39  ? 2   DA  A C4    1 
ATOM   41  P  P     . DG  A 1 3  ? 9.804   -14.771 -3.278  1.00 97.05  ? 3   DG  A P     1 
ATOM   42  O  OP1   . DG  A 1 3  ? 9.683   -14.414 -4.709  1.00 101.78 ? 3   DG  A OP1   1 
ATOM   43  O  OP2   . DG  A 1 3  ? 10.509  -13.862 -2.349  1.00 105.40 ? 3   DG  A OP2   1 
ATOM   44  O  "O5'" . DG  A 1 3  ? 8.340   -15.024 -2.699  1.00 78.95  ? 3   DG  A "O5'" 1 
ATOM   45  C  "C5'" . DG  A 1 3  ? 7.393   -15.755 -3.461  1.00 78.27  ? 3   DG  A "C5'" 1 
ATOM   46  C  "C4'" . DG  A 1 3  ? 6.007   -15.614 -2.863  1.00 81.31  ? 3   DG  A "C4'" 1 
ATOM   47  O  "O4'" . DG  A 1 3  ? 5.948   -16.340 -1.604  1.00 89.79  ? 3   DG  A "O4'" 1 
ATOM   48  C  "C3'" . DG  A 1 3  ? 5.586   -14.176 -2.540  1.00 81.40  ? 3   DG  A "C3'" 1 
ATOM   49  O  "O3'" . DG  A 1 3  ? 4.203   -13.991 -2.843  1.00 86.98  ? 3   DG  A "O3'" 1 
ATOM   50  C  "C2'" . DG  A 1 3  ? 5.846   -14.086 -1.040  1.00 91.72  ? 3   DG  A "C2'" 1 
ATOM   51  C  "C1'" . DG  A 1 3  ? 5.451   -15.485 -0.601  1.00 85.30  ? 3   DG  A "C1'" 1 
ATOM   52  N  N9    . DG  A 1 3  ? 6.018   -15.878 0.686   1.00 79.36  ? 3   DG  A N9    1 
ATOM   53  C  C8    . DG  A 1 3  ? 7.335   -15.800 1.070   1.00 84.82  ? 3   DG  A C8    1 
ATOM   54  N  N7    . DG  A 1 3  ? 7.547   -16.219 2.287   1.00 81.89  ? 3   DG  A N7    1 
ATOM   55  C  C5    . DG  A 1 3  ? 6.291   -16.599 2.740   1.00 76.77  ? 3   DG  A C5    1 
ATOM   56  C  C6    . DG  A 1 3  ? 5.896   -17.136 3.989   1.00 80.85  ? 3   DG  A C6    1 
ATOM   57  O  O6    . DG  A 1 3  ? 6.603   -17.385 4.974   1.00 81.43  ? 3   DG  A O6    1 
ATOM   58  N  N1    . DG  A 1 3  ? 4.527   -17.382 4.034   1.00 81.94  ? 3   DG  A N1    1 
ATOM   59  C  C2    . DG  A 1 3  ? 3.649   -17.143 3.003   1.00 78.90  ? 3   DG  A C2    1 
ATOM   60  N  N2    . DG  A 1 3  ? 2.361   -17.445 3.235   1.00 78.11  ? 3   DG  A N2    1 
ATOM   61  N  N3    . DG  A 1 3  ? 4.006   -16.641 1.826   1.00 73.11  ? 3   DG  A N3    1 
ATOM   62  C  C4    . DG  A 1 3  ? 5.338   -16.396 1.766   1.00 74.78  ? 3   DG  A C4    1 
ATOM   63  P  P     . DC  A 1 4  ? 3.566   -12.514 -2.891  1.00 110.47 ? 4   DC  A P     1 
ATOM   64  O  OP1   . DC  A 1 4  ? 4.104   -11.839 -4.093  1.00 106.69 ? 4   DC  A OP1   1 
ATOM   65  O  OP2   . DC  A 1 4  ? 3.719   -11.888 -1.560  1.00 104.43 ? 4   DC  A OP2   1 
ATOM   66  O  "O5'" . DC  A 1 4  ? 2.003   -12.779 -3.103  1.00 91.13  ? 4   DC  A "O5'" 1 
ATOM   67  C  "C5'" . DC  A 1 4  ? 1.421   -13.990 -2.641  1.00 84.87  ? 4   DC  A "C5'" 1 
ATOM   68  C  "C4'" . DC  A 1 4  ? 0.615   -13.766 -1.374  1.00 86.40  ? 4   DC  A "C4'" 1 
ATOM   69  O  "O4'" . DC  A 1 4  ? 1.353   -14.234 -0.220  1.00 90.90  ? 4   DC  A "O4'" 1 
ATOM   70  C  "C3'" . DC  A 1 4  ? 0.230   -12.314 -1.081  1.00 89.84  ? 4   DC  A "C3'" 1 
ATOM   71  O  "O3'" . DC  A 1 4  ? -1.177  -12.245 -0.898  1.00 96.05  ? 4   DC  A "O3'" 1 
ATOM   72  C  "C2'" . DC  A 1 4  ? 1.000   -11.978 0.208   1.00 91.71  ? 4   DC  A "C2'" 1 
ATOM   73  C  "C1'" . DC  A 1 4  ? 1.142   -13.346 0.851   1.00 92.08  ? 4   DC  A "C1'" 1 
ATOM   74  N  N1    . DC  A 1 4  ? 2.303   -13.477 1.785   1.00 83.49  ? 4   DC  A N1    1 
ATOM   75  C  C2    . DC  A 1 4  ? 2.106   -13.990 3.074   1.00 78.67  ? 4   DC  A C2    1 
ATOM   76  O  O2    . DC  A 1 4  ? 0.964   -14.303 3.432   1.00 83.41  ? 4   DC  A O2    1 
ATOM   77  N  N3    . DC  A 1 4  ? 3.176   -14.124 3.898   1.00 75.89  ? 4   DC  A N3    1 
ATOM   78  C  C4    . DC  A 1 4  ? 4.393   -13.776 3.474   1.00 78.32  ? 4   DC  A C4    1 
ATOM   79  N  N4    . DC  A 1 4  ? 5.417   -13.926 4.322   1.00 76.43  ? 4   DC  A N4    1 
ATOM   80  C  C5    . DC  A 1 4  ? 4.612   -13.259 2.165   1.00 80.80  ? 4   DC  A C5    1 
ATOM   81  C  C6    . DC  A 1 4  ? 3.551   -13.133 1.361   1.00 83.19  ? 4   DC  A C6    1 
ATOM   82  P  P     . DA  A 1 5  ? -1.894  -10.865 -0.497  1.00 112.61 ? 5   DA  A P     1 
ATOM   83  O  OP1   . DA  A 1 5  ? -3.200  -10.839 -1.192  1.00 113.97 ? 5   DA  A OP1   1 
ATOM   84  O  OP2   . DA  A 1 5  ? -0.935  -9.754  -0.681  1.00 105.86 ? 5   DA  A OP2   1 
ATOM   85  O  "O5'" . DA  A 1 5  ? -2.180  -11.036 1.064   1.00 95.91  ? 5   DA  A "O5'" 1 
ATOM   86  C  "C5'" . DA  A 1 5  ? -3.114  -12.013 1.505   1.00 85.49  ? 5   DA  A "C5'" 1 
ATOM   87  C  "C4'" . DA  A 1 5  ? -3.542  -11.743 2.936   1.00 94.40  ? 5   DA  A "C4'" 1 
ATOM   88  O  "O4'" . DA  A 1 5  ? -2.434  -12.004 3.831   1.00 95.34  ? 5   DA  A "O4'" 1 
ATOM   89  C  "C3'" . DA  A 1 5  ? -3.992  -10.314 3.218   1.00 91.42  ? 5   DA  A "C3'" 1 
ATOM   90  O  "O3'" . DA  A 1 5  ? -5.061  -10.313 4.155   1.00 93.64  ? 5   DA  A "O3'" 1 
ATOM   91  C  "C2'" . DA  A 1 5  ? -2.738  -9.653  3.786   1.00 88.35  ? 5   DA  A "C2'" 1 
ATOM   92  C  "C1'" . DA  A 1 5  ? -2.021  -10.814 4.472   1.00 87.72  ? 5   DA  A "C1'" 1 
ATOM   93  N  N9    . DA  A 1 5  ? -0.567  -10.725 4.376   1.00 82.83  ? 5   DA  A N9    1 
ATOM   94  C  C8    . DA  A 1 5  ? 0.161   -10.242 3.323   1.00 86.85  ? 5   DA  A C8    1 
ATOM   95  N  N7    . DA  A 1 5  ? 1.459   -10.283 3.514   1.00 86.17  ? 5   DA  A N7    1 
ATOM   96  C  C5    . DA  A 1 5  ? 1.591   -10.829 4.780   1.00 80.63  ? 5   DA  A C5    1 
ATOM   97  C  C6    . DA  A 1 5  ? 2.719   -11.136 5.570   1.00 76.23  ? 5   DA  A C6    1 
ATOM   98  N  N6    . DA  A 1 5  ? 3.978   -10.923 5.173   1.00 75.32  ? 5   DA  A N6    1 
ATOM   99  N  N1    . DA  A 1 5  ? 2.500   -11.673 6.788   1.00 75.23  ? 5   DA  A N1    1 
ATOM   100 C  C2    . DA  A 1 5  ? 1.239   -11.884 7.183   1.00 82.89  ? 5   DA  A C2    1 
ATOM   101 N  N3    . DA  A 1 5  ? 0.104   -11.639 6.531   1.00 82.22  ? 5   DA  A N3    1 
ATOM   102 C  C4    . DA  A 1 5  ? 0.352   -11.106 5.325   1.00 78.83  ? 5   DA  A C4    1 
ATOM   103 P  P     . DG  A 1 6  ? -5.875  -8.959  4.460   1.00 105.27 ? 6   DG  A P     1 
ATOM   104 O  OP1   . DG  A 1 6  ? -7.315  -9.293  4.422   1.00 110.65 ? 6   DG  A OP1   1 
ATOM   105 O  OP2   . DG  A 1 6  ? -5.349  -7.882  3.590   1.00 94.74  ? 6   DG  A OP2   1 
ATOM   106 O  "O5'" . DG  A 1 6  ? -5.471  -8.615  5.964   1.00 92.43  ? 6   DG  A "O5'" 1 
ATOM   107 C  "C5'" . DG  A 1 6  ? -5.588  -9.613  6.966   1.00 86.02  ? 6   DG  A "C5'" 1 
ATOM   108 C  "C4'" . DG  A 1 6  ? -4.558  -9.400  8.058   1.00 89.78  ? 6   DG  A "C4'" 1 
ATOM   109 O  "O4'" . DG  A 1 6  ? -3.239  -9.478  7.497   1.00 92.57  ? 6   DG  A "O4'" 1 
ATOM   110 C  "C3'" . DG  A 1 6  ? -4.628  -8.039  8.744   1.00 86.12  ? 6   DG  A "C3'" 1 
ATOM   111 O  "O3'" . DG  A 1 6  ? -5.250  -8.176  10.010  1.00 89.50  ? 6   DG  A "O3'" 1 
ATOM   112 C  "C2'" . DG  A 1 6  ? -3.159  -7.586  8.873   1.00 86.30  ? 6   DG  A "C2'" 1 
ATOM   113 C  "C1'" . DG  A 1 6  ? -2.364  -8.769  8.331   1.00 86.09  ? 6   DG  A "C1'" 1 
ATOM   114 N  N9    . DG  A 1 6  ? -1.195  -8.383  7.545   1.00 77.33  ? 6   DG  A N9    1 
ATOM   115 C  C8    . DG  A 1 6  ? -1.190  -7.794  6.303   1.00 76.74  ? 6   DG  A C8    1 
ATOM   116 N  N7    . DG  A 1 6  ? 0.009   -7.571  5.840   1.00 80.02  ? 6   DG  A N7    1 
ATOM   117 C  C5    . DG  A 1 6  ? 0.854   -8.045  6.836   1.00 79.15  ? 6   DG  A C5    1 
ATOM   118 C  C6    . DG  A 1 6  ? 2.269   -8.072  6.896   1.00 75.33  ? 6   DG  A C6    1 
ATOM   119 O  O6    . DG  A 1 6  ? 3.082   -7.668  6.053   1.00 71.89  ? 6   DG  A O6    1 
ATOM   120 N  N1    . DG  A 1 6  ? 2.722   -8.638  8.085   1.00 69.24  ? 6   DG  A N1    1 
ATOM   121 C  C2    . DG  A 1 6  ? 1.912   -9.117  9.087   1.00 74.72  ? 6   DG  A C2    1 
ATOM   122 N  N2    . DG  A 1 6  ? 2.532   -9.628  10.161  1.00 76.56  ? 6   DG  A N2    1 
ATOM   123 N  N3    . DG  A 1 6  ? 0.585   -9.098  9.042   1.00 72.63  ? 6   DG  A N3    1 
ATOM   124 C  C4    . DG  A 1 6  ? 0.127   -8.549  7.892   1.00 75.17  ? 6   DG  A C4    1 
ATOM   125 P  P     . DA  A 1 7  ? -5.468  -6.893  10.951  1.00 102.30 ? 7   DA  A P     1 
ATOM   126 O  OP1   . DA  A 1 7  ? -6.651  -7.159  11.800  1.00 116.65 ? 7   DA  A OP1   1 
ATOM   127 O  OP2   . DA  A 1 7  ? -5.434  -5.685  10.096  1.00 87.52  ? 7   DA  A OP2   1 
ATOM   128 O  "O5'" . DA  A 1 7  ? -4.164  -6.878  11.871  1.00 92.54  ? 7   DA  A "O5'" 1 
ATOM   129 C  "C5'" . DA  A 1 7  ? -3.692  -8.090  12.444  1.00 99.02  ? 7   DA  A "C5'" 1 
ATOM   130 C  "C4'" . DA  A 1 7  ? -2.288  -7.911  12.980  1.00 97.13  ? 7   DA  A "C4'" 1 
ATOM   131 O  "O4'" . DA  A 1 7  ? -1.362  -7.811  11.873  1.00 88.17  ? 7   DA  A "O4'" 1 
ATOM   132 C  "C3'" . DA  A 1 7  ? -2.091  -6.647  13.819  1.00 91.93  ? 7   DA  A "C3'" 1 
ATOM   133 O  "O3'" . DA  A 1 7  ? -1.748  -6.987  15.157  1.00 100.15 ? 7   DA  A "O3'" 1 
ATOM   134 C  "C2'" . DA  A 1 7  ? -0.959  -5.886  13.118  1.00 84.80  ? 7   DA  A "C2'" 1 
ATOM   135 C  "C1'" . DA  A 1 7  ? -0.322  -6.946  12.231  1.00 86.83  ? 7   DA  A "C1'" 1 
ATOM   136 N  N9    . DA  A 1 7  ? 0.267   -6.389  11.014  1.00 83.47  ? 7   DA  A N9    1 
ATOM   137 C  C8    . DA  A 1 7  ? -0.401  -5.849  9.951   1.00 79.65  ? 7   DA  A C8    1 
ATOM   138 N  N7    . DA  A 1 7  ? 0.387   -5.411  8.997   1.00 73.52  ? 7   DA  A N7    1 
ATOM   139 C  C5    . DA  A 1 7  ? 1.661   -5.677  9.470   1.00 71.57  ? 7   DA  A C5    1 
ATOM   140 C  C6    . DA  A 1 7  ? 2.941   -5.451  8.926   1.00 73.35  ? 7   DA  A C6    1 
ATOM   141 N  N6    . DA  A 1 7  ? 3.144   -4.880  7.734   1.00 71.51  ? 7   DA  A N6    1 
ATOM   142 N  N1    . DA  A 1 7  ? 4.008   -5.836  9.657   1.00 69.37  ? 7   DA  A N1    1 
ATOM   143 C  C2    . DA  A 1 7  ? 3.800   -6.408  10.850  1.00 72.53  ? 7   DA  A C2    1 
ATOM   144 N  N3    . DA  A 1 7  ? 2.647   -6.671  11.464  1.00 72.78  ? 7   DA  A N3    1 
ATOM   145 C  C4    . DA  A 1 7  ? 1.606   -6.278  10.713  1.00 73.38  ? 7   DA  A C4    1 
ATOM   146 P  P     . DC  A 1 8  ? -1.690  -5.846  16.287  1.00 108.90 ? 8   DC  A P     1 
ATOM   147 O  OP1   . DC  A 1 8  ? -1.850  -6.499  17.605  1.00 105.65 ? 8   DC  A OP1   1 
ATOM   148 O  OP2   . DC  A 1 8  ? -2.616  -4.763  15.885  1.00 89.95  ? 8   DC  A OP2   1 
ATOM   149 O  "O5'" . DC  A 1 8  ? -0.200  -5.280  16.173  1.00 90.36  ? 8   DC  A "O5'" 1 
ATOM   150 C  "C5'" . DC  A 1 8  ? 0.896   -6.183  16.136  1.00 87.19  ? 8   DC  A "C5'" 1 
ATOM   151 C  "C4'" . DC  A 1 8  ? 2.146   -5.484  15.641  1.00 88.78  ? 8   DC  A "C4'" 1 
ATOM   152 O  "O4'" . DC  A 1 8  ? 2.049   -5.255  14.224  1.00 90.77  ? 8   DC  A "O4'" 1 
ATOM   153 C  "C3'" . DC  A 1 8  ? 2.390   -4.105  16.242  1.00 85.84  ? 8   DC  A "C3'" 1 
ATOM   154 O  "O3'" . DC  A 1 8  ? 3.306   -4.198  17.325  1.00 93.90  ? 8   DC  A "O3'" 1 
ATOM   155 C  "C2'" . DC  A 1 8  ? 2.976   -3.282  15.081  1.00 85.18  ? 8   DC  A "C2'" 1 
ATOM   156 C  "C1'" . DC  A 1 8  ? 2.967   -4.247  13.897  1.00 83.36  ? 8   DC  A "C1'" 1 
ATOM   157 N  N1    . DC  A 1 8  ? 2.552   -3.590  12.629  1.00 66.74  ? 8   DC  A N1    1 
ATOM   158 C  C2    . DC  A 1 8  ? 3.529   -3.094  11.759  1.00 72.10  ? 8   DC  A C2    1 
ATOM   159 O  O2    . DC  A 1 8  ? 4.724   -3.233  12.052  1.00 69.42  ? 8   DC  A O2    1 
ATOM   160 N  N3    . DC  A 1 8  ? 3.138   -2.477  10.617  1.00 75.45  ? 8   DC  A N3    1 
ATOM   161 C  C4    . DC  A 1 8  ? 1.840   -2.345  10.342  1.00 78.69  ? 8   DC  A C4    1 
ATOM   162 N  N4    . DC  A 1 8  ? 1.502   -1.732  9.202   1.00 78.65  ? 8   DC  A N4    1 
ATOM   163 C  C5    . DC  A 1 8  ? 0.831   -2.837  11.221  1.00 76.60  ? 8   DC  A C5    1 
ATOM   164 C  C6    . DC  A 1 8  ? 1.229   -3.438  12.345  1.00 67.49  ? 8   DC  A C6    1 
ATOM   165 P  P     . DC  A 1 9  ? 3.796   -2.870  18.088  1.00 116.41 ? 9   DC  A P     1 
ATOM   166 O  OP1   . DC  A 1 9  ? 4.264   -3.280  19.431  1.00 108.02 ? 9   DC  A OP1   1 
ATOM   167 O  OP2   . DC  A 1 9  ? 2.724   -1.855  17.958  1.00 87.92  ? 9   DC  A OP2   1 
ATOM   168 O  "O5'" . DC  A 1 9  ? 5.057   -2.374  17.234  1.00 89.90  ? 9   DC  A "O5'" 1 
ATOM   169 C  "C5'" . DC  A 1 9  ? 6.046   -3.310  16.815  1.00 76.35  ? 9   DC  A "C5'" 1 
ATOM   170 C  "C4'" . DC  A 1 9  ? 7.098   -2.636  15.951  1.00 78.89  ? 9   DC  A "C4'" 1 
ATOM   171 O  "O4'" . DC  A 1 9  ? 6.532   -2.282  14.655  1.00 86.52  ? 9   DC  A "O4'" 1 
ATOM   172 C  "C3'" . DC  A 1 9  ? 7.665   -1.336  16.525  1.00 73.40  ? 9   DC  A "C3'" 1 
ATOM   173 O  "O3'" . DC  A 1 9  ? 9.068   -1.295  16.320  1.00 73.91  ? 9   DC  A "O3'" 1 
ATOM   174 C  "C2'" . DC  A 1 9  ? 6.954   -0.264  15.704  1.00 76.08  ? 9   DC  A "C2'" 1 
ATOM   175 C  "C1'" . DC  A 1 9  ? 6.893   -0.952  14.357  1.00 74.04  ? 9   DC  A "C1'" 1 
ATOM   176 N  N1    . DC  A 1 9  ? 5.890   -0.361  13.417  1.00 66.63  ? 9   DC  A N1    1 
ATOM   177 C  C2    . DC  A 1 9  ? 6.331   0.378   12.311  1.00 64.38  ? 9   DC  A C2    1 
ATOM   178 O  O2    . DC  A 1 9  ? 7.546   0.523   12.127  1.00 66.83  ? 9   DC  A O2    1 
ATOM   179 N  N3    . DC  A 1 9  ? 5.411   0.909   11.467  1.00 60.97  ? 9   DC  A N3    1 
ATOM   180 C  C4    . DC  A 1 9  ? 4.111   0.729   11.698  1.00 64.82  ? 9   DC  A C4    1 
ATOM   181 N  N4    . DC  A 1 9  ? 3.242   1.272   10.841  1.00 63.30  ? 9   DC  A N4    1 
ATOM   182 C  C5    . DC  A 1 9  ? 3.644   -0.014  12.822  1.00 65.87  ? 9   DC  A C5    1 
ATOM   183 C  C6    . DC  A 1 9  ? 4.559   -0.535  13.647  1.00 70.19  ? 9   DC  A C6    1 
ATOM   184 P  P     . DT  A 1 10 ? 9.914   -0.020  16.805  1.00 85.74  ? 10  DT  A P     1 
ATOM   185 O  OP1   . DT  A 1 10 ? 11.336  -0.421  16.880  1.00 83.39  ? 10  DT  A OP1   1 
ATOM   186 O  OP2   . DT  A 1 10 ? 9.229   0.529   17.997  1.00 71.71  ? 10  DT  A OP2   1 
ATOM   187 O  "O5'" . DT  A 1 10 ? 9.738   1.036   15.619  1.00 78.13  ? 10  DT  A "O5'" 1 
ATOM   188 C  "C5'" . DT  A 1 10 ? 10.127  0.696   14.296  1.00 79.07  ? 10  DT  A "C5'" 1 
ATOM   189 C  "C4'" . DT  A 1 10 ? 11.070  1.741   13.728  1.00 84.84  ? 10  DT  A "C4'" 1 
ATOM   190 O  "O4'" . DT  A 1 10 ? 10.440  2.405   12.605  1.00 80.39  ? 10  DT  A "O4'" 1 
ATOM   191 C  "C3'" . DT  A 1 10 ? 11.441  2.860   14.685  1.00 87.43  ? 10  DT  A "C3'" 1 
ATOM   192 O  "O3'" . DT  A 1 10 ? 12.685  3.427   14.302  1.00 95.63  ? 10  DT  A "O3'" 1 
ATOM   193 C  "C2'" . DT  A 1 10 ? 10.294  3.845   14.480  1.00 87.76  ? 10  DT  A "C2'" 1 
ATOM   194 C  "C1'" . DT  A 1 10 ? 10.019  3.705   12.983  1.00 78.18  ? 10  DT  A "C1'" 1 
ATOM   195 N  N1    . DT  A 1 10 ? 8.579   3.843   12.627  1.00 69.76  ? 10  DT  A N1    1 
ATOM   196 C  C2    . DT  A 1 10 ? 8.234   4.369   11.404  1.00 71.10  ? 10  DT  A C2    1 
ATOM   197 O  O2    . DT  A 1 10 ? 9.054   4.738   10.579  1.00 75.13  ? 10  DT  A O2    1 
ATOM   198 N  N3    . DT  A 1 10 ? 6.887   4.444   11.173  1.00 63.45  ? 10  DT  A N3    1 
ATOM   199 C  C4    . DT  A 1 10 ? 5.872   4.055   12.027  1.00 66.17  ? 10  DT  A C4    1 
ATOM   200 O  O4    . DT  A 1 10 ? 4.686   4.163   11.731  1.00 65.76  ? 10  DT  A O4    1 
ATOM   201 C  C5    . DT  A 1 10 ? 6.303   3.513   13.292  1.00 65.24  ? 10  DT  A C5    1 
ATOM   202 C  C7    . DT  A 1 10 ? 5.292   3.057   14.300  1.00 66.32  ? 10  DT  A C7    1 
ATOM   203 C  C6    . DT  A 1 10 ? 7.620   3.433   13.528  1.00 63.18  ? 10  DT  A C6    1 
ATOM   204 P  P     . DG  A 1 11 ? 13.580  4.222   15.374  1.00 105.95 ? 11  DG  A P     1 
ATOM   205 O  OP1   . DG  A 1 11 ? 14.517  3.253   15.985  1.00 103.63 ? 11  DG  A OP1   1 
ATOM   206 O  OP2   . DG  A 1 11 ? 12.671  5.006   16.239  1.00 85.52  ? 11  DG  A OP2   1 
ATOM   207 O  "O5'" . DG  A 1 11 ? 14.416  5.247   14.477  1.00 100.26 ? 11  DG  A "O5'" 1 
ATOM   208 C  "C5'" . DG  A 1 11 ? 14.222  5.275   13.067  1.00 97.12  ? 11  DG  A "C5'" 1 
ATOM   209 C  "C4'" . DG  A 1 11 ? 13.934  6.686   12.591  1.00 101.32 ? 11  DG  A "C4'" 1 
ATOM   210 O  "O4'" . DG  A 1 11 ? 12.509  6.833   12.334  1.00 100.14 ? 11  DG  A "O4'" 1 
ATOM   211 C  "C3'" . DG  A 1 11 ? 14.299  7.791   13.585  1.00 94.83  ? 11  DG  A "C3'" 1 
ATOM   212 O  "O3'" . DG  A 1 11 ? 14.815  8.919   12.889  1.00 95.58  ? 11  DG  A "O3'" 1 
ATOM   213 C  "C2'" . DG  A 1 11 ? 12.959  8.105   14.239  1.00 80.16  ? 11  DG  A "C2'" 1 
ATOM   214 C  "C1'" . DG  A 1 11 ? 12.018  7.940   13.059  1.00 82.88  ? 11  DG  A "C1'" 1 
ATOM   215 N  N9    . DG  A 1 11 ? 10.638  7.677   13.445  1.00 77.59  ? 11  DG  A N9    1 
ATOM   216 C  C8    . DG  A 1 11 ? 10.198  7.159   14.640  1.00 78.60  ? 11  DG  A C8    1 
ATOM   217 N  N7    . DG  A 1 11 ? 8.901   7.034   14.703  1.00 75.17  ? 11  DG  A N7    1 
ATOM   218 C  C5    . DG  A 1 11 ? 8.452   7.502   13.475  1.00 66.03  ? 11  DG  A C5    1 
ATOM   219 C  C6    . DG  A 1 11 ? 7.135   7.609   12.966  1.00 69.23  ? 11  DG  A C6    1 
ATOM   220 O  O6    . DG  A 1 11 ? 6.072   7.304   13.523  1.00 74.98  ? 11  DG  A O6    1 
ATOM   221 N  N1    . DG  A 1 11 ? 7.122   8.135   11.677  1.00 59.92  ? 11  DG  A N1    1 
ATOM   222 C  C2    . DG  A 1 11 ? 8.240   8.507   10.970  1.00 67.08  ? 11  DG  A C2    1 
ATOM   223 N  N2    . DG  A 1 11 ? 8.030   8.992   9.739   1.00 63.86  ? 11  DG  A N2    1 
ATOM   224 N  N3    . DG  A 1 11 ? 9.479   8.410   11.436  1.00 71.98  ? 11  DG  A N3    1 
ATOM   225 C  C4    . DG  A 1 11 ? 9.509   7.900   12.689  1.00 67.51  ? 11  DG  A C4    1 
ATOM   226 P  P     . DA  B 2 1  ? 1.326   22.646  -1.455  1.00 105.68 ? 12  DA  B P     1 
ATOM   227 O  OP1   . DA  B 2 1  ? 1.085   23.386  -0.192  1.00 97.84  ? 12  DA  B OP1   1 
ATOM   228 O  OP2   . DA  B 2 1  ? 2.694   22.177  -1.775  1.00 86.23  ? 12  DA  B OP2   1 
ATOM   229 O  "O5'" . DA  B 2 1  ? 0.818   23.527  -2.695  1.00 113.81 ? 12  DA  B "O5'" 1 
ATOM   230 C  "C5'" . DA  B 2 1  ? 1.749   24.292  -3.455  1.00 99.00  ? 12  DA  B "C5'" 1 
ATOM   231 C  "C4'" . DA  B 2 1  ? 2.034   23.617  -4.785  1.00 90.10  ? 12  DA  B "C4'" 1 
ATOM   232 O  "O4'" . DA  B 2 1  ? 3.166   22.721  -4.645  1.00 83.84  ? 12  DA  B "O4'" 1 
ATOM   233 C  "C3'" . DA  B 2 1  ? 0.880   22.773  -5.346  1.00 91.26  ? 12  DA  B "C3'" 1 
ATOM   234 O  "O3'" . DA  B 2 1  ? 0.585   23.167  -6.682  1.00 99.39  ? 12  DA  B "O3'" 1 
ATOM   235 C  "C2'" . DA  B 2 1  ? 1.412   21.337  -5.287  1.00 90.91  ? 12  DA  B "C2'" 1 
ATOM   236 C  "C1'" . DA  B 2 1  ? 2.914   21.556  -5.389  1.00 82.61  ? 12  DA  B "C1'" 1 
ATOM   237 N  N9    . DA  B 2 1  ? 3.695   20.456  -4.826  1.00 75.75  ? 12  DA  B N9    1 
ATOM   238 C  C8    . DA  B 2 1  ? 3.597   19.940  -3.565  1.00 73.59  ? 12  DA  B C8    1 
ATOM   239 N  N7    . DA  B 2 1  ? 4.417   18.942  -3.335  1.00 70.42  ? 12  DA  B N7    1 
ATOM   240 C  C5    . DA  B 2 1  ? 5.094   18.787  -4.531  1.00 69.33  ? 12  DA  B C5    1 
ATOM   241 C  C6    . DA  B 2 1  ? 6.105   17.895  -4.945  1.00 66.13  ? 12  DA  B C6    1 
ATOM   242 N  N6    . DA  B 2 1  ? 6.619   16.952  -4.147  1.00 67.15  ? 12  DA  B N6    1 
ATOM   243 N  N1    . DA  B 2 1  ? 6.566   18.008  -6.208  1.00 61.32  ? 12  DA  B N1    1 
ATOM   244 C  C2    . DA  B 2 1  ? 6.046   18.954  -7.000  1.00 70.39  ? 12  DA  B C2    1 
ATOM   245 N  N3    . DA  B 2 1  ? 5.097   19.849  -6.725  1.00 70.37  ? 12  DA  B N3    1 
ATOM   246 C  C4    . DA  B 2 1  ? 4.660   19.712  -5.466  1.00 67.67  ? 12  DA  B C4    1 
ATOM   247 P  P     . DC  B 2 2  ? -0.849  22.828  -7.325  1.00 105.49 ? 13  DC  B P     1 
ATOM   248 O  OP1   . DC  B 2 2  ? -0.831  23.302  -8.726  1.00 95.23  ? 13  DC  B OP1   1 
ATOM   249 O  OP2   . DC  B 2 2  ? -1.892  23.324  -6.399  1.00 93.73  ? 13  DC  B OP2   1 
ATOM   250 O  "O5'" . DC  B 2 2  ? -0.911  21.229  -7.308  1.00 92.68  ? 13  DC  B "O5'" 1 
ATOM   251 C  "C5'" . DC  B 2 2  ? -1.156  20.513  -8.507  1.00 95.20  ? 13  DC  B "C5'" 1 
ATOM   252 C  "C4'" . DC  B 2 2  ? 0.139   19.991  -9.106  1.00 86.91  ? 13  DC  B "C4'" 1 
ATOM   253 O  "O4'" . DC  B 2 2  ? 1.103   19.745  -8.062  1.00 72.69  ? 13  DC  B "O4'" 1 
ATOM   254 C  "C3'" . DC  B 2 2  ? 0.013   18.658  -9.815  1.00 88.24  ? 13  DC  B "C3'" 1 
ATOM   255 O  "O3'" . DC  B 2 2  ? -0.420  18.860  -11.154 1.00 85.77  ? 13  DC  B "O3'" 1 
ATOM   256 C  "C2'" . DC  B 2 2  ? 1.442   18.115  -9.764  1.00 78.27  ? 13  DC  B "C2'" 1 
ATOM   257 C  "C1'" . DC  B 2 2  ? 2.034   18.777  -8.511  1.00 73.57  ? 13  DC  B "C1'" 1 
ATOM   258 N  N1    . DC  B 2 2  ? 2.324   17.818  -7.389  1.00 66.03  ? 13  DC  B N1    1 
ATOM   259 C  C2    . DC  B 2 2  ? 3.312   16.831  -7.546  1.00 67.55  ? 13  DC  B C2    1 
ATOM   260 O  O2    . DC  B 2 2  ? 3.931   16.754  -8.614  1.00 74.08  ? 13  DC  B O2    1 
ATOM   261 N  N3    . DC  B 2 2  ? 3.561   15.981  -6.520  1.00 60.15  ? 13  DC  B N3    1 
ATOM   262 C  C4    . DC  B 2 2  ? 2.876   16.091  -5.380  1.00 66.91  ? 13  DC  B C4    1 
ATOM   263 N  N4    . DC  B 2 2  ? 3.159   15.229  -4.397  1.00 58.65  ? 13  DC  B N4    1 
ATOM   264 C  C5    . DC  B 2 2  ? 1.873   17.089  -5.199  1.00 69.86  ? 13  DC  B C5    1 
ATOM   265 C  C6    . DC  B 2 2  ? 1.633   17.922  -6.218  1.00 65.47  ? 13  DC  B C6    1 
ATOM   266 P  P     . DG  B 2 3  ? -1.379  17.783  -11.860 1.00 96.92  ? 14  DG  B P     1 
ATOM   267 O  OP1   . DG  B 2 3  ? -2.606  18.496  -12.284 1.00 105.90 ? 14  DG  B OP1   1 
ATOM   268 O  OP2   . DG  B 2 3  ? -1.478  16.606  -10.968 1.00 87.32  ? 14  DG  B OP2   1 
ATOM   269 O  "O5'" . DG  B 2 3  ? -0.573  17.345  -13.170 1.00 96.08  ? 14  DG  B "O5'" 1 
ATOM   270 C  "C5'" . DG  B 2 3  ? 0.845   17.242  -13.136 1.00 90.82  ? 14  DG  B "C5'" 1 
ATOM   271 C  "C4'" . DG  B 2 3  ? 1.286   15.803  -12.930 1.00 92.22  ? 14  DG  B "C4'" 1 
ATOM   272 O  "O4'" . DG  B 2 3  ? 1.636   15.588  -11.546 1.00 92.62  ? 14  DG  B "O4'" 1 
ATOM   273 C  "C3'" . DG  B 2 3  ? 0.239   14.739  -13.278 1.00 83.50  ? 14  DG  B "C3'" 1 
ATOM   274 O  "O3'" . DG  B 2 3  ? 0.701   13.963  -14.398 1.00 89.81  ? 14  DG  B "O3'" 1 
ATOM   275 C  "C2'" . DG  B 2 3  ? 0.099   13.904  -11.990 1.00 76.12  ? 14  DG  B "C2'" 1 
ATOM   276 C  "C1'" . DG  B 2 3  ? 1.365   14.252  -11.222 1.00 79.54  ? 14  DG  B "C1'" 1 
ATOM   277 N  N9    . DG  B 2 3  ? 1.216   14.145  -9.771  1.00 72.56  ? 14  DG  B N9    1 
ATOM   278 C  C8    . DG  B 2 3  ? 0.421   14.922  -8.964  1.00 74.97  ? 14  DG  B C8    1 
ATOM   279 N  N7    . DG  B 2 3  ? 0.487   14.600  -7.702  1.00 69.32  ? 14  DG  B N7    1 
ATOM   280 C  C5    . DG  B 2 3  ? 1.384   13.540  -7.667  1.00 63.12  ? 14  DG  B C5    1 
ATOM   281 C  C6    . DG  B 2 3  ? 1.851   12.780  -6.568  1.00 60.70  ? 14  DG  B C6    1 
ATOM   282 O  O6    . DG  B 2 3  ? 1.553   12.897  -5.372  1.00 61.44  ? 14  DG  B O6    1 
ATOM   283 N  N1    . DG  B 2 3  ? 2.753   11.797  -6.967  1.00 53.74  ? 14  DG  B N1    1 
ATOM   284 C  C2    . DG  B 2 3  ? 3.154   11.578  -8.262  1.00 58.24  ? 14  DG  B C2    1 
ATOM   285 N  N2    . DG  B 2 3  ? 4.032   10.582  -8.451  1.00 55.46  ? 14  DG  B N2    1 
ATOM   286 N  N3    . DG  B 2 3  ? 2.725   12.283  -9.303  1.00 64.42  ? 14  DG  B N3    1 
ATOM   287 C  C4    . DG  B 2 3  ? 1.843   13.245  -8.932  1.00 63.69  ? 14  DG  B C4    1 
ATOM   288 P  P     . DA  B 2 4  ? 0.312   12.411  -14.580 1.00 107.48 ? 15  DA  B P     1 
ATOM   289 O  OP1   . DA  B 2 4  ? 0.666   12.062  -15.972 1.00 105.13 ? 15  DA  B OP1   1 
ATOM   290 O  OP2   . DA  B 2 4  ? -1.073  12.160  -14.113 1.00 91.32  ? 15  DA  B OP2   1 
ATOM   291 O  "O5'" . DA  B 2 4  ? 1.339   11.647  -13.622 1.00 94.32  ? 15  DA  B "O5'" 1 
ATOM   292 C  "C5'" . DA  B 2 4  ? 2.663   11.380  -14.068 1.00 90.26  ? 15  DA  B "C5'" 1 
ATOM   293 C  "C4'" . DA  B 2 4  ? 3.057   9.943   -13.763 1.00 93.96  ? 15  DA  B "C4'" 1 
ATOM   294 O  "O4'" . DA  B 2 4  ? 3.038   9.726   -12.329 1.00 85.96  ? 15  DA  B "O4'" 1 
ATOM   295 C  "C3'" . DA  B 2 4  ? 2.140   8.880   -14.349 1.00 85.07  ? 15  DA  B "C3'" 1 
ATOM   296 O  "O3'" . DA  B 2 4  ? 2.883   7.703   -14.633 1.00 90.25  ? 15  DA  B "O3'" 1 
ATOM   297 C  "C2'" . DA  B 2 4  ? 1.128   8.650   -13.229 1.00 84.32  ? 15  DA  B "C2'" 1 
ATOM   298 C  "C1'" . DA  B 2 4  ? 1.978   8.854   -11.974 1.00 81.57  ? 15  DA  B "C1'" 1 
ATOM   299 N  N9    . DA  B 2 4  ? 1.245   9.460   -10.862 1.00 77.65  ? 15  DA  B N9    1 
ATOM   300 C  C8    . DA  B 2 4  ? 0.378   10.515  -10.926 1.00 80.16  ? 15  DA  B C8    1 
ATOM   301 N  N7    . DA  B 2 4  ? -0.128  10.859  -9.764  1.00 67.10  ? 15  DA  B N7    1 
ATOM   302 C  C5    . DA  B 2 4  ? 0.451   9.970   -8.875  1.00 65.95  ? 15  DA  B C5    1 
ATOM   303 C  C6    . DA  B 2 4  ? 0.328   9.810   -7.481  1.00 69.41  ? 15  DA  B C6    1 
ATOM   304 N  N6    . DA  B 2 4  ? -0.459  10.579  -6.718  1.00 64.20  ? 15  DA  B N6    1 
ATOM   305 N  N1    . DA  B 2 4  ? 1.045   8.826   -6.899  1.00 67.82  ? 15  DA  B N1    1 
ATOM   306 C  C2    . DA  B 2 4  ? 1.831   8.060   -7.667  1.00 68.39  ? 15  DA  B C2    1 
ATOM   307 N  N3    . DA  B 2 4  ? 2.029   8.116   -8.984  1.00 66.38  ? 15  DA  B N3    1 
ATOM   308 C  C4    . DA  B 2 4  ? 1.304   9.103   -9.533  1.00 68.36  ? 15  DA  B C4    1 
ATOM   309 P  P     . DC  B 2 5  ? 2.199   6.488   -15.430 1.00 106.82 ? 16  DC  B P     1 
ATOM   310 O  OP1   . DC  B 2 5  ? 3.195   5.957   -16.388 1.00 102.41 ? 16  DC  B OP1   1 
ATOM   311 O  OP2   . DC  B 2 5  ? 0.876   6.946   -15.908 1.00 107.76 ? 16  DC  B OP2   1 
ATOM   312 O  "O5'" . DC  B 2 5  ? 1.954   5.387   -14.301 1.00 88.23  ? 16  DC  B "O5'" 1 
ATOM   313 C  "C5'" . DC  B 2 5  ? 3.059   4.838   -13.602 1.00 88.00  ? 16  DC  B "C5'" 1 
ATOM   314 C  "C4'" . DC  B 2 5  ? 2.593   4.048   -12.396 1.00 95.16  ? 16  DC  B "C4'" 1 
ATOM   315 O  "O4'" . DC  B 2 5  ? 2.012   4.948   -11.416 1.00 89.08  ? 16  DC  B "O4'" 1 
ATOM   316 C  "C3'" . DC  B 2 5  ? 1.528   2.988   -12.692 1.00 93.37  ? 16  DC  B "C3'" 1 
ATOM   317 O  "O3'" . DC  B 2 5  ? 1.903   1.753   -12.089 1.00 96.28  ? 16  DC  B "O3'" 1 
ATOM   318 C  "C2'" . DC  B 2 5  ? 0.254   3.572   -12.071 1.00 83.18  ? 16  DC  B "C2'" 1 
ATOM   319 C  "C1'" . DC  B 2 5  ? 0.818   4.388   -10.924 1.00 83.49  ? 16  DC  B "C1'" 1 
ATOM   320 N  N1    . DC  B 2 5  ? -0.077  5.494   -10.474 1.00 71.17  ? 16  DC  B N1    1 
ATOM   321 C  C2    . DC  B 2 5  ? -0.353  5.647   -9.113  1.00 73.63  ? 16  DC  B C2    1 
ATOM   322 O  O2    . DC  B 2 5  ? 0.151   4.859   -8.304  1.00 79.77  ? 16  DC  B O2    1 
ATOM   323 N  N3    . DC  B 2 5  ? -1.166  6.656   -8.717  1.00 71.40  ? 16  DC  B N3    1 
ATOM   324 C  C4    . DC  B 2 5  ? -1.690  7.486   -9.622  1.00 72.44  ? 16  DC  B C4    1 
ATOM   325 N  N4    . DC  B 2 5  ? -2.487  8.468   -9.184  1.00 67.87  ? 16  DC  B N4    1 
ATOM   326 C  C5    . DC  B 2 5  ? -1.420  7.345   -11.015 1.00 68.46  ? 16  DC  B C5    1 
ATOM   327 C  C6    . DC  B 2 5  ? -0.618  6.343   -11.392 1.00 72.86  ? 16  DC  B C6    1 
ATOM   328 P  P     . DA  B 2 6  ? 0.852   0.544   -11.958 1.00 115.86 ? 17  DA  B P     1 
ATOM   329 O  OP1   . DA  B 2 6  ? 1.642   -0.706  -11.901 1.00 94.71  ? 17  DA  B OP1   1 
ATOM   330 O  OP2   . DA  B 2 6  ? -0.203  0.692   -12.988 1.00 104.64 ? 17  DA  B OP2   1 
ATOM   331 O  "O5'" . DA  B 2 6  ? 0.198   0.785   -10.523 1.00 84.65  ? 17  DA  B "O5'" 1 
ATOM   332 C  "C5'" . DA  B 2 6  ? 1.032   1.129   -9.428  1.00 86.96  ? 17  DA  B "C5'" 1 
ATOM   333 C  "C4'" . DA  B 2 6  ? 0.645   0.359   -8.181  1.00 91.42  ? 17  DA  B "C4'" 1 
ATOM   334 O  "O4'" . DA  B 2 6  ? -0.148  1.197   -7.318  1.00 86.99  ? 17  DA  B "O4'" 1 
ATOM   335 C  "C3'" . DA  B 2 6  ? -0.195  -0.880  -8.418  1.00 89.42  ? 17  DA  B "C3'" 1 
ATOM   336 O  "O3'" . DA  B 2 6  ? 0.054   -1.826  -7.387  1.00 95.00  ? 17  DA  B "O3'" 1 
ATOM   337 C  "C2'" . DA  B 2 6  ? -1.630  -0.342  -8.370  1.00 84.23  ? 17  DA  B "C2'" 1 
ATOM   338 C  "C1'" . DA  B 2 6  ? -1.520  0.886   -7.461  1.00 78.07  ? 17  DA  B "C1'" 1 
ATOM   339 N  N9    . DA  B 2 6  ? -2.197  2.064   -7.995  1.00 69.61  ? 17  DA  B N9    1 
ATOM   340 C  C8    . DA  B 2 6  ? -2.344  2.405   -9.310  1.00 74.61  ? 17  DA  B C8    1 
ATOM   341 N  N7    . DA  B 2 6  ? -2.996  3.529   -9.495  1.00 72.33  ? 17  DA  B N7    1 
ATOM   342 C  C5    . DA  B 2 6  ? -3.292  3.957   -8.213  1.00 62.13  ? 17  DA  B C5    1 
ATOM   343 C  C6    . DA  B 2 6  ? -3.970  5.090   -7.719  1.00 61.59  ? 17  DA  B C6    1 
ATOM   344 N  N6    . DA  B 2 6  ? -4.494  6.032   -8.509  1.00 67.53  ? 17  DA  B N6    1 
ATOM   345 N  N1    . DA  B 2 6  ? -4.092  5.216   -6.383  1.00 62.81  ? 17  DA  B N1    1 
ATOM   346 C  C2    . DA  B 2 6  ? -3.568  4.268   -5.595  1.00 66.56  ? 17  DA  B C2    1 
ATOM   347 N  N3    . DA  B 2 6  ? -2.908  3.163   -5.940  1.00 66.57  ? 17  DA  B N3    1 
ATOM   348 C  C4    . DA  B 2 6  ? -2.804  3.066   -7.273  1.00 66.68  ? 17  DA  B C4    1 
ATOM   349 P  P     . DC  B 2 7  ? -0.850  -3.145  -7.255  1.00 104.95 ? 18  DC  B P     1 
ATOM   350 O  OP1   . DC  B 2 7  ? -0.033  -4.180  -6.582  1.00 94.78  ? 18  DC  B OP1   1 
ATOM   351 O  OP2   . DC  B 2 7  ? -1.439  -3.431  -8.582  1.00 101.69 ? 18  DC  B OP2   1 
ATOM   352 O  "O5'" . DC  B 2 7  ? -2.024  -2.694  -6.270  1.00 84.62  ? 18  DC  B "O5'" 1 
ATOM   353 C  "C5'" . DC  B 2 7  ? -1.699  -2.077  -5.033  1.00 89.28  ? 18  DC  B "C5'" 1 
ATOM   354 C  "C4'" . DC  B 2 7  ? -2.943  -1.537  -4.356  1.00 93.21  ? 18  DC  B "C4'" 1 
ATOM   355 O  "O4'" . DC  B 2 7  ? -3.375  -0.325  -5.016  1.00 90.03  ? 18  DC  B "O4'" 1 
ATOM   356 C  "C3'" . DC  B 2 7  ? -4.151  -2.483  -4.365  1.00 92.35  ? 18  DC  B "C3'" 1 
ATOM   357 O  "O3'" . DC  B 2 7  ? -4.542  -2.783  -3.026  1.00 96.16  ? 18  DC  B "O3'" 1 
ATOM   358 C  "C2'" . DC  B 2 7  ? -5.233  -1.699  -5.119  1.00 90.19  ? 18  DC  B "C2'" 1 
ATOM   359 C  "C1'" . DC  B 2 7  ? -4.772  -0.264  -4.952  1.00 79.58  ? 18  DC  B "C1'" 1 
ATOM   360 N  N1    . DC  B 2 7  ? -5.264  0.651   -6.021  1.00 68.01  ? 18  DC  B N1    1 
ATOM   361 C  C2    . DC  B 2 7  ? -5.928  1.830   -5.665  1.00 68.67  ? 18  DC  B C2    1 
ATOM   362 O  O2    . DC  B 2 7  ? -6.089  2.092   -4.467  1.00 67.72  ? 18  DC  B O2    1 
ATOM   363 N  N3    . DC  B 2 7  ? -6.371  2.656   -6.644  1.00 66.23  ? 18  DC  B N3    1 
ATOM   364 C  C4    . DC  B 2 7  ? -6.176  2.338   -7.925  1.00 65.89  ? 18  DC  B C4    1 
ATOM   365 N  N4    . DC  B 2 7  ? -6.630  3.184   -8.856  1.00 60.57  ? 18  DC  B N4    1 
ATOM   366 C  C5    . DC  B 2 7  ? -5.504  1.138   -8.308  1.00 69.19  ? 18  DC  B C5    1 
ATOM   367 C  C6    . DC  B 2 7  ? -5.071  0.331   -7.334  1.00 68.72  ? 18  DC  B C6    1 
ATOM   368 P  P     . DT  B 2 8  ? -5.957  -3.486  -2.713  1.00 103.31 ? 19  DT  B P     1 
ATOM   369 O  OP1   . DT  B 2 8  ? -5.779  -4.262  -1.468  1.00 100.40 ? 19  DT  B OP1   1 
ATOM   370 O  OP2   . DT  B 2 8  ? -6.463  -4.177  -3.922  1.00 86.02  ? 19  DT  B OP2   1 
ATOM   371 O  "O5'" . DT  B 2 8  ? -6.921  -2.253  -2.392  1.00 86.69  ? 19  DT  B "O5'" 1 
ATOM   372 C  "C5'" . DT  B 2 8  ? -6.545  -1.310  -1.397  1.00 88.90  ? 19  DT  B "C5'" 1 
ATOM   373 C  "C4'" . DT  B 2 8  ? -7.725  -0.451  -0.971  1.00 93.53  ? 19  DT  B "C4'" 1 
ATOM   374 O  "O4'" . DT  B 2 8  ? -8.075  0.470   -2.035  1.00 87.15  ? 19  DT  B "O4'" 1 
ATOM   375 C  "C3'" . DT  B 2 8  ? -9.005  -1.206  -0.639  1.00 94.75  ? 19  DT  B "C3'" 1 
ATOM   376 O  "O3'" . DT  B 2 8  ? -9.696  -0.522  0.401   1.00 102.39 ? 19  DT  B "O3'" 1 
ATOM   377 C  "C2'" . DT  B 2 8  ? -9.776  -1.156  -1.959  1.00 95.27  ? 19  DT  B "C2'" 1 
ATOM   378 C  "C1'" . DT  B 2 8  ? -9.401  0.229   -2.472  1.00 89.38  ? 19  DT  B "C1'" 1 
ATOM   379 N  N1    . DT  B 2 8  ? -9.419  0.369   -3.961  1.00 79.90  ? 19  DT  B N1    1 
ATOM   380 C  C2    . DT  B 2 8  ? -9.956  1.506   -4.517  1.00 77.15  ? 19  DT  B C2    1 
ATOM   381 O  O2    . DT  B 2 8  ? -10.450 2.404   -3.858  1.00 70.08  ? 19  DT  B O2    1 
ATOM   382 N  N3    . DT  B 2 8  ? -9.903  1.556   -5.884  1.00 72.30  ? 19  DT  B N3    1 
ATOM   383 C  C4    . DT  B 2 8  ? -9.370  0.606   -6.736  1.00 69.61  ? 19  DT  B C4    1 
ATOM   384 O  O4    . DT  B 2 8  ? -9.371  0.742   -7.955  1.00 69.59  ? 19  DT  B O4    1 
ATOM   385 C  C5    . DT  B 2 8  ? -8.814  -0.559  -6.090  1.00 72.12  ? 19  DT  B C5    1 
ATOM   386 C  C7    . DT  B 2 8  ? -8.211  -1.657  -6.916  1.00 73.95  ? 19  DT  B C7    1 
ATOM   387 C  C6    . DT  B 2 8  ? -8.858  -0.620  -4.749  1.00 73.70  ? 19  DT  B C6    1 
ATOM   388 P  P     . DC  B 2 9  ? -10.888 -1.239  1.202   1.00 105.34 ? 20  DC  B P     1 
ATOM   389 O  OP1   . DC  B 2 9  ? -10.696 -0.942  2.639   1.00 91.53  ? 20  DC  B OP1   1 
ATOM   390 O  OP2   . DC  B 2 9  ? -10.969 -2.642  0.737   1.00 98.26  ? 20  DC  B OP2   1 
ATOM   391 O  "O5'" . DC  B 2 9  ? -12.194 -0.458  0.712   1.00 98.55  ? 20  DC  B "O5'" 1 
ATOM   392 C  "C5'" . DC  B 2 9  ? -12.339 0.928   1.000   1.00 91.70  ? 20  DC  B "C5'" 1 
ATOM   393 C  "C4'" . DC  B 2 9  ? -13.574 1.500   0.327   1.00 103.30 ? 20  DC  B "C4'" 1 
ATOM   394 O  "O4'" . DC  B 2 9  ? -13.331 1.655   -1.099  1.00 97.43  ? 20  DC  B "O4'" 1 
ATOM   395 C  "C3'" . DC  B 2 9  ? -14.837 0.646   0.451   1.00 109.48 ? 20  DC  B "C3'" 1 
ATOM   396 O  "O3'" . DC  B 2 9  ? -15.959 1.485   0.684   1.00 116.13 ? 20  DC  B "O3'" 1 
ATOM   397 C  "C2'" . DC  B 2 9  ? -14.923 -0.039  -0.912  1.00 97.90  ? 20  DC  B "C2'" 1 
ATOM   398 C  "C1'" . DC  B 2 9  ? -14.379 1.048   -1.821  1.00 92.18  ? 20  DC  B "C1'" 1 
ATOM   399 N  N1    . DC  B 2 9  ? -13.829 0.529   -3.101  1.00 86.71  ? 20  DC  B N1    1 
ATOM   400 C  C2    . DC  B 2 9  ? -13.970 1.283   -4.272  1.00 84.18  ? 20  DC  B C2    1 
ATOM   401 O  O2    . DC  B 2 9  ? -14.553 2.374   -4.222  1.00 76.27  ? 20  DC  B O2    1 
ATOM   402 N  N3    . DC  B 2 9  ? -13.460 0.795   -5.431  1.00 78.05  ? 20  DC  B N3    1 
ATOM   403 C  C4    . DC  B 2 9  ? -12.838 -0.386  -5.441  1.00 76.15  ? 20  DC  B C4    1 
ATOM   404 N  N4    . DC  B 2 9  ? -12.351 -0.826  -6.607  1.00 72.51  ? 20  DC  B N4    1 
ATOM   405 C  C5    . DC  B 2 9  ? -12.685 -1.167  -4.256  1.00 78.71  ? 20  DC  B C5    1 
ATOM   406 C  C6    . DC  B 2 9  ? -13.191 -0.676  -3.122  1.00 84.57  ? 20  DC  B C6    1 
ATOM   407 P  P     . DA  B 2 10 ? -17.374 0.863   1.125   1.00 131.33 ? 21  DA  B P     1 
ATOM   408 O  OP1   . DA  B 2 10 ? -17.697 1.415   2.460   1.00 131.23 ? 21  DA  B OP1   1 
ATOM   409 O  OP2   . DA  B 2 10 ? -17.334 -0.604  0.930   1.00 108.32 ? 21  DA  B OP2   1 
ATOM   410 O  "O5'" . DA  B 2 10 ? -18.399 1.473   0.057   1.00 111.60 ? 21  DA  B "O5'" 1 
ATOM   411 C  "C5'" . DA  B 2 10 ? -18.522 2.886   -0.083  1.00 103.44 ? 21  DA  B "C5'" 1 
ATOM   412 C  "C4'" . DA  B 2 10 ? -18.982 3.258   -1.482  1.00 100.22 ? 21  DA  B "C4'" 1 
ATOM   413 O  "O4'" . DA  B 2 10 ? -18.126 2.615   -2.462  1.00 97.86  ? 21  DA  B "O4'" 1 
ATOM   414 C  "C3'" . DA  B 2 10 ? -20.410 2.841   -1.830  1.00 98.14  ? 21  DA  B "C3'" 1 
ATOM   415 O  "O3'" . DA  B 2 10 ? -21.024 3.836   -2.641  1.00 97.19  ? 21  DA  B "O3'" 1 
ATOM   416 C  "C2'" . DA  B 2 10 ? -20.206 1.541   -2.601  1.00 93.62  ? 21  DA  B "C2'" 1 
ATOM   417 C  "C1'" . DA  B 2 10 ? -18.902 1.820   -3.333  1.00 87.17  ? 21  DA  B "C1'" 1 
ATOM   418 N  N9    . DA  B 2 10 ? -18.146 0.614   -3.645  1.00 81.12  ? 21  DA  B N9    1 
ATOM   419 C  C8    . DA  B 2 10 ? -17.823 -0.400  -2.788  1.00 86.70  ? 21  DA  B C8    1 
ATOM   420 N  N7    . DA  B 2 10 ? -17.133 -1.365  -3.346  1.00 87.95  ? 21  DA  B N7    1 
ATOM   421 C  C5    . DA  B 2 10 ? -16.994 -0.956  -4.662  1.00 82.10  ? 21  DA  B C5    1 
ATOM   422 C  C6    . DA  B 2 10 ? -16.360 -1.539  -5.777  1.00 84.34  ? 21  DA  B C6    1 
ATOM   423 N  N6    . DA  B 2 10 ? -15.723 -2.714  -5.728  1.00 95.66  ? 21  DA  B N6    1 
ATOM   424 N  N1    . DA  B 2 10 ? -16.408 -0.868  -6.947  1.00 80.11  ? 21  DA  B N1    1 
ATOM   425 C  C2    . DA  B 2 10 ? -17.046 0.306   -6.990  1.00 82.38  ? 21  DA  B C2    1 
ATOM   426 N  N3    . DA  B 2 10 ? -17.678 0.954   -6.012  1.00 81.52  ? 21  DA  B N3    1 
ATOM   427 C  C4    . DA  B 2 10 ? -17.613 0.263   -4.864  1.00 79.85  ? 21  DA  B C4    1 
ATOM   428 P  P     . DC  C 3 1  ? -1.649  12.074  6.031   1.00 109.30 ? 1   DC  C P     1 
ATOM   429 O  OP1   . DC  C 3 1  ? -2.407  11.669  4.817   1.00 129.93 ? 1   DC  C OP1   1 
ATOM   430 O  OP2   . DC  C 3 1  ? -1.730  13.457  6.576   1.00 94.16  ? 1   DC  C OP2   1 
ATOM   431 O  "O5'" . DC  C 3 1  ? -0.100  11.731  5.816   1.00 86.85  ? 1   DC  C "O5'" 1 
ATOM   432 C  "C5'" . DC  C 3 1  ? 0.892   12.399  6.592   1.00 78.32  ? 1   DC  C "C5'" 1 
ATOM   433 C  "C4'" . DC  C 3 1  ? 2.276   12.126  6.029   1.00 80.29  ? 1   DC  C "C4'" 1 
ATOM   434 O  "O4'" . DC  C 3 1  ? 3.150   11.633  7.079   1.00 74.26  ? 1   DC  C "O4'" 1 
ATOM   435 C  "C3'" . DC  C 3 1  ? 2.316   11.064  4.942   1.00 73.70  ? 1   DC  C "C3'" 1 
ATOM   436 O  "O3'" . DC  C 3 1  ? 3.359   11.342  4.047   1.00 63.12  ? 1   DC  C "O3'" 1 
ATOM   437 C  "C2'" . DC  C 3 1  ? 2.598   9.795   5.734   1.00 78.05  ? 1   DC  C "C2'" 1 
ATOM   438 C  "C1'" . DC  C 3 1  ? 3.578   10.318  6.770   1.00 72.16  ? 1   DC  C "C1'" 1 
ATOM   439 N  N1    . DC  C 3 1  ? 3.587   9.537   8.028   1.00 63.54  ? 1   DC  C N1    1 
ATOM   440 C  C2    . DC  C 3 1  ? 4.790   9.360   8.722   1.00 67.30  ? 1   DC  C C2    1 
ATOM   441 O  O2    . DC  C 3 1  ? 5.828   9.857   8.266   1.00 74.14  ? 1   DC  C O2    1 
ATOM   442 N  N3    . DC  C 3 1  ? 4.782   8.647   9.875   1.00 58.92  ? 1   DC  C N3    1 
ATOM   443 C  C4    . DC  C 3 1  ? 3.640   8.128   10.330  1.00 61.03  ? 1   DC  C C4    1 
ATOM   444 N  N4    . DC  C 3 1  ? 3.680   7.431   11.468  1.00 59.61  ? 1   DC  C N4    1 
ATOM   445 C  C5    . DC  C 3 1  ? 2.404   8.300   9.635   1.00 64.18  ? 1   DC  C C5    1 
ATOM   446 C  C6    . DC  C 3 1  ? 2.425   9.005   8.500   1.00 65.34  ? 1   DC  C C6    1 
ATOM   447 P  P     . DA  C 3 2  ? 3.106   11.191  2.473   1.00 71.38  ? 2   DA  C P     1 
ATOM   448 O  OP1   . DA  C 3 2  ? 3.193   12.542  1.874   1.00 69.90  ? 2   DA  C OP1   1 
ATOM   449 O  OP2   . DA  C 3 2  ? 1.868   10.390  2.315   1.00 66.31  ? 2   DA  C OP2   1 
ATOM   450 O  "O5'" . DA  C 3 2  ? 4.348   10.319  1.986   1.00 67.55  ? 2   DA  C "O5'" 1 
ATOM   451 C  "C5'" . DA  C 3 2  ? 5.648   10.634  2.455   1.00 66.02  ? 2   DA  C "C5'" 1 
ATOM   452 C  "C4'" . DA  C 3 2  ? 6.403   9.370   2.810   1.00 69.69  ? 2   DA  C "C4'" 1 
ATOM   453 O  "O4'" . DA  C 3 2  ? 6.112   8.997   4.170   1.00 73.69  ? 2   DA  C "O4'" 1 
ATOM   454 C  "C3'" . DA  C 3 2  ? 5.996   8.153   2.011   1.00 74.59  ? 2   DA  C "C3'" 1 
ATOM   455 O  "O3'" . DA  C 3 2  ? 6.657   8.123   0.725   1.00 73.81  ? 2   DA  C "O3'" 1 
ATOM   456 C  "C2'" . DA  C 3 2  ? 6.430   7.002   2.916   1.00 68.41  ? 2   DA  C "C2'" 1 
ATOM   457 C  "C1'" . DA  C 3 2  ? 6.360   7.611   4.322   1.00 70.77  ? 2   DA  C "C1'" 1 
ATOM   458 N  N9    . DA  C 3 2  ? 5.309   7.026   5.147   1.00 65.92  ? 2   DA  C N9    1 
ATOM   459 C  C8    . DA  C 3 2  ? 3.987   6.903   4.831   1.00 70.37  ? 2   DA  C C8    1 
ATOM   460 N  N7    . DA  C 3 2  ? 3.270   6.324   5.766   1.00 65.26  ? 2   DA  C N7    1 
ATOM   461 C  C5    . DA  C 3 2  ? 4.191   6.036   6.757   1.00 61.86  ? 2   DA  C C5    1 
ATOM   462 C  C6    . DA  C 3 2  ? 4.070   5.419   8.017   1.00 63.74  ? 2   DA  C C6    1 
ATOM   463 N  N6    . DA  C 3 2  ? 2.909   4.963   8.502   1.00 64.42  ? 2   DA  C N6    1 
ATOM   464 N  N1    . DA  C 3 2  ? 5.187   5.289   8.760   1.00 64.36  ? 2   DA  C N1    1 
ATOM   465 C  C2    . DA  C 3 2  ? 6.345   5.748   8.269   1.00 64.20  ? 2   DA  C C2    1 
ATOM   466 N  N3    . DA  C 3 2  ? 6.583   6.344   7.103   1.00 59.96  ? 2   DA  C N3    1 
ATOM   467 C  C4    . DA  C 3 2  ? 5.456   6.460   6.389   1.00 59.36  ? 2   DA  C C4    1 
ATOM   468 P  P     . DC  C 3 3  ? 8.243   8.365   0.565   1.00 76.99  ? 3   DC  C P     1 
ATOM   469 O  OP1   . DC  C 3 3  ? 8.997   7.510   1.510   1.00 61.52  ? 3   DC  C OP1   1 
ATOM   470 O  OP2   . DC  C 3 3  ? 8.487   9.825   0.541   1.00 77.59  ? 3   DC  C OP2   1 
ATOM   471 O  "O5'" . DC  C 3 3  ? 8.548   7.797   -0.900  1.00 70.19  ? 3   DC  C "O5'" 1 
ATOM   472 C  "C5'" . DC  C 3 3  ? 8.225   6.442   -1.221  1.00 71.94  ? 3   DC  C "C5'" 1 
ATOM   473 C  "C4'" . DC  C 3 3  ? 7.718   6.326   -2.648  1.00 59.69  ? 3   DC  C "C4'" 1 
ATOM   474 O  "O4'" . DC  C 3 3  ? 6.355   6.782   -2.710  1.00 48.26  ? 3   DC  C "O4'" 1 
ATOM   475 C  "C3'" . DC  C 3 3  ? 8.466   7.176   -3.654  1.00 57.30  ? 3   DC  C "C3'" 1 
ATOM   476 O  "O3'" . DC  C 3 3  ? 9.568   6.447   -4.165  1.00 60.76  ? 3   DC  C "O3'" 1 
ATOM   477 C  "C2'" . DC  C 3 3  ? 7.420   7.436   -4.739  1.00 55.34  ? 3   DC  C "C2'" 1 
ATOM   478 C  "C1'" . DC  C 3 3  ? 6.084   7.306   -3.994  1.00 47.52  ? 3   DC  C "C1'" 1 
ATOM   479 N  N1    . DC  C 3 3  ? 5.337   8.599   -3.826  1.00 45.03  ? 3   DC  C N1    1 
ATOM   480 C  C2    . DC  C 3 3  ? 4.866   9.293   -4.950  1.00 51.32  ? 3   DC  C C2    1 
ATOM   481 O  O2    . DC  C 3 3  ? 5.083   8.842   -6.080  1.00 60.64  ? 3   DC  C O2    1 
ATOM   482 N  N3    . DC  C 3 3  ? 4.186   10.452  -4.766  1.00 51.66  ? 3   DC  C N3    1 
ATOM   483 C  C4    . DC  C 3 3  ? 3.967   10.912  -3.534  1.00 49.23  ? 3   DC  C C4    1 
ATOM   484 N  N4    . DC  C 3 3  ? 3.290   12.059  -3.405  1.00 55.82  ? 3   DC  C N4    1 
ATOM   485 C  C5    . DC  C 3 3  ? 4.431   10.218  -2.381  1.00 43.60  ? 3   DC  C C5    1 
ATOM   486 C  C6    . DC  C 3 3  ? 5.101   9.076   -2.572  1.00 48.00  ? 3   DC  C C6    1 
ATOM   487 P  P     . DG  C 3 4  ? 10.958  7.192   -4.470  1.00 83.01  ? 4   DG  C P     1 
ATOM   488 O  OP1   . DG  C 3 4  ? 11.937  6.155   -4.866  1.00 86.01  ? 4   DG  C OP1   1 
ATOM   489 O  OP2   . DG  C 3 4  ? 11.252  8.107   -3.348  1.00 72.19  ? 4   DG  C OP2   1 
ATOM   490 O  "O5'" . DG  C 3 4  ? 10.639  8.072   -5.757  1.00 71.71  ? 4   DG  C "O5'" 1 
ATOM   491 C  "C5'" . DG  C 3 4  ? 10.357  7.429   -6.981  1.00 69.28  ? 4   DG  C "C5'" 1 
ATOM   492 C  "C4'" . DG  C 3 4  ? 9.775   8.413   -7.965  1.00 75.77  ? 4   DG  C "C4'" 1 
ATOM   493 O  "O4'" . DG  C 3 4  ? 8.508   8.889   -7.473  1.00 73.51  ? 4   DG  C "O4'" 1 
ATOM   494 C  "C3'" . DG  C 3 4  ? 10.598  9.670   -8.167  1.00 77.27  ? 4   DG  C "C3'" 1 
ATOM   495 O  "O3'" . DG  C 3 4  ? 11.637  9.412   -9.115  1.00 88.64  ? 4   DG  C "O3'" 1 
ATOM   496 C  "C2'" . DG  C 3 4  ? 9.549   10.649  -8.701  1.00 67.46  ? 4   DG  C "C2'" 1 
ATOM   497 C  "C1'" . DG  C 3 4  ? 8.269   10.190  -7.982  1.00 66.89  ? 4   DG  C "C1'" 1 
ATOM   498 N  N9    . DG  C 3 4  ? 7.867   11.054  -6.873  1.00 63.03  ? 4   DG  C N9    1 
ATOM   499 C  C8    . DG  C 3 4  ? 8.198   10.909  -5.547  1.00 61.47  ? 4   DG  C C8    1 
ATOM   500 N  N7    . DG  C 3 4  ? 7.687   11.834  -4.781  1.00 63.64  ? 4   DG  C N7    1 
ATOM   501 C  C5    . DG  C 3 4  ? 6.971   12.643  -5.655  1.00 58.78  ? 4   DG  C C5    1 
ATOM   502 C  C6    . DG  C 3 4  ? 6.206   13.806  -5.399  1.00 60.54  ? 4   DG  C C6    1 
ATOM   503 O  O6    . DG  C 3 4  ? 6.004   14.368  -4.313  1.00 66.15  ? 4   DG  C O6    1 
ATOM   504 N  N1    . DG  C 3 4  ? 5.644   14.319  -6.566  1.00 57.32  ? 4   DG  C N1    1 
ATOM   505 C  C2    . DG  C 3 4  ? 5.803   13.778  -7.820  1.00 58.40  ? 4   DG  C C2    1 
ATOM   506 N  N2    . DG  C 3 4  ? 5.183   14.415  -8.824  1.00 59.58  ? 4   DG  C N2    1 
ATOM   507 N  N3    . DG  C 3 4  ? 6.517   12.687  -8.072  1.00 55.62  ? 4   DG  C N3    1 
ATOM   508 C  C4    . DG  C 3 4  ? 7.071   12.175  -6.946  1.00 58.16  ? 4   DG  C C4    1 
ATOM   509 P  P     . DT  C 3 5  ? 12.547  10.606  -9.697  1.00 97.75  ? 5   DT  C P     1 
ATOM   510 O  OP1   . DT  C 3 5  ? 13.804  10.008  -10.202 1.00 93.26  ? 5   DT  C OP1   1 
ATOM   511 O  OP2   . DT  C 3 5  ? 12.610  11.685  -8.682  1.00 83.79  ? 5   DT  C OP2   1 
ATOM   512 O  "O5'" . DT  C 3 5  ? 11.722  11.122  -10.965 1.00 88.65  ? 5   DT  C "O5'" 1 
ATOM   513 C  "C5'" . DT  C 3 5  ? 11.784  12.484  -11.346 1.00 85.24  ? 5   DT  C "C5'" 1 
ATOM   514 C  "C4'" . DT  C 3 5  ? 10.434  12.949  -11.851 1.00 83.73  ? 5   DT  C "C4'" 1 
ATOM   515 O  "O4'" . DT  C 3 5  ? 9.540   13.160  -10.726 1.00 76.68  ? 5   DT  C "O4'" 1 
ATOM   516 C  "C3'" . DT  C 3 5  ? 10.448  14.261  -12.621 1.00 90.32  ? 5   DT  C "C3'" 1 
ATOM   517 O  "O3'" . DT  C 3 5  ? 9.459   14.222  -13.629 1.00 99.51  ? 5   DT  C "O3'" 1 
ATOM   518 C  "C2'" . DT  C 3 5  ? 10.104  15.282  -11.544 1.00 79.71  ? 5   DT  C "C2'" 1 
ATOM   519 C  "C1'" . DT  C 3 5  ? 9.102   14.501  -10.710 1.00 75.12  ? 5   DT  C "C1'" 1 
ATOM   520 N  N1    . DT  C 3 5  ? 9.015   14.955  -9.290  1.00 67.01  ? 5   DT  C N1    1 
ATOM   521 C  C2    . DT  C 3 5  ? 8.283   16.082  -8.992  1.00 63.15  ? 5   DT  C C2    1 
ATOM   522 O  O2    . DT  C 3 5  ? 7.694   16.740  -9.834  1.00 70.58  ? 5   DT  C O2    1 
ATOM   523 N  N3    . DT  C 3 5  ? 8.259   16.413  -7.663  1.00 58.70  ? 5   DT  C N3    1 
ATOM   524 C  C4    . DT  C 3 5  ? 8.881   15.750  -6.625  1.00 63.56  ? 5   DT  C C4    1 
ATOM   525 O  O4    . DT  C 3 5  ? 8.801   16.131  -5.459  1.00 64.35  ? 5   DT  C O4    1 
ATOM   526 C  C5    . DT  C 3 5  ? 9.640   14.581  -7.005  1.00 59.11  ? 5   DT  C C5    1 
ATOM   527 C  C7    . DT  C 3 5  ? 10.359  13.785  -5.964  1.00 57.72  ? 5   DT  C C7    1 
ATOM   528 C  C6    . DT  C 3 5  ? 9.672   14.242  -8.303  1.00 63.64  ? 5   DT  C C6    1 
ATOM   529 O  "O5'" . DT  D 4 1  ? -17.119 -13.342 -11.531 1.00 96.36  ? 1   DT  D "O5'" 1 
ATOM   530 C  "C5'" . DT  D 4 1  ? -15.950 -12.560 -11.750 1.00 95.14  ? 1   DT  D "C5'" 1 
ATOM   531 C  "C4'" . DT  D 4 1  ? -16.247 -11.398 -12.680 1.00 94.85  ? 1   DT  D "C4'" 1 
ATOM   532 O  "O4'" . DT  D 4 1  ? -17.354 -10.623 -12.147 1.00 96.39  ? 1   DT  D "O4'" 1 
ATOM   533 C  "C3'" . DT  D 4 1  ? -15.092 -10.417 -12.878 1.00 93.42  ? 1   DT  D "C3'" 1 
ATOM   534 O  "O3'" . DT  D 4 1  ? -15.017 -10.027 -14.242 1.00 102.73 ? 1   DT  D "O3'" 1 
ATOM   535 C  "C2'" . DT  D 4 1  ? -15.469 -9.246  -11.975 1.00 89.14  ? 1   DT  D "C2'" 1 
ATOM   536 C  "C1'" . DT  D 4 1  ? -16.988 -9.265  -12.058 1.00 83.94  ? 1   DT  D "C1'" 1 
ATOM   537 N  N1    . DT  D 4 1  ? -17.653 -8.675  -10.859 1.00 85.99  ? 1   DT  D N1    1 
ATOM   538 C  C2    . DT  D 4 1  ? -18.583 -7.675  -11.027 1.00 86.13  ? 1   DT  D C2    1 
ATOM   539 O  O2    . DT  D 4 1  ? -18.902 -7.237  -12.119 1.00 91.68  ? 1   DT  D O2    1 
ATOM   540 N  N3    . DT  D 4 1  ? -19.130 -7.201  -9.865  1.00 82.04  ? 1   DT  D N3    1 
ATOM   541 C  C4    . DT  D 4 1  ? -18.848 -7.618  -8.578  1.00 84.16  ? 1   DT  D C4    1 
ATOM   542 O  O4    . DT  D 4 1  ? -19.395 -7.128  -7.594  1.00 86.00  ? 1   DT  D O4    1 
ATOM   543 C  C5    . DT  D 4 1  ? -17.863 -8.669  -8.470  1.00 81.05  ? 1   DT  D C5    1 
ATOM   544 C  C7    . DT  D 4 1  ? -17.475 -9.204  -7.125  1.00 76.04  ? 1   DT  D C7    1 
ATOM   545 C  C6    . DT  D 4 1  ? -17.319 -9.142  -9.604  1.00 85.30  ? 1   DT  D C6    1 
ATOM   546 P  P     . DC  D 4 2  ? -13.768 -9.168  -14.776 1.00 106.01 ? 2   DC  D P     1 
ATOM   547 O  OP1   . DC  D 4 2  ? -13.397 -9.713  -16.100 1.00 97.22  ? 2   DC  D OP1   1 
ATOM   548 O  OP2   . DC  D 4 2  ? -12.752 -9.101  -13.702 1.00 111.62 ? 2   DC  D OP2   1 
ATOM   549 O  "O5'" . DC  D 4 2  ? -14.387 -7.712  -15.010 1.00 90.04  ? 2   DC  D "O5'" 1 
ATOM   550 C  "C5'" . DC  D 4 2  ? -15.433 -7.543  -15.952 1.00 89.04  ? 2   DC  D "C5'" 1 
ATOM   551 C  "C4'" . DC  D 4 2  ? -16.151 -6.224  -15.739 1.00 86.78  ? 2   DC  D "C4'" 1 
ATOM   552 O  "O4'" . DC  D 4 2  ? -16.699 -6.170  -14.401 1.00 88.80  ? 2   DC  D "O4'" 1 
ATOM   553 C  "C3'" . DC  D 4 2  ? -15.280 -4.977  -15.897 1.00 88.13  ? 2   DC  D "C3'" 1 
ATOM   554 O  "O3'" . DC  D 4 2  ? -15.877 -4.109  -16.841 1.00 90.83  ? 2   DC  D "O3'" 1 
ATOM   555 C  "C2'" . DC  D 4 2  ? -15.256 -4.358  -14.491 1.00 91.34  ? 2   DC  D "C2'" 1 
ATOM   556 C  "C1'" . DC  D 4 2  ? -16.565 -4.861  -13.912 1.00 85.29  ? 2   DC  D "C1'" 1 
ATOM   557 N  N1    . DC  D 4 2  ? -16.598 -4.914  -12.417 1.00 86.66  ? 2   DC  D N1    1 
ATOM   558 C  C2    . DC  D 4 2  ? -17.453 -4.059  -11.710 1.00 83.92  ? 2   DC  D C2    1 
ATOM   559 O  O2    . DC  D 4 2  ? -18.159 -3.258  -12.337 1.00 82.51  ? 2   DC  D O2    1 
ATOM   560 N  N3    . DC  D 4 2  ? -17.480 -4.130  -10.355 1.00 82.79  ? 2   DC  D N3    1 
ATOM   561 C  C4    . DC  D 4 2  ? -16.704 -5.009  -9.718  1.00 88.90  ? 2   DC  D C4    1 
ATOM   562 N  N4    . DC  D 4 2  ? -16.763 -5.042  -8.382  1.00 92.37  ? 2   DC  D N4    1 
ATOM   563 C  C5    . DC  D 4 2  ? -15.830 -5.890  -10.421 1.00 82.48  ? 2   DC  D C5    1 
ATOM   564 C  C6    . DC  D 4 2  ? -15.812 -5.811  -11.756 1.00 84.21  ? 2   DC  D C6    1 
ATOM   565 P  P     . DT  D 4 3  ? -15.032 -2.907  -17.483 1.00 97.48  ? 3   DT  D P     1 
ATOM   566 O  OP1   . DT  D 4 3  ? -15.574 -2.648  -18.836 1.00 93.45  ? 3   DT  D OP1   1 
ATOM   567 O  OP2   . DT  D 4 3  ? -13.599 -3.231  -17.307 1.00 101.55 ? 3   DT  D OP2   1 
ATOM   568 O  "O5'" . DT  D 4 3  ? -15.396 -1.657  -16.557 1.00 78.17  ? 3   DT  D "O5'" 1 
ATOM   569 C  "C5'" . DT  D 4 3  ? -16.753 -1.362  -16.276 1.00 79.97  ? 3   DT  D "C5'" 1 
ATOM   570 C  "C4'" . DT  D 4 3  ? -16.858 -0.196  -15.313 1.00 87.69  ? 3   DT  D "C4'" 1 
ATOM   571 O  "O4'" . DT  D 4 3  ? -16.867 -0.685  -13.946 1.00 90.25  ? 3   DT  D "O4'" 1 
ATOM   572 C  "C3'" . DT  D 4 3  ? -15.710 0.815   -15.398 1.00 93.59  ? 3   DT  D "C3'" 1 
ATOM   573 O  "O3'" . DT  D 4 3  ? -16.236 2.130   -15.472 1.00 95.58  ? 3   DT  D "O3'" 1 
ATOM   574 C  "C2'" . DT  D 4 3  ? -14.938 0.590   -14.094 1.00 91.82  ? 3   DT  D "C2'" 1 
ATOM   575 C  "C1'" . DT  D 4 3  ? -16.052 0.149   -13.163 1.00 87.57  ? 3   DT  D "C1'" 1 
ATOM   576 N  N1    . DT  D 4 3  ? -15.586 -0.620  -11.970 1.00 83.26  ? 3   DT  D N1    1 
ATOM   577 C  C2    . DT  D 4 3  ? -16.100 -0.311  -10.731 1.00 88.78  ? 3   DT  D C2    1 
ATOM   578 O  O2    . DT  D 4 3  ? -16.924 0.568   -10.551 1.00 88.26  ? 3   DT  D O2    1 
ATOM   579 N  N3    . DT  D 4 3  ? -15.618 -1.077  -9.703  1.00 85.03  ? 3   DT  D N3    1 
ATOM   580 C  C4    . DT  D 4 3  ? -14.690 -2.098  -9.785  1.00 86.75  ? 3   DT  D C4    1 
ATOM   581 O  O4    . DT  D 4 3  ? -14.318 -2.728  -8.799  1.00 84.36  ? 3   DT  D O4    1 
ATOM   582 C  C5    . DT  D 4 3  ? -14.188 -2.370  -11.112 1.00 86.99  ? 3   DT  D C5    1 
ATOM   583 C  C7    . DT  D 4 3  ? -13.176 -3.457  -11.326 1.00 78.99  ? 3   DT  D C7    1 
ATOM   584 C  C6    . DT  D 4 3  ? -14.655 -1.627  -12.129 1.00 85.41  ? 3   DT  D C6    1 
ATOM   585 P  P     . DG  D 4 4  ? -15.578 3.210   -16.463 1.00 103.13 ? 4   DG  D P     1 
ATOM   586 O  OP1   . DG  D 4 4  ? -16.489 3.381   -17.618 1.00 92.46  ? 4   DG  D OP1   1 
ATOM   587 O  OP2   . DG  D 4 4  ? -14.173 2.814   -16.698 1.00 106.67 ? 4   DG  D OP2   1 
ATOM   588 O  "O5'" . DG  D 4 4  ? -15.586 4.558   -15.602 1.00 95.39  ? 4   DG  D "O5'" 1 
ATOM   589 C  "C5'" . DG  D 4 4  ? -16.821 5.176   -15.281 1.00 88.11  ? 4   DG  D "C5'" 1 
ATOM   590 C  "C4'" . DG  D 4 4  ? -16.837 5.646   -13.838 1.00 86.67  ? 4   DG  D "C4'" 1 
ATOM   591 O  "O4'" . DG  D 4 4  ? -16.439 4.563   -12.962 1.00 89.73  ? 4   DG  D "O4'" 1 
ATOM   592 C  "C3'" . DG  D 4 4  ? -15.904 6.819   -13.521 1.00 89.30  ? 4   DG  D "C3'" 1 
ATOM   593 O  "O3'" . DG  D 4 4  ? -16.641 7.836   -12.856 1.00 91.69  ? 4   DG  D "O3'" 1 
ATOM   594 C  "C2'" . DG  D 4 4  ? -14.832 6.201   -12.614 1.00 89.43  ? 4   DG  D "C2'" 1 
ATOM   595 C  "C1'" . DG  D 4 4  ? -15.604 5.074   -11.953 1.00 92.57  ? 4   DG  D "C1'" 1 
ATOM   596 N  N9    . DG  D 4 4  ? -14.770 3.981   -11.459 1.00 91.71  ? 4   DG  D N9    1 
ATOM   597 C  C8    . DG  D 4 4  ? -13.919 3.193   -12.194 1.00 87.26  ? 4   DG  D C8    1 
ATOM   598 N  N7    . DG  D 4 4  ? -13.316 2.279   -11.487 1.00 82.57  ? 4   DG  D N7    1 
ATOM   599 C  C5    . DG  D 4 4  ? -13.800 2.468   -10.199 1.00 76.50  ? 4   DG  D C5    1 
ATOM   600 C  C6    . DG  D 4 4  ? -13.505 1.772   -9.004  1.00 80.08  ? 4   DG  D C6    1 
ATOM   601 O  O6    . DG  D 4 4  ? -12.732 0.819   -8.842  1.00 83.58  ? 4   DG  D O6    1 
ATOM   602 N  N1    . DG  D 4 4  ? -14.215 2.285   -7.919  1.00 76.28  ? 4   DG  D N1    1 
ATOM   603 C  C2    . DG  D 4 4  ? -15.097 3.336   -7.985  1.00 80.83  ? 4   DG  D C2    1 
ATOM   604 N  N2    . DG  D 4 4  ? -15.687 3.689   -6.833  1.00 77.86  ? 4   DG  D N2    1 
ATOM   605 N  N3    . DG  D 4 4  ? -15.383 3.998   -9.100  1.00 84.90  ? 4   DG  D N3    1 
ATOM   606 C  C4    . DG  D 4 4  ? -14.700 3.510   -10.165 1.00 83.52  ? 4   DG  D C4    1 
ATOM   607 P  P     . DA  D 4 5  ? -15.922 9.190   -12.378 1.00 103.05 ? 5   DA  D P     1 
ATOM   608 O  OP1   . DA  D 4 5  ? -16.938 10.266  -12.393 1.00 83.48  ? 5   DA  D OP1   1 
ATOM   609 O  OP2   . DA  D 4 5  ? -14.669 9.345   -13.151 1.00 93.54  ? 5   DA  D OP2   1 
ATOM   610 O  "O5'" . DA  D 4 5  ? -15.535 8.891   -10.860 1.00 95.23  ? 5   DA  D "O5'" 1 
ATOM   611 C  "C5'" . DA  D 4 5  ? -16.544 8.500   -9.939  1.00 96.09  ? 5   DA  D "C5'" 1 
ATOM   612 C  "C4'" . DA  D 4 5  ? -16.046 8.615   -8.510  1.00 92.79  ? 5   DA  D "C4'" 1 
ATOM   613 O  "O4'" . DA  D 4 5  ? -15.265 7.441   -8.166  1.00 96.36  ? 5   DA  D "O4'" 1 
ATOM   614 C  "C3'" . DA  D 4 5  ? -15.146 9.812   -8.231  1.00 86.99  ? 5   DA  D "C3'" 1 
ATOM   615 O  "O3'" . DA  D 4 5  ? -15.367 10.278  -6.911  1.00 90.26  ? 5   DA  D "O3'" 1 
ATOM   616 C  "C2'" . DA  D 4 5  ? -13.746 9.224   -8.391  1.00 88.80  ? 5   DA  D "C2'" 1 
ATOM   617 C  "C1'" . DA  D 4 5  ? -13.940 7.817   -7.843  1.00 89.78  ? 5   DA  D "C1'" 1 
ATOM   618 N  N9    . DA  D 4 5  ? -13.039 6.832   -8.433  1.00 81.19  ? 5   DA  D N9    1 
ATOM   619 C  C8    . DA  D 4 5  ? -12.625 6.769   -9.733  1.00 83.17  ? 5   DA  D C8    1 
ATOM   620 N  N7    . DA  D 4 5  ? -11.820 5.764   -9.984  1.00 81.49  ? 5   DA  D N7    1 
ATOM   621 C  C5    . DA  D 4 5  ? -11.702 5.121   -8.765  1.00 76.32  ? 5   DA  D C5    1 
ATOM   622 C  C6    . DA  D 4 5  ? -10.985 3.977   -8.360  1.00 75.93  ? 5   DA  D C6    1 
ATOM   623 N  N6    . DA  D 4 5  ? -10.221 3.256   -9.187  1.00 77.31  ? 5   DA  D N6    1 
ATOM   624 N  N1    . DA  D 4 5  ? -11.083 3.603   -7.068  1.00 72.59  ? 5   DA  D N1    1 
ATOM   625 C  C2    . DA  D 4 5  ? -11.848 4.328   -6.243  1.00 76.22  ? 5   DA  D C2    1 
ATOM   626 N  N3    . DA  D 4 5  ? -12.567 5.418   -6.507  1.00 75.91  ? 5   DA  D N3    1 
ATOM   627 C  C4    . DA  D 4 5  ? -12.449 5.765   -7.797  1.00 74.93  ? 5   DA  D C4    1 
ATOM   628 P  P     . DG  D 4 6  ? -15.137 11.826  -6.554  1.00 109.61 ? 6   DG  D P     1 
ATOM   629 O  OP1   . DG  D 4 6  ? -16.416 12.373  -6.050  1.00 107.93 ? 6   DG  D OP1   1 
ATOM   630 O  OP2   . DG  D 4 6  ? -14.472 12.451  -7.718  1.00 99.96  ? 6   DG  D OP2   1 
ATOM   631 O  "O5'" . DG  D 4 6  ? -14.085 11.782  -5.351  1.00 105.18 ? 6   DG  D "O5'" 1 
ATOM   632 C  "C5'" . DG  D 4 6  ? -12.877 11.051  -5.496  1.00 98.47  ? 6   DG  D "C5'" 1 
ATOM   633 C  "C4'" . DG  D 4 6  ? -12.666 10.116  -4.321  1.00 89.32  ? 6   DG  D "C4'" 1 
ATOM   634 O  "O4'" . DG  D 4 6  ? -12.294 8.802   -4.812  1.00 84.90  ? 6   DG  D "O4'" 1 
ATOM   635 C  "C3'" . DG  D 4 6  ? -11.553 10.536  -3.373  1.00 83.26  ? 6   DG  D "C3'" 1 
ATOM   636 O  "O3'" . DG  D 4 6  ? -11.849 10.128  -2.049  1.00 84.49  ? 6   DG  D "O3'" 1 
ATOM   637 C  "C2'" . DG  D 4 6  ? -10.342 9.797   -3.929  1.00 81.25  ? 6   DG  D "C2'" 1 
ATOM   638 C  "C1'" . DG  D 4 6  ? -10.961 8.501   -4.443  1.00 80.75  ? 6   DG  D "C1'" 1 
ATOM   639 N  N9    . DG  D 4 6  ? -10.269 7.959   -5.609  1.00 73.10  ? 6   DG  D N9    1 
ATOM   640 C  C8    . DG  D 4 6  ? -10.248 8.490   -6.875  1.00 75.20  ? 6   DG  D C8    1 
ATOM   641 N  N7    . DG  D 4 6  ? -9.541  7.792   -7.719  1.00 78.59  ? 6   DG  D N7    1 
ATOM   642 C  C5    . DG  D 4 6  ? -9.061  6.729   -6.965  1.00 67.46  ? 6   DG  D C5    1 
ATOM   643 C  C6    . DG  D 4 6  ? -8.235  5.642   -7.343  1.00 64.68  ? 6   DG  D C6    1 
ATOM   644 O  O6    . DG  D 4 6  ? -7.750  5.398   -8.456  1.00 69.41  ? 6   DG  D O6    1 
ATOM   645 N  N1    . DG  D 4 6  ? -7.986  4.788   -6.272  1.00 61.51  ? 6   DG  D N1    1 
ATOM   646 C  C2    . DG  D 4 6  ? -8.472  4.962   -4.998  1.00 69.60  ? 6   DG  D C2    1 
ATOM   647 N  N2    . DG  D 4 6  ? -8.121  4.032   -4.098  1.00 70.39  ? 6   DG  D N2    1 
ATOM   648 N  N3    . DG  D 4 6  ? -9.246  5.976   -4.631  1.00 72.46  ? 6   DG  D N3    1 
ATOM   649 C  C4    . DG  D 4 6  ? -9.499  6.817   -5.663  1.00 69.65  ? 6   DG  D C4    1 
ATOM   650 P  P     . DT  D 4 7  ? -10.976 10.699  -0.828  1.00 98.70  ? 7   DT  D P     1 
ATOM   651 O  OP1   . DT  D 4 7  ? -11.796 10.601  0.399   1.00 93.06  ? 7   DT  D OP1   1 
ATOM   652 O  OP2   . DT  D 4 7  ? -10.440 12.013  -1.249  1.00 97.00  ? 7   DT  D OP2   1 
ATOM   653 O  "O5'" . DT  D 4 7  ? -9.744  9.681   -0.727  1.00 87.33  ? 7   DT  D "O5'" 1 
ATOM   654 C  "C5'" . DT  D 4 7  ? -9.986  8.299   -0.497  1.00 81.55  ? 7   DT  D "C5'" 1 
ATOM   655 C  "C4'" . DT  D 4 7  ? -8.686  7.546   -0.268  1.00 82.00  ? 7   DT  D "C4'" 1 
ATOM   656 O  "O4'" . DT  D 4 7  ? -8.170  7.053   -1.532  1.00 78.59  ? 7   DT  D "O4'" 1 
ATOM   657 C  "C3'" . DT  D 4 7  ? -7.557  8.362   0.364   1.00 75.94  ? 7   DT  D "C3'" 1 
ATOM   658 O  "O3'" . DT  D 4 7  ? -6.925  7.586   1.371   1.00 68.77  ? 7   DT  D "O3'" 1 
ATOM   659 C  "C2'" . DT  D 4 7  ? -6.617  8.630   -0.814  1.00 71.18  ? 7   DT  D "C2'" 1 
ATOM   660 C  "C1'" . DT  D 4 7  ? -6.800  7.367   -1.631  1.00 69.73  ? 7   DT  D "C1'" 1 
ATOM   661 N  N1    . DT  D 4 7  ? -6.466  7.527   -3.069  1.00 62.77  ? 7   DT  D N1    1 
ATOM   662 C  C2    . DT  D 4 7  ? -5.676  6.585   -3.683  1.00 64.10  ? 7   DT  D C2    1 
ATOM   663 O  O2    . DT  D 4 7  ? -5.221  5.615   -3.105  1.00 64.04  ? 7   DT  D O2    1 
ATOM   664 N  N3    . DT  D 4 7  ? -5.434  6.818   -5.011  1.00 61.85  ? 7   DT  D N3    1 
ATOM   665 C  C4    . DT  D 4 7  ? -5.896  7.877   -5.769  1.00 66.21  ? 7   DT  D C4    1 
ATOM   666 O  O4    . DT  D 4 7  ? -5.624  8.001   -6.959  1.00 70.86  ? 7   DT  D O4    1 
ATOM   667 C  C5    . DT  D 4 7  ? -6.721  8.829   -5.064  1.00 66.01  ? 7   DT  D C5    1 
ATOM   668 C  C7    . DT  D 4 7  ? -7.277  10.021  -5.784  1.00 70.51  ? 7   DT  D C7    1 
ATOM   669 C  C6    . DT  D 4 7  ? -6.964  8.611   -3.763  1.00 63.65  ? 7   DT  D C6    1 
ATOM   670 P  P     . DG  D 4 8  ? -5.720  8.189   2.245   1.00 71.42  ? 8   DG  D P     1 
ATOM   671 O  OP1   . DG  D 4 8  ? -6.013  7.851   3.655   1.00 68.37  ? 8   DG  D OP1   1 
ATOM   672 O  OP2   . DG  D 4 8  ? -5.496  9.602   1.865   1.00 74.65  ? 8   DG  D OP2   1 
ATOM   673 O  "O5'" . DG  D 4 8  ? -4.454  7.330   1.778   1.00 64.26  ? 8   DG  D "O5'" 1 
ATOM   674 C  "C5'" . DG  D 4 8  ? -4.472  5.919   1.941   1.00 66.96  ? 8   DG  D "C5'" 1 
ATOM   675 C  "C4'" . DG  D 4 8  ? -3.221  5.277   1.367   1.00 65.75  ? 8   DG  D "C4'" 1 
ATOM   676 O  "O4'" . DG  D 4 8  ? -3.188  5.454   -0.072  1.00 62.20  ? 8   DG  D "O4'" 1 
ATOM   677 C  "C3'" . DG  D 4 8  ? -1.899  5.834   1.885   1.00 61.58  ? 8   DG  D "C3'" 1 
ATOM   678 O  "O3'" . DG  D 4 8  ? -0.959  4.777   1.991   1.00 59.97  ? 8   DG  D "O3'" 1 
ATOM   679 C  "C2'" . DG  D 4 8  ? -1.504  6.826   0.793   1.00 57.93  ? 8   DG  D "C2'" 1 
ATOM   680 C  "C1'" . DG  D 4 8  ? -1.988  6.096   -0.447  1.00 54.78  ? 8   DG  D "C1'" 1 
ATOM   681 N  N9    . DG  D 4 8  ? -2.284  6.965   -1.582  1.00 55.82  ? 8   DG  D N9    1 
ATOM   682 C  C8    . DG  D 4 8  ? -3.063  8.097   -1.583  1.00 63.62  ? 8   DG  D C8    1 
ATOM   683 N  N7    . DG  D 4 8  ? -3.168  8.653   -2.760  1.00 60.24  ? 8   DG  D N7    1 
ATOM   684 C  C5    . DG  D 4 8  ? -2.419  7.832   -3.592  1.00 54.10  ? 8   DG  D C5    1 
ATOM   685 C  C6    . DG  D 4 8  ? -2.163  7.927   -4.981  1.00 61.29  ? 8   DG  D C6    1 
ATOM   686 O  O6    . DG  D 4 8  ? -2.562  8.788   -5.779  1.00 66.70  ? 8   DG  D O6    1 
ATOM   687 N  N1    . DG  D 4 8  ? -1.354  6.885   -5.429  1.00 58.50  ? 8   DG  D N1    1 
ATOM   688 C  C2    . DG  D 4 8  ? -0.854  5.880   -4.633  1.00 58.17  ? 8   DG  D C2    1 
ATOM   689 N  N2    . DG  D 4 8  ? -0.092  4.961   -5.244  1.00 57.60  ? 8   DG  D N2    1 
ATOM   690 N  N3    . DG  D 4 8  ? -1.087  5.779   -3.333  1.00 54.08  ? 8   DG  D N3    1 
ATOM   691 C  C4    . DG  D 4 8  ? -1.874  6.786   -2.882  1.00 54.07  ? 8   DG  D C4    1 
ATOM   692 P  P     . DT  D 4 9  ? 0.458   5.017   2.703   1.00 61.45  ? 9   DT  D P     1 
ATOM   693 O  OP1   . DT  D 4 9  ? 0.716   3.845   3.567   1.00 61.77  ? 9   DT  D OP1   1 
ATOM   694 O  OP2   . DT  D 4 9  ? 0.462   6.378   3.284   1.00 66.15  ? 9   DT  D OP2   1 
ATOM   695 O  "O5'" . DT  D 4 9  ? 1.501   4.990   1.491   1.00 58.56  ? 9   DT  D "O5'" 1 
ATOM   696 C  "C5'" . DT  D 4 9  ? 1.868   3.750   0.902   1.00 53.61  ? 9   DT  D "C5'" 1 
ATOM   697 C  "C4'" . DT  D 4 9  ? 2.856   3.970   -0.226  1.00 55.65  ? 9   DT  D "C4'" 1 
ATOM   698 O  "O4'" . DT  D 4 9  ? 2.238   4.790   -1.247  1.00 62.68  ? 9   DT  D "O4'" 1 
ATOM   699 C  "C3'" . DT  D 4 9  ? 4.151   4.686   0.180   1.00 55.87  ? 9   DT  D "C3'" 1 
ATOM   700 O  "O3'" . DT  D 4 9  ? 5.284   3.996   -0.352  1.00 50.95  ? 9   DT  D "O3'" 1 
ATOM   701 C  "C2'" . DT  D 4 9  ? 3.998   6.080   -0.431  1.00 55.05  ? 9   DT  D "C2'" 1 
ATOM   702 C  "C1'" . DT  D 4 9  ? 3.137   5.791   -1.649  1.00 51.97  ? 9   DT  D "C1'" 1 
ATOM   703 N  N1    . DT  D 4 9  ? 2.352   6.968   -2.126  1.00 47.88  ? 9   DT  D N1    1 
ATOM   704 C  C2    . DT  D 4 9  ? 2.301   7.239   -3.471  1.00 54.33  ? 9   DT  D C2    1 
ATOM   705 O  O2    . DT  D 4 9  ? 2.869   6.562   -4.308  1.00 59.59  ? 9   DT  D O2    1 
ATOM   706 N  N3    . DT  D 4 9  ? 1.556   8.338   -3.809  1.00 49.23  ? 9   DT  D N3    1 
ATOM   707 C  C4    . DT  D 4 9  ? 0.871   9.177   -2.949  1.00 49.92  ? 9   DT  D C4    1 
ATOM   708 O  O4    . DT  D 4 9  ? 0.228   10.143  -3.347  1.00 55.17  ? 9   DT  D O4    1 
ATOM   709 C  C5    . DT  D 4 9  ? 0.965   8.837   -1.552  1.00 45.47  ? 9   DT  D C5    1 
ATOM   710 C  C7    . DT  D 4 9  ? 0.264   9.675   -0.526  1.00 46.61  ? 9   DT  D C7    1 
ATOM   711 C  C6    . DT  D 4 9  ? 1.692   7.762   -1.210  1.00 49.88  ? 9   DT  D C6    1 
ATOM   712 P  P     . DG  D 4 10 ? 5.785   2.624   0.321   1.00 67.77  ? 10  DG  D P     1 
ATOM   713 O  OP1   . DG  D 4 10 ? 5.790   1.586   -0.730  1.00 78.79  ? 10  DG  D OP1   1 
ATOM   714 O  OP2   . DG  D 4 10 ? 5.000   2.420   1.557   1.00 79.11  ? 10  DG  D OP2   1 
ATOM   715 O  "O5'" . DG  D 4 10 ? 7.295   2.920   0.764   1.00 69.26  ? 10  DG  D "O5'" 1 
ATOM   716 C  "C5'" . DG  D 4 10 ? 7.605   4.130   1.429   1.00 71.81  ? 10  DG  D "C5'" 1 
ATOM   717 C  "C4'" . DG  D 4 10 ? 8.680   3.934   2.486   1.00 66.65  ? 10  DG  D "C4'" 1 
ATOM   718 O  "O4'" . DG  D 4 10 ? 8.280   4.626   3.696   1.00 69.25  ? 10  DG  D "O4'" 1 
ATOM   719 C  "C3'" . DG  D 4 10 ? 8.931   2.493   2.906   1.00 69.37  ? 10  DG  D "C3'" 1 
ATOM   720 O  "O3'" . DG  D 4 10 ? 9.980   1.939   2.123   1.00 73.76  ? 10  DG  D "O3'" 1 
ATOM   721 C  "C2'" . DG  D 4 10 ? 9.356   2.641   4.361   1.00 60.95  ? 10  DG  D "C2'" 1 
ATOM   722 C  "C1'" . DG  D 4 10 ? 8.499   3.806   4.826   1.00 65.72  ? 10  DG  D "C1'" 1 
ATOM   723 N  N9    . DG  D 4 10 ? 7.205   3.400   5.367   1.00 66.39  ? 10  DG  D N9    1 
ATOM   724 C  C8    . DG  D 4 10 ? 5.986   3.479   4.740   1.00 66.29  ? 10  DG  D C8    1 
ATOM   725 N  N7    . DG  D 4 10 ? 4.997   3.047   5.472   1.00 63.34  ? 10  DG  D N7    1 
ATOM   726 C  C5    . DG  D 4 10 ? 5.598   2.656   6.660   1.00 57.32  ? 10  DG  D C5    1 
ATOM   727 C  C6    . DG  D 4 10 ? 5.025   2.106   7.832   1.00 63.49  ? 10  DG  D C6    1 
ATOM   728 O  O6    . DG  D 4 10 ? 3.835   1.848   8.055   1.00 66.45  ? 10  DG  D O6    1 
ATOM   729 N  N1    . DG  D 4 10 ? 5.988   1.852   8.806   1.00 55.99  ? 10  DG  D N1    1 
ATOM   730 C  C2    . DG  D 4 10 ? 7.332   2.099   8.664   1.00 61.63  ? 10  DG  D C2    1 
ATOM   731 N  N2    . DG  D 4 10 ? 8.107   1.787   9.714   1.00 65.96  ? 10  DG  D N2    1 
ATOM   732 N  N3    . DG  D 4 10 ? 7.883   2.615   7.571   1.00 61.22  ? 10  DG  D N3    1 
ATOM   733 C  C4    . DG  D 4 10 ? 6.957   2.867   6.613   1.00 60.36  ? 10  DG  D C4    1 
ATOM   734 P  P     . DG  D 4 11 ? 10.097  0.347   1.933   1.00 80.69  ? 11  DG  D P     1 
ATOM   735 O  OP1   . DG  D 4 11 ? 11.317  0.090   1.135   1.00 74.73  ? 11  DG  D OP1   1 
ATOM   736 O  OP2   . DG  D 4 11 ? 8.786   -0.142  1.451   1.00 58.49  ? 11  DG  D OP2   1 
ATOM   737 O  "O5'" . DG  D 4 11 ? 10.321  -0.214  3.420   1.00 72.55  ? 11  DG  D "O5'" 1 
ATOM   738 C  "C5'" . DG  D 4 11 ? 11.574  -0.016  4.083   1.00 72.78  ? 11  DG  D "C5'" 1 
ATOM   739 C  "C4'" . DG  D 4 11 ? 11.469  -0.364  5.562   1.00 74.58  ? 11  DG  D "C4'" 1 
ATOM   740 O  "O4'" . DG  D 4 11 ? 10.248  0.177   6.095   1.00 65.40  ? 11  DG  D "O4'" 1 
ATOM   741 C  "C3'" . DG  D 4 11 ? 11.404  -1.850  5.861   1.00 77.50  ? 11  DG  D "C3'" 1 
ATOM   742 O  "O3'" . DG  D 4 11 ? 12.720  -2.355  6.043   1.00 85.63  ? 11  DG  D "O3'" 1 
ATOM   743 C  "C2'" . DG  D 4 11 ? 10.595  -1.924  7.162   1.00 65.22  ? 11  DG  D "C2'" 1 
ATOM   744 C  "C1'" . DG  D 4 11 ? 9.812   -0.608  7.185   1.00 59.28  ? 11  DG  D "C1'" 1 
ATOM   745 N  N9    . DG  D 4 11 ? 8.362   -0.765  7.081   1.00 61.29  ? 11  DG  D N9    1 
ATOM   746 C  C8    . DG  D 4 11 ? 7.580   -0.472  5.989   1.00 63.39  ? 11  DG  D C8    1 
ATOM   747 N  N7    . DG  D 4 11 ? 6.310   -0.692  6.183   1.00 60.60  ? 11  DG  D N7    1 
ATOM   748 C  C5    . DG  D 4 11 ? 6.241   -1.158  7.488   1.00 57.60  ? 11  DG  D C5    1 
ATOM   749 C  C6    . DG  D 4 11 ? 5.119   -1.559  8.252   1.00 64.97  ? 11  DG  D C6    1 
ATOM   750 O  O6    . DG  D 4 11 ? 3.928   -1.582  7.909   1.00 67.21  ? 11  DG  D O6    1 
ATOM   751 N  N1    . DG  D 4 11 ? 5.484   -1.963  9.533   1.00 63.74  ? 11  DG  D N1    1 
ATOM   752 C  C2    . DG  D 4 11 ? 6.772   -1.976  10.016  1.00 64.48  ? 11  DG  D C2    1 
ATOM   753 N  N2    . DG  D 4 11 ? 6.928   -2.400  11.278  1.00 60.53  ? 11  DG  D N2    1 
ATOM   754 N  N3    . DG  D 4 11 ? 7.834   -1.602  9.310   1.00 62.79  ? 11  DG  D N3    1 
ATOM   755 C  C4    . DG  D 4 11 ? 7.494   -1.206  8.060   1.00 57.68  ? 11  DG  D C4    1 
ATOM   756 P  P     . DT  D 4 12 ? 13.012  -3.927  5.890   1.00 102.19 ? 12  DT  D P     1 
ATOM   757 O  OP1   . DT  D 4 12 ? 14.479  -4.104  5.788   1.00 86.59  ? 12  DT  D OP1   1 
ATOM   758 O  OP2   . DT  D 4 12 ? 12.124  -4.444  4.824   1.00 90.51  ? 12  DT  D OP2   1 
ATOM   759 O  "O5'" . DT  D 4 12 ? 12.518  -4.540  7.278   1.00 68.75  ? 12  DT  D "O5'" 1 
ATOM   760 C  "C5'" . DT  D 4 12 ? 13.063  -4.059  8.496   1.00 65.38  ? 12  DT  D "C5'" 1 
ATOM   761 C  "C4'" . DT  D 4 12 ? 12.307  -4.624  9.681   1.00 78.76  ? 12  DT  D "C4'" 1 
ATOM   762 O  "O4'" . DT  D 4 12 ? 10.903  -4.253  9.591   1.00 75.41  ? 12  DT  D "O4'" 1 
ATOM   763 C  "C3'" . DT  D 4 12 ? 12.326  -6.146  9.794   1.00 83.07  ? 12  DT  D "C3'" 1 
ATOM   764 O  "O3'" . DT  D 4 12 ? 12.394  -6.512  11.160  1.00 84.52  ? 12  DT  D "O3'" 1 
ATOM   765 C  "C2'" . DT  D 4 12 ? 10.985  -6.538  9.183   1.00 79.39  ? 12  DT  D "C2'" 1 
ATOM   766 C  "C1'" . DT  D 4 12 ? 10.112  -5.414  9.709   1.00 69.83  ? 12  DT  D "C1'" 1 
ATOM   767 N  N1    . DT  D 4 12 ? 8.848   -5.218  8.942   1.00 63.38  ? 12  DT  D N1    1 
ATOM   768 C  C2    . DT  D 4 12 ? 7.641   -5.390  9.581   1.00 66.88  ? 12  DT  D C2    1 
ATOM   769 O  O2    . DT  D 4 12 ? 7.545   -5.699  10.754  1.00 73.39  ? 12  DT  D O2    1 
ATOM   770 N  N3    . DT  D 4 12 ? 6.540   -5.184  8.791   1.00 63.19  ? 12  DT  D N3    1 
ATOM   771 C  C4    . DT  D 4 12 ? 6.528   -4.831  7.454   1.00 62.99  ? 12  DT  D C4    1 
ATOM   772 O  O4    . DT  D 4 12 ? 5.485   -4.668  6.827   1.00 61.45  ? 12  DT  D O4    1 
ATOM   773 C  C5    . DT  D 4 12 ? 7.828   -4.669  6.846   1.00 59.00  ? 12  DT  D C5    1 
ATOM   774 C  C7    . DT  D 4 12 ? 7.942   -4.286  5.401   1.00 62.31  ? 12  DT  D C7    1 
ATOM   775 C  C6    . DT  D 4 12 ? 8.911   -4.870  7.610   1.00 60.96  ? 12  DT  D C6    1 
ATOM   776 P  P     . DC  D 4 13 ? 12.764  -8.014  11.586  1.00 94.46  ? 13  DC  D P     1 
ATOM   777 O  OP1   . DC  D 4 13 ? 14.021  -7.944  12.362  1.00 93.61  ? 13  DC  D OP1   1 
ATOM   778 O  OP2   . DC  D 4 13 ? 12.693  -8.875  10.384  1.00 85.05  ? 13  DC  D OP2   1 
ATOM   779 O  "O5'" . DC  D 4 13 ? 11.572  -8.431  12.566  1.00 74.15  ? 13  DC  D "O5'" 1 
ATOM   780 C  "C5'" . DC  D 4 13 ? 10.233  -8.143  12.204  1.00 65.17  ? 13  DC  D "C5'" 1 
ATOM   781 C  "C4'" . DC  D 4 13 ? 9.259   -8.761  13.185  1.00 78.93  ? 13  DC  D "C4'" 1 
ATOM   782 O  "O4'" . DC  D 4 13 ? 7.912   -8.561  12.702  1.00 82.54  ? 13  DC  D "O4'" 1 
ATOM   783 C  "C3'" . DC  D 4 13 ? 9.375   -10.261 13.335  1.00 82.55  ? 13  DC  D "C3'" 1 
ATOM   784 O  "O3'" . DC  D 4 13 ? 8.731   -10.666 14.537  1.00 82.22  ? 13  DC  D "O3'" 1 
ATOM   785 C  "C2'" . DC  D 4 13 ? 8.617   -10.743 12.104  1.00 78.48  ? 13  DC  D "C2'" 1 
ATOM   786 C  "C1'" . DC  D 4 13 ? 7.473   -9.727  12.021  1.00 76.92  ? 13  DC  D "C1'" 1 
ATOM   787 N  N1    . DC  D 4 13 ? 7.093   -9.331  10.624  1.00 72.94  ? 13  DC  D N1    1 
ATOM   788 C  C2    . DC  D 4 13 ? 5.739   -9.225  10.284  1.00 71.81  ? 13  DC  D C2    1 
ATOM   789 O  O2    . DC  D 4 13 ? 4.883   -9.480  11.138  1.00 73.70  ? 13  DC  D O2    1 
ATOM   790 N  N3    . DC  D 4 13 ? 5.406   -8.849  9.025   1.00 68.07  ? 13  DC  D N3    1 
ATOM   791 C  C4    . DC  D 4 13 ? 6.360   -8.581  8.133   1.00 67.88  ? 13  DC  D C4    1 
ATOM   792 N  N4    . DC  D 4 13 ? 5.981   -8.213  6.903   1.00 71.79  ? 13  DC  D N4    1 
ATOM   793 C  C5    . DC  D 4 13 ? 7.745   -8.677  8.461   1.00 65.80  ? 13  DC  D C5    1 
ATOM   794 C  C6    . DC  D 4 13 ? 8.062   -9.049  9.706   1.00 73.56  ? 13  DC  D C6    1 
ATOM   795 P  P     . DT  D 4 14 ? 8.695   -12.214 14.964  1.00 91.19  ? 14  DT  D P     1 
ATOM   796 O  OP1   . DT  D 4 14 ? 8.630   -12.261 16.442  1.00 89.64  ? 14  DT  D OP1   1 
ATOM   797 O  OP2   . DT  D 4 14 ? 9.783   -12.918 14.250  1.00 79.62  ? 14  DT  D OP2   1 
ATOM   798 O  "O5'" . DT  D 4 14 ? 7.306   -12.739 14.374  1.00 76.07  ? 14  DT  D "O5'" 1 
ATOM   799 C  "C5'" . DT  D 4 14 ? 6.085   -12.115 14.757  1.00 74.89  ? 14  DT  D "C5'" 1 
ATOM   800 C  "C4'" . DT  D 4 14 ? 4.891   -12.908 14.251  1.00 76.12  ? 14  DT  D "C4'" 1 
ATOM   801 O  "O4'" . DT  D 4 14 ? 4.550   -12.484 12.904  1.00 73.35  ? 14  DT  D "O4'" 1 
ATOM   802 C  "C3'" . DT  D 4 14 ? 5.104   -14.413 14.165  1.00 80.56  ? 14  DT  D "C3'" 1 
ATOM   803 O  "O3'" . DT  D 4 14 ? 3.880   -15.083 14.434  1.00 79.97  ? 14  DT  D "O3'" 1 
ATOM   804 C  "C2'" . DT  D 4 14 ? 5.536   -14.601 12.714  1.00 87.05  ? 14  DT  D "C2'" 1 
ATOM   805 C  "C1'" . DT  D 4 14 ? 4.648   -13.584 12.017  1.00 72.37  ? 14  DT  D "C1'" 1 
ATOM   806 N  N1    . DT  D 4 14 ? 5.188   -13.081 10.721  1.00 74.14  ? 14  DT  D N1    1 
ATOM   807 C  C2    . DT  D 4 14 ? 4.308   -12.653 9.758   1.00 72.84  ? 14  DT  D C2    1 
ATOM   808 O  O2    . DT  D 4 14 ? 3.100   -12.683 9.901   1.00 73.10  ? 14  DT  D O2    1 
ATOM   809 N  N3    . DT  D 4 14 ? 4.893   -12.188 8.612   1.00 78.00  ? 14  DT  D N3    1 
ATOM   810 C  C4    . DT  D 4 14 ? 6.243   -12.104 8.336   1.00 79.35  ? 14  DT  D C4    1 
ATOM   811 O  O4    . DT  D 4 14 ? 6.671   -11.670 7.272   1.00 84.41  ? 14  DT  D O4    1 
ATOM   812 C  C5    . DT  D 4 14 ? 7.117   -12.564 9.387   1.00 77.69  ? 14  DT  D C5    1 
ATOM   813 C  C7    . DT  D 4 14 ? 8.604   -12.522 9.193   1.00 81.33  ? 14  DT  D C7    1 
ATOM   814 C  C6    . DT  D 4 14 ? 6.555   -13.023 10.521  1.00 78.35  ? 14  DT  D C6    1 
ATOM   815 P  P     . DG  D 4 15 ? 3.803   -16.186 15.600  1.00 91.04  ? 15  DG  D P     1 
ATOM   816 O  OP1   . DG  D 4 15 ? 3.175   -15.555 16.784  1.00 97.19  ? 15  DG  D OP1   1 
ATOM   817 O  OP2   . DG  D 4 15 ? 5.151   -16.790 15.715  1.00 74.35  ? 15  DG  D OP2   1 
ATOM   818 O  "O5'" . DG  D 4 15 ? 2.789   -17.284 15.026  1.00 84.72  ? 15  DG  D "O5'" 1 
ATOM   819 C  "C5'" . DG  D 4 15 ? 1.478   -16.906 14.615  1.00 77.06  ? 15  DG  D "C5'" 1 
ATOM   820 C  "C4'" . DG  D 4 15 ? 1.117   -17.595 13.314  1.00 80.95  ? 15  DG  D "C4'" 1 
ATOM   821 O  "O4'" . DG  D 4 15 ? 1.602   -16.804 12.214  1.00 84.48  ? 15  DG  D "O4'" 1 
ATOM   822 C  "C3'" . DG  D 4 15 ? 1.755   -18.961 13.136  1.00 81.05  ? 15  DG  D "C3'" 1 
ATOM   823 O  "O3'" . DG  D 4 15 ? 0.910   -20.020 13.679  1.00 85.57  ? 15  DG  D "O3'" 1 
ATOM   824 C  "C2'" . DG  D 4 15 ? 1.954   -19.087 11.623  1.00 78.13  ? 15  DG  D "C2'" 1 
ATOM   825 C  "C1'" . DG  D 4 15 ? 1.931   -17.639 11.122  1.00 82.90  ? 15  DG  D "C1'" 1 
ATOM   826 N  N9    . DG  D 4 15 ? 3.207   -17.192 10.577  1.00 81.74  ? 15  DG  D N9    1 
ATOM   827 C  C8    . DG  D 4 15 ? 4.453   -17.410 11.111  1.00 82.74  ? 15  DG  D C8    1 
ATOM   828 N  N7    . DG  D 4 15 ? 5.417   -16.886 10.409  1.00 73.73  ? 15  DG  D N7    1 
ATOM   829 C  C5    . DG  D 4 15 ? 4.769   -16.279 9.342   1.00 74.47  ? 15  DG  D C5    1 
ATOM   830 C  C6    . DG  D 4 15 ? 5.299   -15.551 8.253   1.00 79.92  ? 15  DG  D C6    1 
ATOM   831 O  O6    . DG  D 4 15 ? 6.485   -15.289 8.009   1.00 89.83  ? 15  DG  D O6    1 
ATOM   832 N  N1    . DG  D 4 15 ? 4.296   -15.108 7.394   1.00 79.73  ? 15  DG  D N1    1 
ATOM   833 C  C2    . DG  D 4 15 ? 2.952   -15.341 7.568   1.00 79.81  ? 15  DG  D C2    1 
ATOM   834 N  N2    . DG  D 4 15 ? 2.137   -14.835 6.630   1.00 73.79  ? 15  DG  D N2    1 
ATOM   835 N  N3    . DG  D 4 15 ? 2.442   -16.022 8.585   1.00 74.77  ? 15  DG  D N3    1 
ATOM   836 C  C4    . DG  D 4 15 ? 3.407   -16.459 9.431   1.00 76.57  ? 15  DG  D C4    1 
ATOM   837 P  P     . DC  D 4 16 ? -0.690  -20.075 13.454  1.00 89.49  ? 16  DC  D P     1 
ATOM   838 O  OP1   . DC  D 4 16 ? -1.365  -18.974 14.181  1.00 83.84  ? 16  DC  D OP1   1 
ATOM   839 O  OP2   . DC  D 4 16 ? -1.077  -21.464 13.780  1.00 82.31  ? 16  DC  D OP2   1 
ATOM   840 O  "O5'" . DC  D 4 16 ? -0.899  -19.927 11.870  1.00 98.40  ? 16  DC  D "O5'" 1 
ATOM   841 C  "C5'" . DC  D 4 16 ? -0.803  -21.083 11.026  1.00 99.80  ? 16  DC  D "C5'" 1 
ATOM   842 C  "C4'" . DC  D 4 16 ? -0.968  -20.719 9.558   1.00 101.59 ? 16  DC  D "C4'" 1 
ATOM   843 O  "O4'" . DC  D 4 16 ? 0.120   -19.854 9.135   1.00 96.51  ? 16  DC  D "O4'" 1 
ATOM   844 C  "C3'" . DC  D 4 16 ? -0.966  -21.914 8.596   1.00 96.92  ? 16  DC  D "C3'" 1 
ATOM   845 O  "O3'" . DC  D 4 16 ? -2.131  -21.887 7.777   1.00 93.59  ? 16  DC  D "O3'" 1 
ATOM   846 C  "C2'" . DC  D 4 16 ? 0.315   -21.736 7.772   1.00 90.06  ? 16  DC  D "C2'" 1 
ATOM   847 C  "C1'" . DC  D 4 16 ? 0.541   -20.235 7.846   1.00 86.56  ? 16  DC  D "C1'" 1 
ATOM   848 N  N1    . DC  D 4 16 ? 1.975   -19.839 7.673   1.00 81.36  ? 16  DC  D N1    1 
ATOM   849 C  C2    . DC  D 4 16 ? 2.337   -18.976 6.632   1.00 81.14  ? 16  DC  D C2    1 
ATOM   850 O  O2    . DC  D 4 16 ? 1.464   -18.551 5.868   1.00 84.93  ? 16  DC  D O2    1 
ATOM   851 N  N3    . DC  D 4 16 ? 3.641   -18.629 6.492   1.00 77.32  ? 16  DC  D N3    1 
ATOM   852 C  C4    . DC  D 4 16 ? 4.555   -19.109 7.337   1.00 75.51  ? 16  DC  D C4    1 
ATOM   853 N  N4    . DC  D 4 16 ? 5.828   -18.739 7.160   1.00 76.36  ? 16  DC  D N4    1 
ATOM   854 C  C5    . DC  D 4 16 ? 4.204   -19.989 8.402   1.00 75.79  ? 16  DC  D C5    1 
ATOM   855 C  C6    . DC  D 4 16 ? 2.917   -20.326 8.529   1.00 81.44  ? 16  DC  D C6    1 
HETATM 856 AS AS    . CAC E 5 .  ? 2.574   0.488   4.354   1.00 153.07 ? 101 CAC D AS    1 
# 
loop_
_pdbx_poly_seq_scheme.asym_id 
_pdbx_poly_seq_scheme.entity_id 
_pdbx_poly_seq_scheme.seq_id 
_pdbx_poly_seq_scheme.mon_id 
_pdbx_poly_seq_scheme.ndb_seq_num 
_pdbx_poly_seq_scheme.pdb_seq_num 
_pdbx_poly_seq_scheme.auth_seq_num 
_pdbx_poly_seq_scheme.pdb_mon_id 
_pdbx_poly_seq_scheme.auth_mon_id 
_pdbx_poly_seq_scheme.pdb_strand_id 
_pdbx_poly_seq_scheme.pdb_ins_code 
_pdbx_poly_seq_scheme.hetero 
A 1 1  DG 1  1  1  DG DG A . n 
A 1 2  DA 2  2  2  DA DA A . n 
A 1 3  DG 3  3  3  DG DG A . n 
A 1 4  DC 4  4  4  DC DC A . n 
A 1 5  DA 5  5  5  DA DA A . n 
A 1 6  DG 6  6  6  DG DG A . n 
A 1 7  DA 7  7  7  DA DA A . n 
A 1 8  DC 8  8  8  DC DC A . n 
A 1 9  DC 9  9  9  DC DC A . n 
A 1 10 DT 10 10 10 DT DT A . n 
A 1 11 DG 11 11 11 DG DG A . n 
B 2 1  DA 1  12 12 DA DA B . n 
B 2 2  DC 2  13 13 DC DC B . n 
B 2 3  DG 3  14 14 DG DG B . n 
B 2 4  DA 4  15 15 DA DA B . n 
B 2 5  DC 5  16 16 DC DC B . n 
B 2 6  DA 6  17 17 DA DA B . n 
B 2 7  DC 7  18 18 DC DC B . n 
B 2 8  DT 8  19 19 DT DT B . n 
B 2 9  DC 9  20 20 DC DC B . n 
B 2 10 DA 10 21 21 DA DA B . n 
C 3 1  DC 1  1  1  DC DC C . n 
C 3 2  DA 2  2  2  DA DA C . n 
C 3 3  DC 3  3  3  DC DC C . n 
C 3 4  DG 4  4  4  DG DG C . n 
C 3 5  DT 5  5  5  DT DT C . n 
D 4 1  DT 1  1  1  DT DT D . n 
D 4 2  DC 2  2  2  DC DC D . n 
D 4 3  DT 3  3  3  DT DT D . n 
D 4 4  DG 4  4  4  DG DG D . n 
D 4 5  DA 5  5  5  DA DA D . n 
D 4 6  DG 6  6  6  DG DG D . n 
D 4 7  DT 7  7  7  DT DT D . n 
D 4 8  DG 8  8  8  DG DG D . n 
D 4 9  DT 9  9  9  DT DT D . n 
D 4 10 DG 10 10 10 DG DG D . n 
D 4 11 DG 11 11 11 DG DG D . n 
D 4 12 DT 12 12 12 DT DT D . n 
D 4 13 DC 13 13 13 DC DC D . n 
D 4 14 DT 14 14 14 DT DT D . n 
D 4 15 DG 15 15 15 DG DG D . n 
D 4 16 DC 16 16 16 DC DC D . n 
# 
_pdbx_nonpoly_scheme.asym_id         E 
_pdbx_nonpoly_scheme.entity_id       5 
_pdbx_nonpoly_scheme.mon_id          CAC 
_pdbx_nonpoly_scheme.ndb_seq_num     1 
_pdbx_nonpoly_scheme.pdb_seq_num     101 
_pdbx_nonpoly_scheme.auth_seq_num    1 
_pdbx_nonpoly_scheme.pdb_mon_id      CAC 
_pdbx_nonpoly_scheme.auth_mon_id     AS 
_pdbx_nonpoly_scheme.pdb_strand_id   D 
_pdbx_nonpoly_scheme.pdb_ins_code    . 
# 
_pdbx_struct_assembly.id                   1 
_pdbx_struct_assembly.details              author_defined_assembly 
_pdbx_struct_assembly.method_details       ? 
_pdbx_struct_assembly.oligomeric_details   tetrameric 
_pdbx_struct_assembly.oligomeric_count     4 
# 
_pdbx_struct_assembly_gen.assembly_id       1 
_pdbx_struct_assembly_gen.oper_expression   1 
_pdbx_struct_assembly_gen.asym_id_list      A,B,C,D,E 
# 
_pdbx_struct_oper_list.id                   1 
_pdbx_struct_oper_list.type                 'identity operation' 
_pdbx_struct_oper_list.name                 1_555 
_pdbx_struct_oper_list.symmetry_operation   x,y,z 
_pdbx_struct_oper_list.matrix[1][1]         1.0000000000 
_pdbx_struct_oper_list.matrix[1][2]         0.0000000000 
_pdbx_struct_oper_list.matrix[1][3]         0.0000000000 
_pdbx_struct_oper_list.vector[1]            0.0000000000 
_pdbx_struct_oper_list.matrix[2][1]         0.0000000000 
_pdbx_struct_oper_list.matrix[2][2]         1.0000000000 
_pdbx_struct_oper_list.matrix[2][3]         0.0000000000 
_pdbx_struct_oper_list.vector[2]            0.0000000000 
_pdbx_struct_oper_list.matrix[3][1]         0.0000000000 
_pdbx_struct_oper_list.matrix[3][2]         0.0000000000 
_pdbx_struct_oper_list.matrix[3][3]         1.0000000000 
_pdbx_struct_oper_list.vector[3]            0.0000000000 
# 
loop_
_pdbx_audit_revision_history.ordinal 
_pdbx_audit_revision_history.data_content_type 
_pdbx_audit_revision_history.major_revision 
_pdbx_audit_revision_history.minor_revision 
_pdbx_audit_revision_history.revision_date 
1 'Structure model' 1 0 2021-07-14 
2 'Structure model' 1 1 2022-07-06 
3 'Structure model' 1 2 2023-10-18 
# 
_pdbx_audit_revision_details.ordinal             1 
_pdbx_audit_revision_details.revision_ordinal    1 
_pdbx_audit_revision_details.data_content_type   'Structure model' 
_pdbx_audit_revision_details.provider            repository 
_pdbx_audit_revision_details.type                'Initial release' 
_pdbx_audit_revision_details.description         ? 
_pdbx_audit_revision_details.details             ? 
# 
loop_
_pdbx_audit_revision_group.ordinal 
_pdbx_audit_revision_group.revision_ordinal 
_pdbx_audit_revision_group.data_content_type 
_pdbx_audit_revision_group.group 
1 2 'Structure model' 'Database references'    
2 3 'Structure model' 'Data collection'        
3 3 'Structure model' 'Refinement description' 
# 
loop_
_pdbx_audit_revision_category.ordinal 
_pdbx_audit_revision_category.revision_ordinal 
_pdbx_audit_revision_category.data_content_type 
_pdbx_audit_revision_category.category 
1 2 'Structure model' citation                      
2 2 'Structure model' citation_author               
3 2 'Structure model' database_2                    
4 3 'Structure model' chem_comp_atom                
5 3 'Structure model' chem_comp_bond                
6 3 'Structure model' pdbx_initial_refinement_model 
# 
loop_
_pdbx_audit_revision_item.ordinal 
_pdbx_audit_revision_item.revision_ordinal 
_pdbx_audit_revision_item.data_content_type 
_pdbx_audit_revision_item.item 
1  2 'Structure model' '_citation.country'                   
2  2 'Structure model' '_citation.journal_abbrev'            
3  2 'Structure model' '_citation.journal_id_CSD'            
4  2 'Structure model' '_citation.journal_id_ISSN'           
5  2 'Structure model' '_citation.journal_volume'            
6  2 'Structure model' '_citation.page_first'                
7  2 'Structure model' '_citation.page_last'                 
8  2 'Structure model' '_citation.pdbx_database_id_DOI'      
9  2 'Structure model' '_citation.pdbx_database_id_PubMed'   
10 2 'Structure model' '_citation.title'                     
11 2 'Structure model' '_citation.year'                      
12 2 'Structure model' '_database_2.pdbx_DOI'                
13 2 'Structure model' '_database_2.pdbx_database_accession' 
# 
loop_
_software.citation_id 
_software.classification 
_software.compiler_name 
_software.compiler_version 
_software.contact_author 
_software.contact_author_email 
_software.date 
_software.description 
_software.dependencies 
_software.hardware 
_software.language 
_software.location 
_software.mods 
_software.name 
_software.os 
_software.os_version 
_software.type 
_software.version 
_software.pdbx_ordinal 
? 'data reduction'  ? ? ? ? ? ? ? ? ? ? ? HKL-2000    ? ? ? .           1 
? 'data scaling'    ? ? ? ? ? ? ? ? ? ? ? HKL-2000    ? ? ? .           2 
? refinement        ? ? ? ? ? ? ? ? ? ? ? PHENIX      ? ? ? 1.11.1_2575 3 
? 'data extraction' ? ? ? ? ? ? ? ? ? ? ? PDB_EXTRACT ? ? ? 3.25        4 
? phasing           ? ? ? ? ? ? ? ? ? ? ? PHASER      ? ? ? .           5 
# 
_pdbx_entry_details.entry_id                 6X8C 
_pdbx_entry_details.has_ligand_of_interest   N 
_pdbx_entry_details.compound_details         ? 
_pdbx_entry_details.source_details           ? 
_pdbx_entry_details.nonpolymer_details       ? 
_pdbx_entry_details.sequence_details         ? 
# 
loop_
_pdbx_unobs_or_zero_occ_atoms.id 
_pdbx_unobs_or_zero_occ_atoms.PDB_model_num 
_pdbx_unobs_or_zero_occ_atoms.polymer_flag 
_pdbx_unobs_or_zero_occ_atoms.occupancy_flag 
_pdbx_unobs_or_zero_occ_atoms.auth_asym_id 
_pdbx_unobs_or_zero_occ_atoms.auth_comp_id 
_pdbx_unobs_or_zero_occ_atoms.auth_seq_id 
_pdbx_unobs_or_zero_occ_atoms.PDB_ins_code 
_pdbx_unobs_or_zero_occ_atoms.auth_atom_id 
_pdbx_unobs_or_zero_occ_atoms.label_alt_id 
_pdbx_unobs_or_zero_occ_atoms.label_asym_id 
_pdbx_unobs_or_zero_occ_atoms.label_comp_id 
_pdbx_unobs_or_zero_occ_atoms.label_seq_id 
_pdbx_unobs_or_zero_occ_atoms.label_atom_id 
1 1 N 1 D CAC 101 ? O1 ? E CAC 1 O1 
2 1 N 1 D CAC 101 ? O2 ? E CAC 1 O2 
3 1 N 1 D CAC 101 ? C1 ? E CAC 1 C1 
4 1 N 1 D CAC 101 ? C2 ? E CAC 1 C2 
# 
loop_
_chem_comp_atom.comp_id 
_chem_comp_atom.atom_id 
_chem_comp_atom.type_symbol 
_chem_comp_atom.pdbx_aromatic_flag 
_chem_comp_atom.pdbx_stereo_config 
_chem_comp_atom.pdbx_ordinal 
CAC AS     AS N N 1   
CAC O1     O  N N 2   
CAC O2     O  N N 3   
CAC C1     C  N N 4   
CAC C2     C  N N 5   
CAC H11    H  N N 6   
CAC H12    H  N N 7   
CAC H13    H  N N 8   
CAC H21    H  N N 9   
CAC H22    H  N N 10  
CAC H23    H  N N 11  
DA  OP3    O  N N 12  
DA  P      P  N N 13  
DA  OP1    O  N N 14  
DA  OP2    O  N N 15  
DA  "O5'"  O  N N 16  
DA  "C5'"  C  N N 17  
DA  "C4'"  C  N R 18  
DA  "O4'"  O  N N 19  
DA  "C3'"  C  N S 20  
DA  "O3'"  O  N N 21  
DA  "C2'"  C  N N 22  
DA  "C1'"  C  N R 23  
DA  N9     N  Y N 24  
DA  C8     C  Y N 25  
DA  N7     N  Y N 26  
DA  C5     C  Y N 27  
DA  C6     C  Y N 28  
DA  N6     N  N N 29  
DA  N1     N  Y N 30  
DA  C2     C  Y N 31  
DA  N3     N  Y N 32  
DA  C4     C  Y N 33  
DA  HOP3   H  N N 34  
DA  HOP2   H  N N 35  
DA  "H5'"  H  N N 36  
DA  "H5''" H  N N 37  
DA  "H4'"  H  N N 38  
DA  "H3'"  H  N N 39  
DA  "HO3'" H  N N 40  
DA  "H2'"  H  N N 41  
DA  "H2''" H  N N 42  
DA  "H1'"  H  N N 43  
DA  H8     H  N N 44  
DA  H61    H  N N 45  
DA  H62    H  N N 46  
DA  H2     H  N N 47  
DC  OP3    O  N N 48  
DC  P      P  N N 49  
DC  OP1    O  N N 50  
DC  OP2    O  N N 51  
DC  "O5'"  O  N N 52  
DC  "C5'"  C  N N 53  
DC  "C4'"  C  N R 54  
DC  "O4'"  O  N N 55  
DC  "C3'"  C  N S 56  
DC  "O3'"  O  N N 57  
DC  "C2'"  C  N N 58  
DC  "C1'"  C  N R 59  
DC  N1     N  N N 60  
DC  C2     C  N N 61  
DC  O2     O  N N 62  
DC  N3     N  N N 63  
DC  C4     C  N N 64  
DC  N4     N  N N 65  
DC  C5     C  N N 66  
DC  C6     C  N N 67  
DC  HOP3   H  N N 68  
DC  HOP2   H  N N 69  
DC  "H5'"  H  N N 70  
DC  "H5''" H  N N 71  
DC  "H4'"  H  N N 72  
DC  "H3'"  H  N N 73  
DC  "HO3'" H  N N 74  
DC  "H2'"  H  N N 75  
DC  "H2''" H  N N 76  
DC  "H1'"  H  N N 77  
DC  H41    H  N N 78  
DC  H42    H  N N 79  
DC  H5     H  N N 80  
DC  H6     H  N N 81  
DG  OP3    O  N N 82  
DG  P      P  N N 83  
DG  OP1    O  N N 84  
DG  OP2    O  N N 85  
DG  "O5'"  O  N N 86  
DG  "C5'"  C  N N 87  
DG  "C4'"  C  N R 88  
DG  "O4'"  O  N N 89  
DG  "C3'"  C  N S 90  
DG  "O3'"  O  N N 91  
DG  "C2'"  C  N N 92  
DG  "C1'"  C  N R 93  
DG  N9     N  Y N 94  
DG  C8     C  Y N 95  
DG  N7     N  Y N 96  
DG  C5     C  Y N 97  
DG  C6     C  N N 98  
DG  O6     O  N N 99  
DG  N1     N  N N 100 
DG  C2     C  N N 101 
DG  N2     N  N N 102 
DG  N3     N  N N 103 
DG  C4     C  Y N 104 
DG  HOP3   H  N N 105 
DG  HOP2   H  N N 106 
DG  "H5'"  H  N N 107 
DG  "H5''" H  N N 108 
DG  "H4'"  H  N N 109 
DG  "H3'"  H  N N 110 
DG  "HO3'" H  N N 111 
DG  "H2'"  H  N N 112 
DG  "H2''" H  N N 113 
DG  "H1'"  H  N N 114 
DG  H8     H  N N 115 
DG  H1     H  N N 116 
DG  H21    H  N N 117 
DG  H22    H  N N 118 
DT  OP3    O  N N 119 
DT  P      P  N N 120 
DT  OP1    O  N N 121 
DT  OP2    O  N N 122 
DT  "O5'"  O  N N 123 
DT  "C5'"  C  N N 124 
DT  "C4'"  C  N R 125 
DT  "O4'"  O  N N 126 
DT  "C3'"  C  N S 127 
DT  "O3'"  O  N N 128 
DT  "C2'"  C  N N 129 
DT  "C1'"  C  N R 130 
DT  N1     N  N N 131 
DT  C2     C  N N 132 
DT  O2     O  N N 133 
DT  N3     N  N N 134 
DT  C4     C  N N 135 
DT  O4     O  N N 136 
DT  C5     C  N N 137 
DT  C7     C  N N 138 
DT  C6     C  N N 139 
DT  HOP3   H  N N 140 
DT  HOP2   H  N N 141 
DT  "H5'"  H  N N 142 
DT  "H5''" H  N N 143 
DT  "H4'"  H  N N 144 
DT  "H3'"  H  N N 145 
DT  "HO3'" H  N N 146 
DT  "H2'"  H  N N 147 
DT  "H2''" H  N N 148 
DT  "H1'"  H  N N 149 
DT  H3     H  N N 150 
DT  H71    H  N N 151 
DT  H72    H  N N 152 
DT  H73    H  N N 153 
DT  H6     H  N N 154 
# 
loop_
_chem_comp_bond.comp_id 
_chem_comp_bond.atom_id_1 
_chem_comp_bond.atom_id_2 
_chem_comp_bond.value_order 
_chem_comp_bond.pdbx_aromatic_flag 
_chem_comp_bond.pdbx_stereo_config 
_chem_comp_bond.pdbx_ordinal 
CAC AS    O1     doub N N 1   
CAC AS    O2     sing N N 2   
CAC AS    C1     sing N N 3   
CAC AS    C2     sing N N 4   
CAC C1    H11    sing N N 5   
CAC C1    H12    sing N N 6   
CAC C1    H13    sing N N 7   
CAC C2    H21    sing N N 8   
CAC C2    H22    sing N N 9   
CAC C2    H23    sing N N 10  
DA  OP3   P      sing N N 11  
DA  OP3   HOP3   sing N N 12  
DA  P     OP1    doub N N 13  
DA  P     OP2    sing N N 14  
DA  P     "O5'"  sing N N 15  
DA  OP2   HOP2   sing N N 16  
DA  "O5'" "C5'"  sing N N 17  
DA  "C5'" "C4'"  sing N N 18  
DA  "C5'" "H5'"  sing N N 19  
DA  "C5'" "H5''" sing N N 20  
DA  "C4'" "O4'"  sing N N 21  
DA  "C4'" "C3'"  sing N N 22  
DA  "C4'" "H4'"  sing N N 23  
DA  "O4'" "C1'"  sing N N 24  
DA  "C3'" "O3'"  sing N N 25  
DA  "C3'" "C2'"  sing N N 26  
DA  "C3'" "H3'"  sing N N 27  
DA  "O3'" "HO3'" sing N N 28  
DA  "C2'" "C1'"  sing N N 29  
DA  "C2'" "H2'"  sing N N 30  
DA  "C2'" "H2''" sing N N 31  
DA  "C1'" N9     sing N N 32  
DA  "C1'" "H1'"  sing N N 33  
DA  N9    C8     sing Y N 34  
DA  N9    C4     sing Y N 35  
DA  C8    N7     doub Y N 36  
DA  C8    H8     sing N N 37  
DA  N7    C5     sing Y N 38  
DA  C5    C6     sing Y N 39  
DA  C5    C4     doub Y N 40  
DA  C6    N6     sing N N 41  
DA  C6    N1     doub Y N 42  
DA  N6    H61    sing N N 43  
DA  N6    H62    sing N N 44  
DA  N1    C2     sing Y N 45  
DA  C2    N3     doub Y N 46  
DA  C2    H2     sing N N 47  
DA  N3    C4     sing Y N 48  
DC  OP3   P      sing N N 49  
DC  OP3   HOP3   sing N N 50  
DC  P     OP1    doub N N 51  
DC  P     OP2    sing N N 52  
DC  P     "O5'"  sing N N 53  
DC  OP2   HOP2   sing N N 54  
DC  "O5'" "C5'"  sing N N 55  
DC  "C5'" "C4'"  sing N N 56  
DC  "C5'" "H5'"  sing N N 57  
DC  "C5'" "H5''" sing N N 58  
DC  "C4'" "O4'"  sing N N 59  
DC  "C4'" "C3'"  sing N N 60  
DC  "C4'" "H4'"  sing N N 61  
DC  "O4'" "C1'"  sing N N 62  
DC  "C3'" "O3'"  sing N N 63  
DC  "C3'" "C2'"  sing N N 64  
DC  "C3'" "H3'"  sing N N 65  
DC  "O3'" "HO3'" sing N N 66  
DC  "C2'" "C1'"  sing N N 67  
DC  "C2'" "H2'"  sing N N 68  
DC  "C2'" "H2''" sing N N 69  
DC  "C1'" N1     sing N N 70  
DC  "C1'" "H1'"  sing N N 71  
DC  N1    C2     sing N N 72  
DC  N1    C6     sing N N 73  
DC  C2    O2     doub N N 74  
DC  C2    N3     sing N N 75  
DC  N3    C4     doub N N 76  
DC  C4    N4     sing N N 77  
DC  C4    C5     sing N N 78  
DC  N4    H41    sing N N 79  
DC  N4    H42    sing N N 80  
DC  C5    C6     doub N N 81  
DC  C5    H5     sing N N 82  
DC  C6    H6     sing N N 83  
DG  OP3   P      sing N N 84  
DG  OP3   HOP3   sing N N 85  
DG  P     OP1    doub N N 86  
DG  P     OP2    sing N N 87  
DG  P     "O5'"  sing N N 88  
DG  OP2   HOP2   sing N N 89  
DG  "O5'" "C5'"  sing N N 90  
DG  "C5'" "C4'"  sing N N 91  
DG  "C5'" "H5'"  sing N N 92  
DG  "C5'" "H5''" sing N N 93  
DG  "C4'" "O4'"  sing N N 94  
DG  "C4'" "C3'"  sing N N 95  
DG  "C4'" "H4'"  sing N N 96  
DG  "O4'" "C1'"  sing N N 97  
DG  "C3'" "O3'"  sing N N 98  
DG  "C3'" "C2'"  sing N N 99  
DG  "C3'" "H3'"  sing N N 100 
DG  "O3'" "HO3'" sing N N 101 
DG  "C2'" "C1'"  sing N N 102 
DG  "C2'" "H2'"  sing N N 103 
DG  "C2'" "H2''" sing N N 104 
DG  "C1'" N9     sing N N 105 
DG  "C1'" "H1'"  sing N N 106 
DG  N9    C8     sing Y N 107 
DG  N9    C4     sing Y N 108 
DG  C8    N7     doub Y N 109 
DG  C8    H8     sing N N 110 
DG  N7    C5     sing Y N 111 
DG  C5    C6     sing N N 112 
DG  C5    C4     doub Y N 113 
DG  C6    O6     doub N N 114 
DG  C6    N1     sing N N 115 
DG  N1    C2     sing N N 116 
DG  N1    H1     sing N N 117 
DG  C2    N2     sing N N 118 
DG  C2    N3     doub N N 119 
DG  N2    H21    sing N N 120 
DG  N2    H22    sing N N 121 
DG  N3    C4     sing N N 122 
DT  OP3   P      sing N N 123 
DT  OP3   HOP3   sing N N 124 
DT  P     OP1    doub N N 125 
DT  P     OP2    sing N N 126 
DT  P     "O5'"  sing N N 127 
DT  OP2   HOP2   sing N N 128 
DT  "O5'" "C5'"  sing N N 129 
DT  "C5'" "C4'"  sing N N 130 
DT  "C5'" "H5'"  sing N N 131 
DT  "C5'" "H5''" sing N N 132 
DT  "C4'" "O4'"  sing N N 133 
DT  "C4'" "C3'"  sing N N 134 
DT  "C4'" "H4'"  sing N N 135 
DT  "O4'" "C1'"  sing N N 136 
DT  "C3'" "O3'"  sing N N 137 
DT  "C3'" "C2'"  sing N N 138 
DT  "C3'" "H3'"  sing N N 139 
DT  "O3'" "HO3'" sing N N 140 
DT  "C2'" "C1'"  sing N N 141 
DT  "C2'" "H2'"  sing N N 142 
DT  "C2'" "H2''" sing N N 143 
DT  "C1'" N1     sing N N 144 
DT  "C1'" "H1'"  sing N N 145 
DT  N1    C2     sing N N 146 
DT  N1    C6     sing N N 147 
DT  C2    O2     doub N N 148 
DT  C2    N3     sing N N 149 
DT  N3    C4     sing N N 150 
DT  N3    H3     sing N N 151 
DT  C4    O4     doub N N 152 
DT  C4    C5     sing N N 153 
DT  C5    C7     sing N N 154 
DT  C5    C6     doub N N 155 
DT  C7    H71    sing N N 156 
DT  C7    H72    sing N N 157 
DT  C7    H73    sing N N 158 
DT  C6    H6     sing N N 159 
# 
loop_
_ndb_struct_conf_na.entry_id 
_ndb_struct_conf_na.feature 
6X8C 'double helix'        
6X8C 'a-form double helix' 
6X8C 'b-form double helix' 
# 
loop_
_ndb_struct_na_base_pair.model_number 
_ndb_struct_na_base_pair.i_label_asym_id 
_ndb_struct_na_base_pair.i_label_comp_id 
_ndb_struct_na_base_pair.i_label_seq_id 
_ndb_struct_na_base_pair.i_symmetry 
_ndb_struct_na_base_pair.j_label_asym_id 
_ndb_struct_na_base_pair.j_label_comp_id 
_ndb_struct_na_base_pair.j_label_seq_id 
_ndb_struct_na_base_pair.j_symmetry 
_ndb_struct_na_base_pair.shear 
_ndb_struct_na_base_pair.stretch 
_ndb_struct_na_base_pair.stagger 
_ndb_struct_na_base_pair.buckle 
_ndb_struct_na_base_pair.propeller 
_ndb_struct_na_base_pair.opening 
_ndb_struct_na_base_pair.pair_number 
_ndb_struct_na_base_pair.pair_name 
_ndb_struct_na_base_pair.i_auth_asym_id 
_ndb_struct_na_base_pair.i_auth_seq_id 
_ndb_struct_na_base_pair.i_PDB_ins_code 
_ndb_struct_na_base_pair.j_auth_asym_id 
_ndb_struct_na_base_pair.j_auth_seq_id 
_ndb_struct_na_base_pair.j_PDB_ins_code 
_ndb_struct_na_base_pair.hbond_type_28 
_ndb_struct_na_base_pair.hbond_type_12 
1 A DG 3  1_555 D DC 16 1_555 -0.113 -0.160 -0.383 -14.641 -8.206  -5.339  1  A_DG3:DC16_D A 3  ? D 16 ? 19 1 
1 A DC 4  1_555 D DG 15 1_555 -1.605 0.605  -0.303 -11.319 -4.671  8.462   2  A_DC4:DG15_D A 4  ? D 15 ? ?  1 
1 A DA 5  1_555 D DT 14 1_555 -0.557 0.075  -0.222 -1.146  -2.789  8.257   3  A_DA5:DT14_D A 5  ? D 14 ? 20 1 
1 A DG 6  1_555 D DC 13 1_555 0.211  -0.080 -0.007 2.985   -8.251  5.352   4  A_DG6:DC13_D A 6  ? D 13 ? 19 1 
1 A DA 7  1_555 D DT 12 1_555 0.249  -0.281 -0.298 -1.722  -11.096 -8.738  5  A_DA7:DT12_D A 7  ? D 12 ? 20 1 
1 A DC 8  1_555 D DG 11 1_555 0.853  -0.595 0.272  -3.916  -10.313 1.377   6  A_DC8:DG11_D A 8  ? D 11 ? 19 1 
1 A DC 9  1_555 D DG 10 1_555 -0.282 -0.140 0.661  -10.102 -8.346  -1.826  7  A_DC9:DG10_D A 9  ? D 10 ? 19 1 
1 A DT 10 1_555 C DA 2  1_555 -1.144 0.104  0.182  -0.581  -9.341  14.972  8  A_DT10:DA2_C A 10 ? C 2  ? 20 1 
1 A DG 11 1_555 C DC 1  1_555 0.331  0.041  0.193  0.748   -11.185 2.636   9  A_DG11:DC1_C A 11 ? C 1  ? 19 1 
1 B DA 1  1_555 C DT 5  1_555 0.924  -0.272 0.587  17.900  -19.816 -10.906 10 B_DA12:DT5_C B 12 ? C 5  ? 20 1 
1 B DC 2  1_555 C DG 4  1_555 -0.133 -0.418 0.740  6.336   -29.127 -4.028  11 B_DC13:DG4_C B 13 ? C 4  ? 19 1 
1 B DG 3  1_555 C DC 3  1_555 0.056  -0.173 0.591  1.089   -13.347 -8.998  12 B_DG14:DC3_C B 14 ? C 3  ? 19 1 
1 B DA 4  1_555 D DT 9  1_555 0.144  0.222  0.474  -1.812  -5.298  3.270   13 B_DA15:DT9_D B 15 ? D 9  ? 20 1 
1 B DC 5  1_555 D DG 8  1_555 0.485  0.225  0.422  4.214   -4.585  2.288   14 B_DC16:DG8_D B 16 ? D 8  ? 19 1 
1 B DA 6  1_555 D DT 7  1_555 0.350  -0.411 0.109  8.928   -8.634  2.575   15 B_DA17:DT7_D B 17 ? D 7  ? 20 1 
1 B DC 7  1_555 D DG 6  1_555 -0.164 -0.339 -0.199 5.205   -12.649 -4.962  16 B_DC18:DG6_D B 18 ? D 6  ? 19 1 
1 B DT 8  1_555 D DA 5  1_555 -0.149 -0.276 -0.030 2.711   -13.164 3.131   17 B_DT19:DA5_D B 19 ? D 5  ? 20 1 
1 B DC 9  1_555 D DG 4  1_555 0.342  -0.126 -0.233 4.364   -11.758 -5.122  18 B_DC20:DG4_D B 20 ? D 4  ? 19 1 
1 B DA 10 1_555 D DT 3  1_555 0.622  -0.012 0.138  0.712   -13.613 8.464   19 B_DA21:DT3_D B 21 ? D 3  ? 20 1 
# 
loop_
_ndb_struct_na_base_pair_step.model_number 
_ndb_struct_na_base_pair_step.i_label_asym_id_1 
_ndb_struct_na_base_pair_step.i_label_comp_id_1 
_ndb_struct_na_base_pair_step.i_label_seq_id_1 
_ndb_struct_na_base_pair_step.i_symmetry_1 
_ndb_struct_na_base_pair_step.j_label_asym_id_1 
_ndb_struct_na_base_pair_step.j_label_comp_id_1 
_ndb_struct_na_base_pair_step.j_label_seq_id_1 
_ndb_struct_na_base_pair_step.j_symmetry_1 
_ndb_struct_na_base_pair_step.i_label_asym_id_2 
_ndb_struct_na_base_pair_step.i_label_comp_id_2 
_ndb_struct_na_base_pair_step.i_label_seq_id_2 
_ndb_struct_na_base_pair_step.i_symmetry_2 
_ndb_struct_na_base_pair_step.j_label_asym_id_2 
_ndb_struct_na_base_pair_step.j_label_comp_id_2 
_ndb_struct_na_base_pair_step.j_label_seq_id_2 
_ndb_struct_na_base_pair_step.j_symmetry_2 
_ndb_struct_na_base_pair_step.shift 
_ndb_struct_na_base_pair_step.slide 
_ndb_struct_na_base_pair_step.rise 
_ndb_struct_na_base_pair_step.tilt 
_ndb_struct_na_base_pair_step.roll 
_ndb_struct_na_base_pair_step.twist 
_ndb_struct_na_base_pair_step.x_displacement 
_ndb_struct_na_base_pair_step.y_displacement 
_ndb_struct_na_base_pair_step.helical_rise 
_ndb_struct_na_base_pair_step.inclination 
_ndb_struct_na_base_pair_step.tip 
_ndb_struct_na_base_pair_step.helical_twist 
_ndb_struct_na_base_pair_step.step_number 
_ndb_struct_na_base_pair_step.step_name 
_ndb_struct_na_base_pair_step.i_auth_asym_id_1 
_ndb_struct_na_base_pair_step.i_auth_seq_id_1 
_ndb_struct_na_base_pair_step.i_PDB_ins_code_1 
_ndb_struct_na_base_pair_step.j_auth_asym_id_1 
_ndb_struct_na_base_pair_step.j_auth_seq_id_1 
_ndb_struct_na_base_pair_step.j_PDB_ins_code_1 
_ndb_struct_na_base_pair_step.i_auth_asym_id_2 
_ndb_struct_na_base_pair_step.i_auth_seq_id_2 
_ndb_struct_na_base_pair_step.i_PDB_ins_code_2 
_ndb_struct_na_base_pair_step.j_auth_asym_id_2 
_ndb_struct_na_base_pair_step.j_auth_seq_id_2 
_ndb_struct_na_base_pair_step.j_PDB_ins_code_2 
1 A DG 3  1_555 D DC 16 1_555 A DC 4  1_555 D DG 15 1_555 -0.076 -0.212 3.113 -3.374 1.423  23.642 -0.951 -0.860 3.076 3.447  
8.171  23.920 1  AA_DG3DC4:DG15DC16_DD A 3  ? D 16 ? A 4  ? D 15 ? 
1 A DC 4  1_555 D DG 15 1_555 A DA 5  1_555 D DT 14 1_555 -0.147 1.362  3.140 -1.115 6.789  40.739 1.206  0.089  3.318 9.669  
1.588  41.291 2  AA_DC4DA5:DT14DG15_DD A 4  ? D 15 ? A 5  ? D 14 ? 
1 A DA 5  1_555 D DT 14 1_555 A DG 6  1_555 D DC 13 1_555 0.055  0.196  3.192 -1.036 1.728  33.259 0.060  -0.265 3.195 3.015  
1.809  33.318 3  AA_DA5DG6:DC13DT14_DD A 5  ? D 14 ? A 6  ? D 13 ? 
1 A DG 6  1_555 D DC 13 1_555 A DA 7  1_555 D DT 12 1_555 -0.242 -0.809 3.349 0.736  0.816  36.877 -1.390 0.484  3.326 1.289  
-1.163 36.893 4  AA_DG6DA7:DT12DC13_DD A 6  ? D 13 ? A 7  ? D 12 ? 
1 A DA 7  1_555 D DT 12 1_555 A DC 8  1_555 D DG 11 1_555 1.030  -0.933 3.383 -5.554 -0.562 35.771 -1.422 -2.449 3.206 -0.907 
8.974  36.190 5  AA_DA7DC8:DG11DT12_DD A 7  ? D 12 ? A 8  ? D 11 ? 
1 A DC 8  1_555 D DG 11 1_555 A DC 9  1_555 D DG 10 1_555 -0.516 -1.760 3.309 -3.575 -0.767 27.168 -3.519 0.180  3.395 -1.624 
7.566  27.408 6  AA_DC8DC9:DG10DG11_DD A 8  ? D 11 ? A 9  ? D 10 ? 
1 A DC 9  1_555 D DG 10 1_555 A DT 10 1_555 C DA 2  1_555 -0.133 -1.510 2.842 3.191  1.153  24.531 -3.822 1.137  2.729 2.697  
-7.465 24.761 7  AA_DC9DT10:DA2DG10_CD A 9  ? D 10 ? A 10 ? C 2  ? 
1 A DT 10 1_555 C DA 2  1_555 A DG 11 1_555 C DC 1  1_555 -0.750 1.625  3.505 -1.230 2.622  38.611 2.101  0.967  3.625 3.959  
1.857  38.715 8  AA_DT10DG11:DC1DA2_CC A 10 ? C 2  ? A 11 ? C 1  ? 
1 B DA 1  1_555 C DT 5  1_555 B DC 2  1_555 C DG 4  1_555 0.844  -1.215 3.489 0.032  -0.839 27.491 -2.335 -1.766 3.525 -1.766 
-0.066 27.503 9  BB_DA12DC13:DG4DT5_CC B 12 ? C 5  ? B 13 ? C 4  ? 
1 B DC 2  1_555 C DG 4  1_555 B DG 3  1_555 C DC 3  1_555 -0.119 -0.805 3.398 -1.331 4.583  39.154 -1.748 0.015  3.289 6.808  
1.977  39.433 10 BB_DC13DG14:DC3DG4_CC B 13 ? C 4  ? B 14 ? C 3  ? 
1 B DG 3  1_555 C DC 3  1_555 B DA 4  1_555 D DT 9  1_555 -0.623 -0.678 3.221 -2.267 -3.876 32.949 -0.536 0.709  3.312 -6.795 
3.974  33.245 11 BB_DG14DA15:DT9DC3_DC B 14 ? C 3  ? B 15 ? D 9  ? 
1 B DA 4  1_555 D DT 9  1_555 B DC 5  1_555 D DG 8  1_555 0.128  -0.081 3.209 -1.478 1.988  34.728 -0.432 -0.435 3.192 3.326  
2.473  34.813 12 BB_DA15DC16:DG8DT9_DD B 15 ? D 9  ? B 16 ? D 8  ? 
1 B DC 5  1_555 D DG 8  1_555 B DA 6  1_555 D DT 7  1_555 -0.153 -0.194 3.060 2.619  3.146  38.288 -0.657 0.535  3.018 4.779  
-3.980 38.498 13 BB_DC16DA17:DT7DG8_DD B 16 ? D 8  ? B 17 ? D 7  ? 
1 B DA 6  1_555 D DT 7  1_555 B DC 7  1_555 D DG 6  1_555 0.025  -0.699 3.347 0.568  -0.464 29.573 -1.269 0.074  3.357 -0.909 
-1.112 29.582 14 BB_DA17DC18:DG6DT7_DD B 17 ? D 7  ? B 18 ? D 6  ? 
1 B DC 7  1_555 D DG 6  1_555 B DT 8  1_555 D DA 5  1_555 -0.027 -0.429 3.428 -0.082 0.891  34.231 -0.876 0.033  3.417 1.514  
0.139  34.242 15 BB_DC18DT19:DA5DG6_DD B 18 ? D 6  ? B 19 ? D 5  ? 
1 B DT 8  1_555 D DA 5  1_555 B DC 9  1_555 D DG 4  1_555 -0.391 0.108  3.299 0.526  3.839  39.712 -0.288 0.635  3.289 5.634  
-0.771 39.893 16 BB_DT19DC20:DG4DA5_DD B 19 ? D 5  ? B 20 ? D 4  ? 
1 B DC 9  1_555 D DG 4  1_555 B DA 10 1_555 D DT 3  1_555 0.885  1.037  3.552 0.087  1.300  40.018 1.353  -1.281 3.584 1.899  
-0.127 40.039 17 BB_DC20DA21:DT3DG4_DD B 20 ? D 4  ? B 21 ? D 3  ? 
# 
loop_
_pdbx_audit_support.funding_organization 
_pdbx_audit_support.country 
_pdbx_audit_support.grant_number 
_pdbx_audit_support.ordinal 
'National Science Foundation (NSF, United States)'                                         'United States' 1360635     1 
'National Institutes of Health/National Institute of General Medical Sciences (NIH/NIGMS)' 'United States' R01GM104960 2 
'National Science Foundation (NSF, United States)'                                         'United States' NSF2004250  3 
# 
_pdbx_entity_nonpoly.entity_id   5 
_pdbx_entity_nonpoly.name        'CACODYLATE ION' 
_pdbx_entity_nonpoly.comp_id     CAC 
# 
_pdbx_initial_refinement_model.id               1 
_pdbx_initial_refinement_model.entity_id_list   ? 
_pdbx_initial_refinement_model.type             'experimental model' 
_pdbx_initial_refinement_model.source_name      PDB 
_pdbx_initial_refinement_model.accession_code   5KEK 
_pdbx_initial_refinement_model.details          ? 
# 
_pdbx_struct_assembly_auth_evidence.id                     1 
_pdbx_struct_assembly_auth_evidence.assembly_id            1 
_pdbx_struct_assembly_auth_evidence.experimental_support   none 
_pdbx_struct_assembly_auth_evidence.details                ? 
# 
